data_1YVE
#
_entry.id   1YVE
#
_cell.length_a   111.430
_cell.length_b   61.940
_cell.length_c   162.540
_cell.angle_alpha   90.00
_cell.angle_beta   95.08
_cell.angle_gamma   90.00
#
_symmetry.space_group_name_H-M   'P 1 21 1'
#
loop_
_entity.id
_entity.type
_entity.pdbx_description
1 polymer 'ACETOHYDROXY ACID ISOMEROREDUCTASE'
2 non-polymer 'MAGNESIUM ION'
3 non-polymer 'CHLORIDE ION'
4 non-polymer 'NADPH DIHYDRO-NICOTINAMIDE-ADENINE-DINUCLEOTIDE PHOSPHATE'
5 non-polymer 'N-HYDROXY-N-ISOPROPYLOXAMIC ACID'
6 water water
#
_entity_poly.entity_id   1
_entity_poly.type   'polypeptide(L)'
_entity_poly.pdbx_seq_one_letter_code
;MVSAPSIDTPSATTFDFDSSVFKKEKVTLSGHDEYIVRGGRNLFPLLPDAFKGIKQIGVIGWGSQAPAQAQNLKDSLTEA
KSDVVVKIGLRKGSNSFAEARAAGFSEENGTLGDMWETISGSDLVLLLISDSAQADNYEKVFSHMKPNSILGLSHGFLLG
HLQSLGQDFPKNISVIAVCPKGMGPSVRRLYVQGKEVNGAGINSSFAVHQDVDGRATDVALGWSIALGSPFTFATTLEQE
YKSDIFGERGILLGAVHGIVECLFRRYTESGMSEDLAYKNTVECITGVISKTISTKGMLALYNSLSEEGKKDFQAAYSAS
YYPSMDILYECYEDVASGSEIRSVVLAGRRFYEKEGLPAFPMGKIDQTRMWKVGEKVRSVRPAGDLGPLYPFTAGVYVAL
MMAQIEILRKKGHSYSEIINESVIEAVDSLNPFMHARGVSFMVDNCSTTARLGSRKWAPRFDYILSQQALVAVDNGAPIN
QDLISNFLSDPVHEAIGVCAQLRPSVDISVTADADFVRPELRQA
;
_entity_poly.pdbx_strand_id   I,J,K,L
#
loop_
_chem_comp.id
_chem_comp.type
_chem_comp.name
_chem_comp.formula
CL non-polymer 'CHLORIDE ION' 'Cl -1'
HIO non-polymer 'N-HYDROXY-N-ISOPROPYLOXAMIC ACID' 'C5 H9 N O4'
MG non-polymer 'MAGNESIUM ION' 'Mg 2'
NDP non-polymer 'NADPH DIHYDRO-NICOTINAMIDE-ADENINE-DINUCLEOTIDE PHOSPHATE' 'C21 H30 N7 O17 P3'
#
# COMPACT_ATOMS: atom_id res chain seq x y z
N ALA A 12 -6.94 -15.58 -13.05
CA ALA A 12 -7.48 -14.35 -12.41
C ALA A 12 -9.00 -14.39 -12.24
N THR A 13 -9.76 -14.56 -13.33
CA THR A 13 -11.21 -14.66 -13.16
C THR A 13 -11.63 -16.12 -13.33
N THR A 14 -10.88 -16.85 -14.13
CA THR A 14 -11.16 -18.27 -14.32
C THR A 14 -9.94 -19.03 -13.80
N PHE A 15 -10.16 -20.29 -13.42
CA PHE A 15 -9.12 -21.12 -12.83
C PHE A 15 -9.15 -22.52 -13.42
N ASP A 16 -8.02 -22.99 -13.97
CA ASP A 16 -7.92 -24.32 -14.56
C ASP A 16 -7.34 -25.28 -13.50
N PHE A 17 -7.35 -26.59 -13.76
CA PHE A 17 -6.86 -27.58 -12.80
C PHE A 17 -6.62 -28.90 -13.52
N ASP A 18 -6.04 -29.90 -12.83
CA ASP A 18 -5.81 -31.21 -13.44
C ASP A 18 -6.29 -32.34 -12.54
N SER A 19 -6.90 -33.33 -13.17
CA SER A 19 -7.39 -34.50 -12.45
C SER A 19 -6.85 -35.73 -13.12
N SER A 20 -6.28 -36.62 -12.32
CA SER A 20 -5.77 -37.88 -12.83
C SER A 20 -6.89 -38.94 -12.84
N VAL A 21 -7.94 -38.68 -12.06
CA VAL A 21 -9.07 -39.59 -11.87
C VAL A 21 -10.33 -39.28 -12.69
N PHE A 22 -10.73 -38.01 -12.68
CA PHE A 22 -11.94 -37.57 -13.38
C PHE A 22 -11.69 -36.87 -14.69
N LYS A 23 -12.72 -36.80 -15.52
CA LYS A 23 -12.65 -36.15 -16.83
C LYS A 23 -13.04 -34.68 -16.76
N LYS A 24 -12.09 -33.81 -17.07
CA LYS A 24 -12.33 -32.38 -17.08
C LYS A 24 -12.88 -32.02 -18.45
N GLU A 25 -13.83 -31.09 -18.49
CA GLU A 25 -14.39 -30.64 -19.76
C GLU A 25 -14.55 -29.12 -19.77
N LYS A 26 -14.57 -28.58 -20.97
CA LYS A 26 -14.66 -27.14 -21.18
C LYS A 26 -16.09 -26.65 -21.50
N VAL A 27 -16.43 -25.48 -20.98
CA VAL A 27 -17.70 -24.82 -21.28
C VAL A 27 -17.29 -23.40 -21.64
N THR A 28 -17.93 -22.82 -22.63
CA THR A 28 -17.60 -21.46 -23.02
C THR A 28 -18.76 -20.57 -22.63
N LEU A 29 -18.51 -19.66 -21.71
CA LEU A 29 -19.57 -18.77 -21.24
C LEU A 29 -19.27 -17.34 -21.67
N SER A 30 -20.05 -16.83 -22.63
CA SER A 30 -19.85 -15.47 -23.12
C SER A 30 -18.42 -15.29 -23.63
N GLY A 31 -17.96 -16.28 -24.38
CA GLY A 31 -16.60 -16.24 -24.92
C GLY A 31 -15.52 -16.61 -23.92
N HIS A 32 -15.90 -16.97 -22.70
CA HIS A 32 -14.95 -17.34 -21.63
C HIS A 32 -14.93 -18.84 -21.39
N ASP A 33 -13.83 -19.49 -21.76
CA ASP A 33 -13.67 -20.94 -21.54
C ASP A 33 -13.50 -21.19 -20.04
N GLU A 34 -14.27 -22.12 -19.50
CA GLU A 34 -14.17 -22.47 -18.09
C GLU A 34 -14.17 -24.00 -18.03
N TYR A 35 -13.33 -24.57 -17.15
CA TYR A 35 -13.23 -26.01 -17.01
C TYR A 35 -14.13 -26.52 -15.89
N ILE A 36 -14.79 -27.63 -16.17
CA ILE A 36 -15.78 -28.18 -15.27
C ILE A 36 -15.65 -29.70 -15.16
N VAL A 37 -16.22 -30.29 -14.10
CA VAL A 37 -16.26 -31.75 -13.94
C VAL A 37 -17.74 -32.09 -13.71
N ARG A 38 -18.33 -32.85 -14.62
CA ARG A 38 -19.73 -33.22 -14.49
C ARG A 38 -19.89 -34.37 -13.49
N GLY A 39 -21.00 -34.38 -12.77
CA GLY A 39 -21.25 -35.42 -11.79
C GLY A 39 -21.97 -36.62 -12.35
N GLY A 40 -22.43 -37.51 -11.48
CA GLY A 40 -23.16 -38.70 -11.90
C GLY A 40 -22.88 -39.90 -11.02
N ARG A 41 -23.90 -40.71 -10.74
CA ARG A 41 -23.70 -41.88 -9.90
C ARG A 41 -22.79 -42.90 -10.59
N ASN A 42 -22.72 -42.84 -11.91
CA ASN A 42 -21.85 -43.76 -12.68
C ASN A 42 -20.36 -43.55 -12.37
N LEU A 43 -20.03 -42.42 -11.75
CA LEU A 43 -18.66 -42.09 -11.41
C LEU A 43 -18.22 -42.55 -10.02
N PHE A 44 -19.18 -43.00 -9.21
CA PHE A 44 -18.88 -43.46 -7.85
C PHE A 44 -17.75 -44.52 -7.77
N PRO A 45 -17.64 -45.43 -8.78
CA PRO A 45 -16.56 -46.42 -8.72
C PRO A 45 -15.15 -45.79 -8.71
N LEU A 46 -15.06 -44.51 -9.08
CA LEU A 46 -13.78 -43.78 -9.10
C LEU A 46 -13.36 -43.17 -7.74
N LEU A 47 -14.24 -43.22 -6.73
CA LEU A 47 -13.96 -42.64 -5.42
C LEU A 47 -12.78 -43.24 -4.66
N PRO A 48 -12.61 -44.58 -4.70
CA PRO A 48 -11.45 -45.12 -3.96
C PRO A 48 -10.15 -44.50 -4.49
N ASP A 49 -10.04 -44.33 -5.81
CA ASP A 49 -8.84 -43.70 -6.38
C ASP A 49 -8.70 -42.24 -5.96
N ALA A 50 -9.80 -41.50 -5.99
CA ALA A 50 -9.78 -40.10 -5.57
C ALA A 50 -9.37 -39.93 -4.11
N PHE A 51 -9.77 -40.90 -3.27
CA PHE A 51 -9.49 -40.87 -1.85
C PHE A 51 -8.30 -41.68 -1.35
N LYS A 52 -7.32 -41.91 -2.21
CA LYS A 52 -6.13 -42.66 -1.76
C LYS A 52 -5.48 -41.96 -0.57
N GLY A 53 -5.07 -42.75 0.41
CA GLY A 53 -4.41 -42.21 1.59
C GLY A 53 -5.42 -41.82 2.66
N ILE A 54 -6.71 -42.02 2.38
CA ILE A 54 -7.74 -41.66 3.33
C ILE A 54 -8.47 -42.85 3.90
N LYS A 55 -8.38 -43.05 5.21
CA LYS A 55 -9.09 -44.11 5.87
C LYS A 55 -10.30 -43.62 6.63
N GLN A 56 -10.20 -42.43 7.22
CA GLN A 56 -11.33 -41.86 7.92
C GLN A 56 -11.55 -40.40 7.54
N ILE A 57 -12.79 -40.09 7.21
CA ILE A 57 -13.20 -38.72 6.90
C ILE A 57 -13.99 -38.27 8.14
N GLY A 58 -13.48 -37.24 8.83
CA GLY A 58 -14.15 -36.75 10.02
C GLY A 58 -15.03 -35.55 9.72
N VAL A 59 -16.34 -35.72 9.83
CA VAL A 59 -17.28 -34.64 9.56
C VAL A 59 -17.54 -33.96 10.90
N ILE A 60 -17.10 -32.72 11.04
CA ILE A 60 -17.24 -31.99 12.30
C ILE A 60 -18.48 -31.07 12.25
N GLY A 61 -19.43 -31.29 13.18
CA GLY A 61 -20.65 -30.51 13.22
C GLY A 61 -21.87 -31.29 12.77
N TRP A 62 -23.06 -30.72 12.98
CA TRP A 62 -24.33 -31.34 12.60
C TRP A 62 -25.35 -30.20 12.51
N GLY A 63 -25.13 -29.28 11.57
CA GLY A 63 -26.04 -28.16 11.42
C GLY A 63 -26.95 -28.29 10.23
N SER A 64 -26.56 -27.66 9.13
CA SER A 64 -27.34 -27.71 7.88
C SER A 64 -26.56 -28.50 6.82
N GLN A 65 -25.28 -28.19 6.64
CA GLN A 65 -24.47 -28.90 5.65
C GLN A 65 -23.99 -30.28 6.12
N ALA A 66 -23.51 -30.41 7.35
CA ALA A 66 -23.02 -31.71 7.86
C ALA A 66 -24.00 -32.88 7.72
N PRO A 67 -25.30 -32.74 8.12
CA PRO A 67 -26.29 -33.82 8.00
C PRO A 67 -26.55 -34.33 6.57
N ALA A 68 -26.28 -33.38 5.68
CA ALA A 68 -26.58 -33.63 4.29
C ALA A 68 -25.33 -34.23 3.65
N GLN A 69 -24.19 -33.57 3.87
CA GLN A 69 -22.92 -34.04 3.31
C GLN A 69 -22.52 -35.41 3.82
N ALA A 70 -22.66 -35.63 5.12
CA ALA A 70 -22.30 -36.92 5.72
C ALA A 70 -23.13 -38.08 5.15
N GLN A 71 -24.44 -37.89 4.97
CA GLN A 71 -25.26 -38.98 4.44
C GLN A 71 -24.98 -39.23 2.96
N ASN A 72 -24.77 -38.17 2.17
CA ASN A 72 -24.47 -38.34 0.73
C ASN A 72 -23.12 -39.04 0.57
N LEU A 73 -22.12 -38.61 1.35
CA LEU A 73 -20.78 -39.20 1.32
C LEU A 73 -20.83 -40.67 1.67
N LYS A 74 -21.52 -40.99 2.75
CA LYS A 74 -21.66 -42.37 3.20
C LYS A 74 -22.39 -43.20 2.13
N ASP A 75 -23.47 -42.68 1.59
CA ASP A 75 -24.22 -43.39 0.53
C ASP A 75 -23.35 -43.65 -0.71
N SER A 76 -22.58 -42.65 -1.15
CA SER A 76 -21.73 -42.78 -2.33
C SER A 76 -20.58 -43.76 -2.13
N LEU A 77 -19.97 -43.72 -0.95
CA LEU A 77 -18.88 -44.64 -0.64
C LEU A 77 -19.42 -46.07 -0.54
N THR A 78 -20.64 -46.24 -0.03
CA THR A 78 -21.26 -47.57 0.07
C THR A 78 -21.45 -48.08 -1.34
N GLU A 79 -22.03 -47.24 -2.23
CA GLU A 79 -22.21 -47.61 -3.62
C GLU A 79 -20.87 -47.96 -4.28
N ALA A 80 -19.79 -47.27 -3.90
CA ALA A 80 -18.46 -47.52 -4.45
C ALA A 80 -17.76 -48.74 -3.86
N LYS A 81 -18.36 -49.34 -2.83
CA LYS A 81 -17.82 -50.50 -2.15
C LYS A 81 -16.50 -50.14 -1.42
N SER A 82 -16.42 -48.87 -1.02
CA SER A 82 -15.25 -48.32 -0.34
C SER A 82 -15.21 -48.65 1.15
N ASP A 83 -13.98 -48.79 1.67
CA ASP A 83 -13.77 -49.08 3.09
C ASP A 83 -13.58 -47.81 3.93
N VAL A 84 -13.66 -46.64 3.30
CA VAL A 84 -13.47 -45.36 4.03
C VAL A 84 -14.59 -45.17 5.08
N VAL A 85 -14.20 -44.79 6.29
CA VAL A 85 -15.14 -44.56 7.40
C VAL A 85 -15.51 -43.08 7.50
N VAL A 86 -16.81 -42.80 7.61
CA VAL A 86 -17.30 -41.43 7.76
C VAL A 86 -17.73 -41.33 9.23
N LYS A 87 -16.99 -40.55 10.01
CA LYS A 87 -17.27 -40.40 11.43
C LYS A 87 -17.67 -38.97 11.79
N ILE A 88 -18.75 -38.84 12.57
CA ILE A 88 -19.24 -37.54 13.01
C ILE A 88 -18.58 -37.16 14.35
N GLY A 89 -18.06 -35.93 14.42
CA GLY A 89 -17.45 -35.42 15.65
C GLY A 89 -18.22 -34.20 16.13
N LEU A 90 -18.63 -34.23 17.40
CA LEU A 90 -19.41 -33.12 17.99
C LEU A 90 -18.77 -32.54 19.26
N ARG A 91 -19.10 -31.28 19.55
CA ARG A 91 -18.58 -30.62 20.74
C ARG A 91 -19.22 -31.22 21.99
N LYS A 92 -18.53 -31.05 23.12
CA LYS A 92 -19.00 -31.55 24.41
C LYS A 92 -20.45 -31.25 24.75
N GLY A 93 -20.85 -29.98 24.59
CA GLY A 93 -22.21 -29.60 24.94
C GLY A 93 -23.28 -29.73 23.86
N SER A 94 -22.96 -30.48 22.82
CA SER A 94 -23.91 -30.64 21.72
C SER A 94 -25.16 -31.42 22.08
N ASN A 95 -26.27 -31.03 21.48
CA ASN A 95 -27.53 -31.76 21.65
C ASN A 95 -27.87 -32.44 20.31
N SER A 96 -26.88 -32.60 19.45
CA SER A 96 -27.09 -33.22 18.13
C SER A 96 -26.76 -34.72 18.01
N PHE A 97 -26.31 -35.35 19.11
CA PHE A 97 -25.96 -36.76 19.08
C PHE A 97 -27.15 -37.63 18.63
N ALA A 98 -28.34 -37.40 19.18
CA ALA A 98 -29.53 -38.16 18.80
C ALA A 98 -29.85 -38.06 17.31
N GLU A 99 -29.79 -36.86 16.74
CA GLU A 99 -30.05 -36.70 15.31
C GLU A 99 -28.98 -37.40 14.47
N ALA A 100 -27.73 -37.36 14.92
CA ALA A 100 -26.67 -38.06 14.19
C ALA A 100 -26.99 -39.57 14.14
N ARG A 101 -27.43 -40.15 15.26
CA ARG A 101 -27.78 -41.58 15.31
C ARG A 101 -28.99 -41.92 14.44
N ALA A 102 -29.99 -41.04 14.41
CA ALA A 102 -31.20 -41.24 13.60
C ALA A 102 -30.84 -41.31 12.12
N ALA A 103 -29.76 -40.61 11.76
CA ALA A 103 -29.27 -40.59 10.37
C ALA A 103 -28.35 -41.75 10.05
N GLY A 104 -28.05 -42.59 11.04
CA GLY A 104 -27.19 -43.74 10.85
C GLY A 104 -25.75 -43.70 11.37
N PHE A 105 -25.36 -42.63 12.06
CA PHE A 105 -24.00 -42.52 12.59
C PHE A 105 -24.05 -42.76 14.09
N SER A 106 -23.33 -43.77 14.57
CA SER A 106 -23.36 -44.08 16.00
C SER A 106 -22.09 -44.66 16.58
N GLU A 107 -22.06 -44.72 17.91
CA GLU A 107 -20.91 -45.27 18.63
C GLU A 107 -20.83 -46.77 18.36
N GLU A 108 -21.99 -47.40 18.14
CA GLU A 108 -22.00 -48.83 17.85
C GLU A 108 -21.05 -49.24 16.72
N ASN A 109 -20.89 -48.40 15.71
CA ASN A 109 -19.98 -48.76 14.62
C ASN A 109 -18.82 -47.78 14.46
N GLY A 110 -18.51 -47.09 15.55
CA GLY A 110 -17.40 -46.15 15.58
C GLY A 110 -17.56 -44.97 14.66
N THR A 111 -18.80 -44.59 14.36
CA THR A 111 -19.04 -43.47 13.45
C THR A 111 -19.60 -42.18 14.10
N LEU A 112 -19.50 -42.09 15.44
CA LEU A 112 -19.97 -40.90 16.17
C LEU A 112 -19.16 -40.74 17.45
N GLY A 113 -18.59 -39.54 17.65
CA GLY A 113 -17.81 -39.30 18.86
C GLY A 113 -17.50 -37.85 19.14
N ASP A 114 -16.50 -37.61 19.98
CA ASP A 114 -16.09 -36.27 20.36
C ASP A 114 -15.39 -35.58 19.20
N MET A 115 -15.62 -34.29 19.08
CA MET A 115 -15.06 -33.50 18.00
C MET A 115 -13.53 -33.49 17.94
N TRP A 116 -12.87 -33.31 19.07
CA TRP A 116 -11.41 -33.31 19.08
C TRP A 116 -10.82 -34.70 18.79
N GLU A 117 -11.41 -35.76 19.38
CA GLU A 117 -10.96 -37.14 19.14
C GLU A 117 -11.14 -37.51 17.67
N THR A 118 -12.24 -37.04 17.08
CA THR A 118 -12.54 -37.31 15.67
C THR A 118 -11.51 -36.61 14.78
N ILE A 119 -11.21 -35.35 15.06
CA ILE A 119 -10.22 -34.63 14.27
C ILE A 119 -8.87 -35.38 14.31
N SER A 120 -8.41 -35.74 15.51
CA SER A 120 -7.13 -36.43 15.67
C SER A 120 -6.98 -37.73 14.88
N GLY A 121 -8.07 -38.45 14.68
CA GLY A 121 -7.96 -39.70 13.92
C GLY A 121 -8.35 -39.61 12.46
N SER A 122 -8.59 -38.40 11.95
CA SER A 122 -9.01 -38.23 10.57
C SER A 122 -7.94 -37.86 9.56
N ASP A 123 -8.08 -38.38 8.35
CA ASP A 123 -7.17 -38.09 7.24
C ASP A 123 -7.69 -36.86 6.46
N LEU A 124 -9.01 -36.70 6.45
CA LEU A 124 -9.66 -35.54 5.82
C LEU A 124 -10.66 -35.05 6.87
N VAL A 125 -10.55 -33.78 7.24
CA VAL A 125 -11.42 -33.18 8.23
C VAL A 125 -12.35 -32.16 7.55
N LEU A 126 -13.65 -32.38 7.58
CA LEU A 126 -14.60 -31.46 6.95
C LEU A 126 -15.13 -30.58 8.10
N LEU A 127 -14.66 -29.35 8.15
CA LEU A 127 -15.03 -28.42 9.23
C LEU A 127 -16.37 -27.74 8.93
N LEU A 128 -17.46 -28.41 9.33
CA LEU A 128 -18.80 -27.92 9.06
C LEU A 128 -19.52 -27.41 10.31
N ILE A 129 -18.85 -26.52 11.03
CA ILE A 129 -19.44 -25.88 12.21
C ILE A 129 -19.66 -24.41 11.79
N SER A 130 -20.34 -23.61 12.63
CA SER A 130 -20.60 -22.22 12.25
C SER A 130 -19.30 -21.46 11.92
N ASP A 131 -19.39 -20.46 11.07
CA ASP A 131 -18.22 -19.69 10.68
C ASP A 131 -17.59 -18.92 11.84
N SER A 132 -18.41 -18.36 12.72
CA SER A 132 -17.91 -17.65 13.91
C SER A 132 -17.16 -18.63 14.83
N ALA A 133 -17.71 -19.85 14.98
CA ALA A 133 -17.03 -20.87 15.81
C ALA A 133 -15.66 -21.23 15.21
N GLN A 134 -15.56 -21.33 13.88
CA GLN A 134 -14.26 -21.61 13.25
C GLN A 134 -13.30 -20.47 13.58
N ALA A 135 -13.80 -19.24 13.50
CA ALA A 135 -12.99 -18.06 13.77
C ALA A 135 -12.41 -18.05 15.18
N ASP A 136 -13.19 -18.49 16.16
CA ASP A 136 -12.73 -18.48 17.56
C ASP A 136 -12.11 -19.78 18.07
N ASN A 137 -12.01 -20.80 17.22
CA ASN A 137 -11.46 -22.09 17.67
C ASN A 137 -10.47 -22.74 16.69
N TYR A 138 -9.99 -21.99 15.71
CA TYR A 138 -9.09 -22.57 14.71
C TYR A 138 -7.76 -23.10 15.26
N GLU A 139 -7.21 -22.44 16.28
CA GLU A 139 -5.93 -22.89 16.83
C GLU A 139 -6.05 -24.30 17.40
N LYS A 140 -7.13 -24.58 18.13
CA LYS A 140 -7.32 -25.91 18.67
C LYS A 140 -7.60 -26.94 17.55
N VAL A 141 -8.22 -26.50 16.45
CA VAL A 141 -8.46 -27.43 15.34
C VAL A 141 -7.11 -27.76 14.70
N PHE A 142 -6.27 -26.75 14.47
CA PHE A 142 -4.96 -26.98 13.86
C PHE A 142 -4.09 -27.89 14.74
N SER A 143 -4.14 -27.69 16.05
CA SER A 143 -3.31 -28.51 16.96
C SER A 143 -3.69 -29.99 17.00
N HIS A 144 -4.93 -30.31 16.62
CA HIS A 144 -5.41 -31.69 16.60
C HIS A 144 -5.28 -32.41 15.23
N MET A 145 -4.97 -31.68 14.16
CA MET A 145 -4.83 -32.29 12.83
C MET A 145 -3.59 -33.18 12.75
N LYS A 146 -3.69 -34.29 12.02
CA LYS A 146 -2.54 -35.16 11.83
C LYS A 146 -1.58 -34.45 10.86
N PRO A 147 -0.27 -34.55 11.09
CA PRO A 147 0.61 -33.86 10.14
C PRO A 147 0.39 -34.47 8.76
N ASN A 148 0.35 -33.63 7.73
CA ASN A 148 0.11 -34.05 6.35
C ASN A 148 -1.29 -34.52 6.02
N SER A 149 -2.25 -34.26 6.89
CA SER A 149 -3.61 -34.64 6.60
C SER A 149 -4.22 -33.46 5.83
N ILE A 150 -5.51 -33.54 5.54
CA ILE A 150 -6.22 -32.53 4.76
C ILE A 150 -7.41 -31.87 5.49
N LEU A 151 -7.43 -30.55 5.54
CA LEU A 151 -8.54 -29.78 6.13
C LEU A 151 -9.43 -29.32 4.95
N GLY A 152 -10.72 -29.64 5.01
CA GLY A 152 -11.62 -29.24 3.94
C GLY A 152 -12.67 -28.30 4.50
N LEU A 153 -12.90 -27.18 3.82
CA LEU A 153 -13.90 -26.22 4.26
C LEU A 153 -15.01 -26.18 3.22
N SER A 154 -16.19 -25.68 3.58
CA SER A 154 -17.25 -25.55 2.58
C SER A 154 -17.57 -24.06 2.37
N HIS A 155 -16.69 -23.19 2.86
CA HIS A 155 -16.83 -21.74 2.76
C HIS A 155 -15.45 -21.14 3.04
N GLY A 156 -15.08 -20.08 2.34
CA GLY A 156 -13.77 -19.46 2.55
C GLY A 156 -13.66 -18.47 3.69
N PHE A 157 -14.74 -18.31 4.47
CA PHE A 157 -14.81 -17.40 5.62
C PHE A 157 -13.56 -17.44 6.50
N LEU A 158 -13.11 -18.64 6.88
CA LEU A 158 -11.90 -18.76 7.74
C LEU A 158 -10.66 -18.06 7.16
N LEU A 159 -10.46 -18.10 5.84
CA LEU A 159 -9.31 -17.41 5.25
C LEU A 159 -9.46 -15.90 5.48
N GLY A 160 -10.66 -15.35 5.23
CA GLY A 160 -10.87 -13.93 5.46
C GLY A 160 -10.56 -13.54 6.91
N HIS A 161 -11.00 -14.35 7.87
CA HIS A 161 -10.71 -14.05 9.28
C HIS A 161 -9.21 -14.09 9.56
N LEU A 162 -8.51 -15.11 9.10
CA LEU A 162 -7.06 -15.23 9.31
C LEU A 162 -6.33 -14.02 8.70
N GLN A 163 -6.77 -13.61 7.52
CA GLN A 163 -6.18 -12.45 6.85
C GLN A 163 -6.29 -11.21 7.74
N SER A 164 -7.43 -11.06 8.41
CA SER A 164 -7.65 -9.93 9.30
C SER A 164 -6.66 -9.92 10.49
N LEU A 165 -6.20 -11.12 10.88
CA LEU A 165 -5.25 -11.29 11.99
C LEU A 165 -3.81 -11.39 11.50
N GLY A 166 -3.63 -11.39 10.18
CA GLY A 166 -2.30 -11.52 9.61
C GLY A 166 -1.76 -12.93 9.85
N GLN A 167 -2.63 -13.91 9.90
CA GLN A 167 -2.22 -15.29 10.14
C GLN A 167 -2.57 -16.17 8.97
N ASP A 168 -2.08 -17.41 9.02
CA ASP A 168 -2.42 -18.35 7.96
C ASP A 168 -2.50 -19.77 8.51
N PHE A 169 -2.85 -20.69 7.64
CA PHE A 169 -3.00 -22.10 7.95
C PHE A 169 -1.66 -22.74 8.29
N PRO A 170 -1.68 -23.90 8.98
CA PRO A 170 -0.36 -24.48 9.27
C PRO A 170 0.30 -24.78 7.91
N LYS A 171 1.59 -25.11 8.07
CA LYS A 171 2.35 -25.29 6.84
C LYS A 171 2.36 -26.77 6.44
N ASN A 172 2.12 -27.65 7.41
CA ASN A 172 2.17 -29.09 7.17
C ASN A 172 0.83 -29.76 6.90
N ILE A 173 -0.12 -29.00 6.36
CA ILE A 173 -1.44 -29.52 6.11
C ILE A 173 -1.97 -29.02 4.74
N SER A 174 -2.72 -29.84 4.03
CA SER A 174 -3.32 -29.40 2.76
C SER A 174 -4.63 -28.69 3.18
N VAL A 175 -5.08 -27.72 2.38
CA VAL A 175 -6.31 -26.98 2.68
C VAL A 175 -7.08 -26.84 1.36
N ILE A 176 -8.29 -27.42 1.35
CA ILE A 176 -9.18 -27.42 0.19
C ILE A 176 -10.59 -27.03 0.60
N ALA A 177 -11.44 -26.81 -0.40
CA ALA A 177 -12.82 -26.46 -0.13
C ALA A 177 -13.74 -26.99 -1.24
N VAL A 178 -14.92 -27.45 -0.85
CA VAL A 178 -15.96 -27.91 -1.78
C VAL A 178 -17.16 -27.15 -1.20
N CYS A 179 -17.69 -26.22 -1.97
CA CYS A 179 -18.76 -25.35 -1.49
C CYS A 179 -20.06 -25.48 -2.26
N PRO A 180 -21.05 -26.18 -1.68
CA PRO A 180 -22.34 -26.34 -2.36
C PRO A 180 -23.04 -25.00 -2.54
N LYS A 181 -23.47 -24.71 -3.77
CA LYS A 181 -24.17 -23.47 -4.06
C LYS A 181 -25.69 -23.75 -3.86
N GLY A 182 -26.04 -24.08 -2.63
CA GLY A 182 -27.43 -24.39 -2.29
C GLY A 182 -27.51 -24.80 -0.82
N MET A 183 -28.72 -24.79 -0.25
CA MET A 183 -28.88 -25.13 1.17
C MET A 183 -28.70 -26.62 1.48
N GLY A 184 -28.25 -26.90 2.70
CA GLY A 184 -28.02 -28.26 3.15
C GLY A 184 -29.18 -29.21 2.86
N PRO A 185 -30.41 -28.89 3.30
CA PRO A 185 -31.54 -29.79 3.04
C PRO A 185 -31.74 -30.13 1.53
N SER A 186 -31.38 -29.20 0.64
CA SER A 186 -31.51 -29.45 -0.81
C SER A 186 -30.39 -30.36 -1.34
N VAL A 187 -29.20 -30.27 -0.76
CA VAL A 187 -28.07 -31.13 -1.13
C VAL A 187 -28.49 -32.57 -0.83
N ARG A 188 -29.13 -32.79 0.33
CA ARG A 188 -29.59 -34.14 0.68
C ARG A 188 -30.80 -34.61 -0.13
N ARG A 189 -31.86 -33.78 -0.18
CA ARG A 189 -33.08 -34.14 -0.90
C ARG A 189 -32.89 -34.47 -2.40
N LEU A 190 -32.18 -33.62 -3.13
CA LEU A 190 -31.91 -33.86 -4.55
C LEU A 190 -31.07 -35.13 -4.75
N TYR A 191 -30.10 -35.36 -3.86
CA TYR A 191 -29.26 -36.58 -3.95
C TYR A 191 -30.17 -37.82 -3.83
N VAL A 192 -31.07 -37.82 -2.83
CA VAL A 192 -32.01 -38.93 -2.65
C VAL A 192 -32.91 -39.10 -3.92
N GLN A 193 -33.45 -38.00 -4.44
CA GLN A 193 -34.27 -38.09 -5.65
C GLN A 193 -33.44 -38.64 -6.83
N GLY A 194 -32.14 -38.33 -6.84
CA GLY A 194 -31.25 -38.79 -7.90
C GLY A 194 -30.97 -40.28 -7.89
N LYS A 195 -31.29 -40.98 -6.80
CA LYS A 195 -31.06 -42.43 -6.75
C LYS A 195 -31.92 -43.15 -7.80
N GLU A 196 -33.02 -42.52 -8.20
CA GLU A 196 -33.90 -43.11 -9.20
C GLU A 196 -33.38 -42.99 -10.63
N VAL A 197 -32.42 -42.09 -10.84
CA VAL A 197 -31.83 -41.85 -12.15
C VAL A 197 -30.30 -41.94 -12.03
N ASN A 198 -29.54 -41.16 -12.80
CA ASN A 198 -28.08 -41.24 -12.68
C ASN A 198 -27.52 -40.19 -11.70
N GLY A 199 -28.29 -39.86 -10.69
CA GLY A 199 -27.83 -38.91 -9.69
C GLY A 199 -28.40 -37.52 -9.88
N ALA A 200 -28.32 -36.72 -8.82
CA ALA A 200 -28.80 -35.35 -8.81
C ALA A 200 -28.21 -34.68 -7.58
N GLY A 201 -28.26 -33.35 -7.52
CA GLY A 201 -27.68 -32.66 -6.39
C GLY A 201 -27.59 -31.17 -6.64
N ILE A 202 -26.66 -30.51 -5.94
CA ILE A 202 -26.45 -29.07 -6.03
C ILE A 202 -25.05 -28.78 -6.60
N ASN A 203 -24.95 -27.86 -7.56
CA ASN A 203 -23.63 -27.51 -8.13
C ASN A 203 -22.71 -27.02 -7.01
N SER A 204 -21.42 -27.31 -7.14
CA SER A 204 -20.45 -26.89 -6.13
C SER A 204 -19.21 -26.27 -6.75
N SER A 205 -18.58 -25.34 -6.02
CA SER A 205 -17.31 -24.75 -6.44
C SER A 205 -16.25 -25.46 -5.58
N PHE A 206 -15.00 -25.54 -6.05
CA PHE A 206 -13.93 -26.16 -5.26
C PHE A 206 -12.68 -25.30 -5.34
N ALA A 207 -11.83 -25.40 -4.31
CA ALA A 207 -10.59 -24.64 -4.27
C ALA A 207 -9.48 -25.47 -3.64
N VAL A 208 -8.25 -25.18 -4.05
CA VAL A 208 -7.06 -25.82 -3.48
C VAL A 208 -6.17 -24.67 -3.01
N HIS A 209 -6.27 -24.38 -1.72
CA HIS A 209 -5.49 -23.30 -1.12
C HIS A 209 -4.02 -23.72 -0.84
N GLN A 210 -3.85 -24.93 -0.28
CA GLN A 210 -2.53 -25.48 0.03
C GLN A 210 -2.53 -26.95 -0.32
N ASP A 211 -1.45 -27.42 -0.92
CA ASP A 211 -1.33 -28.83 -1.28
C ASP A 211 0.05 -29.30 -0.83
N VAL A 212 0.11 -30.21 0.14
CA VAL A 212 1.41 -30.67 0.62
C VAL A 212 1.87 -32.01 0.05
N ASP A 213 1.09 -32.64 -0.82
CA ASP A 213 1.52 -33.93 -1.38
C ASP A 213 1.03 -34.27 -2.79
N GLY A 214 0.21 -33.41 -3.38
CA GLY A 214 -0.29 -33.66 -4.72
C GLY A 214 -1.66 -34.29 -4.82
N ARG A 215 -2.23 -34.71 -3.69
CA ARG A 215 -3.56 -35.37 -3.70
C ARG A 215 -4.74 -34.39 -3.59
N ALA A 216 -4.47 -33.16 -3.17
CA ALA A 216 -5.53 -32.18 -2.95
C ALA A 216 -6.65 -32.01 -4.01
N THR A 217 -6.29 -31.84 -5.28
CA THR A 217 -7.28 -31.65 -6.31
C THR A 217 -8.25 -32.84 -6.46
N ASP A 218 -7.74 -34.06 -6.48
CA ASP A 218 -8.59 -35.25 -6.60
C ASP A 218 -9.43 -35.51 -5.38
N VAL A 219 -8.91 -35.20 -4.20
CA VAL A 219 -9.67 -35.37 -2.98
C VAL A 219 -10.83 -34.36 -3.03
N ALA A 220 -10.55 -33.12 -3.45
CA ALA A 220 -11.62 -32.11 -3.57
C ALA A 220 -12.68 -32.53 -4.60
N LEU A 221 -12.24 -32.95 -5.80
CA LEU A 221 -13.14 -33.39 -6.86
C LEU A 221 -13.96 -34.63 -6.42
N GLY A 222 -13.33 -35.57 -5.73
CA GLY A 222 -14.02 -36.76 -5.24
C GLY A 222 -15.10 -36.42 -4.24
N TRP A 223 -14.78 -35.53 -3.32
CA TRP A 223 -15.73 -35.07 -2.29
C TRP A 223 -16.96 -34.45 -2.98
N SER A 224 -16.74 -33.53 -3.93
CA SER A 224 -17.86 -32.89 -4.64
C SER A 224 -18.73 -33.91 -5.41
N ILE A 225 -18.09 -34.83 -6.13
CA ILE A 225 -18.82 -35.83 -6.88
C ILE A 225 -19.65 -36.74 -5.94
N ALA A 226 -19.10 -37.05 -4.78
CA ALA A 226 -19.76 -37.88 -3.78
C ALA A 226 -20.97 -37.15 -3.18
N LEU A 227 -20.98 -35.82 -3.24
CA LEU A 227 -22.11 -35.03 -2.74
C LEU A 227 -23.26 -35.03 -3.75
N GLY A 228 -22.96 -35.39 -5.00
CA GLY A 228 -23.95 -35.40 -6.07
C GLY A 228 -23.94 -34.14 -6.94
N SER A 229 -22.88 -33.33 -6.86
CA SER A 229 -22.85 -32.09 -7.66
C SER A 229 -23.03 -32.32 -9.18
N PRO A 230 -24.09 -31.73 -9.80
CA PRO A 230 -24.26 -31.94 -11.26
C PRO A 230 -23.01 -31.43 -12.01
N PHE A 231 -22.49 -30.28 -11.61
CA PHE A 231 -21.22 -29.80 -12.15
C PHE A 231 -20.43 -29.08 -11.05
N THR A 232 -19.12 -29.26 -11.11
CA THR A 232 -18.18 -28.68 -10.14
C THR A 232 -17.24 -27.77 -10.93
N PHE A 233 -17.09 -26.53 -10.47
CA PHE A 233 -16.20 -25.54 -11.11
C PHE A 233 -15.15 -25.03 -10.11
N ALA A 234 -14.05 -24.47 -10.62
CA ALA A 234 -12.97 -23.98 -9.77
C ALA A 234 -13.05 -22.52 -9.33
N THR A 235 -12.57 -22.25 -8.13
CA THR A 235 -12.54 -20.89 -7.57
C THR A 235 -11.40 -20.88 -6.55
N THR A 236 -11.26 -19.77 -5.79
CA THR A 236 -10.25 -19.68 -4.73
C THR A 236 -11.02 -19.39 -3.44
N LEU A 237 -10.41 -19.62 -2.28
CA LEU A 237 -11.11 -19.36 -1.01
C LEU A 237 -11.53 -17.90 -0.90
N GLU A 238 -10.69 -16.98 -1.39
CA GLU A 238 -11.00 -15.56 -1.33
C GLU A 238 -12.13 -15.17 -2.30
N GLN A 239 -12.10 -15.68 -3.54
CA GLN A 239 -13.17 -15.37 -4.49
C GLN A 239 -14.49 -15.92 -3.94
N GLU A 240 -14.43 -17.11 -3.33
CA GLU A 240 -15.63 -17.75 -2.78
C GLU A 240 -16.23 -16.96 -1.63
N TYR A 241 -15.42 -16.55 -0.64
CA TYR A 241 -16.03 -15.82 0.46
C TYR A 241 -16.59 -14.48 0.02
N LYS A 242 -15.90 -13.78 -0.89
CA LYS A 242 -16.39 -12.49 -1.37
C LYS A 242 -17.74 -12.62 -2.10
N SER A 243 -17.86 -13.59 -3.00
CA SER A 243 -19.13 -13.77 -3.72
C SER A 243 -20.25 -14.39 -2.86
N ASP A 244 -19.88 -15.30 -1.96
CA ASP A 244 -20.84 -16.00 -1.15
C ASP A 244 -21.49 -15.21 -0.01
N ILE A 245 -20.69 -14.54 0.80
CA ILE A 245 -21.23 -13.76 1.90
C ILE A 245 -22.13 -12.67 1.33
N PHE A 246 -21.67 -12.12 0.21
CA PHE A 246 -22.40 -11.10 -0.52
C PHE A 246 -23.70 -11.63 -1.12
N GLY A 247 -23.63 -12.76 -1.84
CA GLY A 247 -24.80 -13.35 -2.48
C GLY A 247 -25.97 -13.70 -1.58
N GLU A 248 -25.70 -14.27 -0.41
CA GLU A 248 -26.77 -14.63 0.51
C GLU A 248 -27.47 -13.39 1.07
N ARG A 249 -26.72 -12.29 1.22
CA ARG A 249 -27.30 -11.04 1.68
C ARG A 249 -28.05 -10.39 0.51
N GLY A 250 -27.61 -10.71 -0.70
CA GLY A 250 -28.21 -10.21 -1.93
C GLY A 250 -29.44 -10.98 -2.40
N ILE A 251 -29.50 -11.28 -3.71
CA ILE A 251 -30.66 -11.96 -4.30
C ILE A 251 -31.16 -13.24 -3.61
N LEU A 252 -30.24 -14.05 -3.08
CA LEU A 252 -30.61 -15.34 -2.51
C LEU A 252 -31.53 -15.32 -1.29
N LEU A 253 -31.24 -14.44 -0.32
CA LEU A 253 -32.06 -14.38 0.89
C LEU A 253 -32.46 -12.96 1.29
N GLY A 254 -31.46 -12.14 1.61
CA GLY A 254 -31.73 -10.77 2.03
C GLY A 254 -32.60 -9.92 1.10
N ALA A 255 -32.15 -9.73 -0.14
CA ALA A 255 -32.88 -8.91 -1.10
C ALA A 255 -34.27 -9.44 -1.48
N VAL A 256 -34.40 -10.76 -1.69
CA VAL A 256 -35.70 -11.30 -2.06
C VAL A 256 -36.67 -11.09 -0.88
N HIS A 257 -36.19 -11.24 0.35
CA HIS A 257 -37.06 -11.01 1.50
C HIS A 257 -37.49 -9.52 1.52
N GLY A 258 -36.54 -8.60 1.37
CA GLY A 258 -36.88 -7.17 1.38
C GLY A 258 -37.83 -6.77 0.26
N ILE A 259 -37.64 -7.33 -0.92
CA ILE A 259 -38.50 -7.05 -2.09
C ILE A 259 -39.96 -7.42 -1.78
N VAL A 260 -40.10 -8.65 -1.31
CA VAL A 260 -41.38 -9.26 -1.01
C VAL A 260 -42.16 -8.50 0.11
N GLU A 261 -41.45 -7.98 1.11
CA GLU A 261 -42.08 -7.19 2.18
C GLU A 261 -42.51 -5.81 1.63
N CYS A 262 -41.63 -5.18 0.88
CA CYS A 262 -41.87 -3.87 0.29
C CYS A 262 -43.05 -3.87 -0.68
N LEU A 263 -43.09 -4.87 -1.56
CA LEU A 263 -44.17 -4.96 -2.55
C LEU A 263 -45.50 -5.37 -1.93
N PHE A 264 -45.48 -6.25 -0.92
CA PHE A 264 -46.72 -6.67 -0.29
C PHE A 264 -47.36 -5.46 0.35
N ARG A 265 -46.55 -4.64 1.01
CA ARG A 265 -47.04 -3.43 1.67
C ARG A 265 -47.61 -2.44 0.64
N ARG A 266 -46.90 -2.24 -0.47
CA ARG A 266 -47.38 -1.32 -1.51
C ARG A 266 -48.72 -1.77 -2.10
N TYR A 267 -48.78 -3.03 -2.54
CA TYR A 267 -49.99 -3.57 -3.16
C TYR A 267 -51.20 -3.48 -2.22
N THR A 268 -51.05 -3.86 -0.94
CA THR A 268 -52.18 -3.79 -0.02
C THR A 268 -52.59 -2.35 0.31
N GLU A 269 -51.63 -1.44 0.33
CA GLU A 269 -51.92 -0.02 0.57
C GLU A 269 -52.73 0.49 -0.62
N SER A 270 -52.46 -0.05 -1.79
CA SER A 270 -53.14 0.36 -3.01
C SER A 270 -54.49 -0.31 -3.29
N GLY A 271 -55.01 -1.08 -2.35
CA GLY A 271 -56.30 -1.71 -2.57
C GLY A 271 -56.32 -3.19 -2.92
N MET A 272 -55.17 -3.81 -3.15
CA MET A 272 -55.15 -5.24 -3.46
C MET A 272 -55.40 -6.02 -2.15
N SER A 273 -56.22 -7.06 -2.19
CA SER A 273 -56.50 -7.86 -1.00
C SER A 273 -55.20 -8.50 -0.50
N GLU A 274 -55.17 -8.88 0.76
CA GLU A 274 -53.97 -9.52 1.30
C GLU A 274 -53.65 -10.82 0.55
N ASP A 275 -54.67 -11.64 0.28
CA ASP A 275 -54.54 -12.91 -0.45
C ASP A 275 -53.83 -12.68 -1.79
N LEU A 276 -54.37 -11.73 -2.54
CA LEU A 276 -53.83 -11.42 -3.85
C LEU A 276 -52.44 -10.80 -3.80
N ALA A 277 -52.18 -9.96 -2.81
CA ALA A 277 -50.86 -9.34 -2.66
C ALA A 277 -49.80 -10.40 -2.33
N TYR A 278 -50.17 -11.41 -1.54
CA TYR A 278 -49.23 -12.48 -1.25
C TYR A 278 -48.98 -13.31 -2.51
N LYS A 279 -50.05 -13.64 -3.25
CA LYS A 279 -49.91 -14.42 -4.49
C LYS A 279 -49.06 -13.67 -5.55
N ASN A 280 -49.29 -12.36 -5.65
CA ASN A 280 -48.57 -11.50 -6.60
C ASN A 280 -47.12 -11.16 -6.22
N THR A 281 -46.69 -11.57 -5.03
CA THR A 281 -45.29 -11.33 -4.62
C THR A 281 -44.56 -12.66 -4.39
N VAL A 282 -44.83 -13.32 -3.27
CA VAL A 282 -44.18 -14.59 -2.94
C VAL A 282 -44.48 -15.77 -3.89
N GLU A 283 -45.77 -16.06 -4.14
CA GLU A 283 -46.14 -17.16 -5.02
C GLU A 283 -45.64 -16.93 -6.45
N CYS A 284 -45.68 -15.69 -6.92
CA CYS A 284 -45.21 -15.33 -8.24
C CYS A 284 -43.70 -15.59 -8.37
N ILE A 285 -42.92 -15.07 -7.42
CA ILE A 285 -41.48 -15.26 -7.44
C ILE A 285 -41.03 -16.70 -7.26
N THR A 286 -41.61 -17.41 -6.30
CA THR A 286 -41.20 -18.79 -6.04
C THR A 286 -41.81 -19.83 -6.96
N GLY A 287 -42.85 -19.43 -7.69
CA GLY A 287 -43.51 -20.32 -8.63
C GLY A 287 -43.07 -20.09 -10.06
N VAL A 288 -43.94 -19.50 -10.86
CA VAL A 288 -43.66 -19.26 -12.28
C VAL A 288 -42.34 -18.55 -12.61
N ILE A 289 -41.97 -17.51 -11.86
CA ILE A 289 -40.72 -16.81 -12.16
C ILE A 289 -39.51 -17.76 -12.01
N SER A 290 -39.47 -18.51 -10.92
CA SER A 290 -38.38 -19.45 -10.66
C SER A 290 -38.36 -20.61 -11.64
N LYS A 291 -39.52 -21.18 -11.94
CA LYS A 291 -39.63 -22.30 -12.86
C LYS A 291 -39.14 -21.91 -14.26
N THR A 292 -39.61 -20.75 -14.75
CA THR A 292 -39.19 -20.27 -16.05
C THR A 292 -37.70 -20.00 -16.09
N ILE A 293 -37.17 -19.27 -15.10
CA ILE A 293 -35.74 -18.98 -15.10
C ILE A 293 -34.90 -20.24 -14.99
N SER A 294 -35.39 -21.25 -14.26
CA SER A 294 -34.68 -22.52 -14.06
C SER A 294 -34.38 -23.25 -15.37
N THR A 295 -35.39 -23.40 -16.21
CA THR A 295 -35.20 -24.12 -17.45
C THR A 295 -35.13 -23.30 -18.72
N LYS A 296 -35.79 -22.14 -18.76
CA LYS A 296 -35.76 -21.35 -19.99
C LYS A 296 -35.03 -20.01 -19.96
N GLY A 297 -34.76 -19.46 -18.78
CA GLY A 297 -34.05 -18.20 -18.71
C GLY A 297 -34.91 -16.95 -18.55
N MET A 298 -34.25 -15.84 -18.24
CA MET A 298 -34.91 -14.55 -18.03
C MET A 298 -35.53 -13.96 -19.29
N LEU A 299 -34.95 -14.22 -20.47
CA LEU A 299 -35.52 -13.66 -21.70
C LEU A 299 -36.86 -14.37 -22.03
N ALA A 300 -36.94 -15.67 -21.74
CA ALA A 300 -38.19 -16.42 -21.95
C ALA A 300 -39.26 -15.85 -21.01
N LEU A 301 -38.86 -15.50 -19.79
CA LEU A 301 -39.79 -14.93 -18.81
C LEU A 301 -40.36 -13.60 -19.34
N TYR A 302 -39.48 -12.70 -19.77
CA TYR A 302 -39.91 -11.40 -20.29
C TYR A 302 -40.82 -11.60 -21.52
N ASN A 303 -40.46 -12.54 -22.39
CA ASN A 303 -41.25 -12.76 -23.59
C ASN A 303 -42.60 -13.38 -23.30
N SER A 304 -42.79 -13.94 -22.10
CA SER A 304 -44.08 -14.54 -21.79
C SER A 304 -45.09 -13.49 -21.27
N LEU A 305 -44.62 -12.25 -21.07
CA LEU A 305 -45.49 -11.17 -20.62
C LEU A 305 -46.30 -10.65 -21.82
N SER A 306 -47.48 -10.09 -21.57
CA SER A 306 -48.28 -9.51 -22.64
C SER A 306 -47.60 -8.19 -23.01
N GLU A 307 -48.08 -7.51 -24.06
CA GLU A 307 -47.50 -6.23 -24.43
C GLU A 307 -47.66 -5.20 -23.32
N GLU A 308 -48.83 -5.15 -22.69
CA GLU A 308 -49.05 -4.23 -21.58
C GLU A 308 -48.19 -4.68 -20.40
N GLY A 309 -48.11 -5.99 -20.16
CA GLY A 309 -47.27 -6.49 -19.08
C GLY A 309 -45.81 -6.07 -19.26
N LYS A 310 -45.33 -6.03 -20.49
CA LYS A 310 -43.96 -5.63 -20.74
C LYS A 310 -43.73 -4.16 -20.30
N LYS A 311 -44.70 -3.29 -20.51
CA LYS A 311 -44.58 -1.89 -20.08
C LYS A 311 -44.48 -1.78 -18.55
N ASP A 312 -45.30 -2.56 -17.83
CA ASP A 312 -45.25 -2.56 -16.35
C ASP A 312 -43.89 -3.11 -15.87
N PHE A 313 -43.44 -4.20 -16.49
CA PHE A 313 -42.13 -4.78 -16.17
C PHE A 313 -41.04 -3.71 -16.37
N GLN A 314 -41.14 -2.98 -17.47
CA GLN A 314 -40.17 -1.93 -17.76
C GLN A 314 -40.16 -0.83 -16.71
N ALA A 315 -41.34 -0.38 -16.28
CA ALA A 315 -41.42 0.67 -15.27
C ALA A 315 -40.78 0.19 -13.94
N ALA A 316 -41.08 -1.04 -13.54
CA ALA A 316 -40.51 -1.59 -12.29
C ALA A 316 -38.99 -1.76 -12.41
N TYR A 317 -38.54 -2.39 -13.50
CA TYR A 317 -37.10 -2.62 -13.71
C TYR A 317 -36.34 -1.30 -13.74
N SER A 318 -36.81 -0.36 -14.56
CA SER A 318 -36.16 0.95 -14.69
C SER A 318 -36.01 1.70 -13.37
N ALA A 319 -37.04 1.65 -12.53
CA ALA A 319 -37.00 2.34 -11.25
C ALA A 319 -36.19 1.61 -10.16
N SER A 320 -36.12 0.29 -10.24
CA SER A 320 -35.44 -0.56 -9.22
C SER A 320 -33.98 -0.91 -9.42
N TYR A 321 -33.50 -0.86 -10.65
CA TYR A 321 -32.15 -1.25 -10.97
C TYR A 321 -31.02 -0.54 -10.19
N TYR A 322 -30.96 0.80 -10.27
CA TYR A 322 -29.90 1.53 -9.57
C TYR A 322 -30.04 1.52 -8.03
N PRO A 323 -31.25 1.68 -7.47
CA PRO A 323 -31.31 1.64 -6.00
C PRO A 323 -30.87 0.25 -5.48
N SER A 324 -31.20 -0.80 -6.23
CA SER A 324 -30.79 -2.16 -5.84
C SER A 324 -29.26 -2.24 -5.89
N MET A 325 -28.66 -1.76 -6.99
CA MET A 325 -27.20 -1.77 -7.13
C MET A 325 -26.48 -1.03 -6.00
N ASP A 326 -27.06 0.10 -5.56
CA ASP A 326 -26.51 0.92 -4.46
C ASP A 326 -26.23 0.04 -3.22
N ILE A 327 -27.25 -0.70 -2.75
CA ILE A 327 -27.10 -1.57 -1.57
C ILE A 327 -26.15 -2.77 -1.83
N LEU A 328 -26.30 -3.42 -2.99
CA LEU A 328 -25.45 -4.55 -3.37
C LEU A 328 -23.98 -4.13 -3.39
N TYR A 329 -23.72 -2.94 -3.96
CA TYR A 329 -22.38 -2.37 -4.08
C TYR A 329 -21.79 -2.16 -2.67
N GLU A 330 -22.60 -1.61 -1.77
CA GLU A 330 -22.21 -1.38 -0.38
C GLU A 330 -21.89 -2.70 0.31
N CYS A 331 -22.80 -3.66 0.19
CA CYS A 331 -22.62 -4.97 0.81
C CYS A 331 -21.33 -5.66 0.34
N TYR A 332 -21.11 -5.69 -0.97
CA TYR A 332 -19.92 -6.33 -1.52
C TYR A 332 -18.66 -5.72 -0.92
N GLU A 333 -18.60 -4.40 -0.88
CA GLU A 333 -17.42 -3.73 -0.33
C GLU A 333 -17.20 -4.02 1.17
N ASP A 334 -18.28 -4.18 1.92
CA ASP A 334 -18.17 -4.51 3.34
C ASP A 334 -17.67 -5.95 3.52
N VAL A 335 -18.01 -6.84 2.58
CA VAL A 335 -17.54 -8.23 2.66
C VAL A 335 -16.04 -8.27 2.27
N ALA A 336 -15.66 -7.57 1.21
CA ALA A 336 -14.27 -7.56 0.76
C ALA A 336 -13.28 -6.89 1.72
N SER A 337 -13.73 -5.85 2.42
CA SER A 337 -12.88 -5.11 3.35
C SER A 337 -12.59 -5.78 4.68
N GLY A 338 -13.45 -6.73 5.09
CA GLY A 338 -13.28 -7.38 6.37
C GLY A 338 -14.33 -6.92 7.38
N SER A 339 -15.01 -5.81 7.11
CA SER A 339 -16.04 -5.31 8.03
C SER A 339 -17.13 -6.36 8.37
N GLU A 340 -17.73 -6.95 7.35
CA GLU A 340 -18.81 -7.92 7.53
C GLU A 340 -18.37 -9.22 8.22
N ILE A 341 -17.20 -9.75 7.86
CA ILE A 341 -16.69 -10.96 8.51
C ILE A 341 -16.54 -10.71 10.02
N ARG A 342 -15.93 -9.59 10.39
CA ARG A 342 -15.74 -9.24 11.81
C ARG A 342 -17.12 -9.16 12.48
N SER A 343 -18.09 -8.50 11.83
CA SER A 343 -19.44 -8.42 12.38
C SER A 343 -20.06 -9.79 12.71
N VAL A 344 -19.88 -10.77 11.82
CA VAL A 344 -20.41 -12.11 12.04
C VAL A 344 -19.70 -12.81 13.21
N VAL A 345 -18.38 -12.64 13.32
CA VAL A 345 -17.63 -13.22 14.43
C VAL A 345 -18.13 -12.62 15.77
N LEU A 346 -18.27 -11.29 15.85
CA LEU A 346 -18.76 -10.68 17.10
C LEU A 346 -20.23 -11.11 17.42
N ALA A 347 -21.08 -11.24 16.39
CA ALA A 347 -22.46 -11.66 16.61
C ALA A 347 -22.52 -13.05 17.24
N GLY A 348 -21.62 -13.95 16.83
CA GLY A 348 -21.59 -15.28 17.41
C GLY A 348 -21.35 -15.27 18.92
N ARG A 349 -20.52 -14.35 19.38
CA ARG A 349 -20.22 -14.23 20.81
C ARG A 349 -21.41 -13.71 21.62
N ARG A 350 -22.21 -12.85 21.00
CA ARG A 350 -23.39 -12.28 21.66
C ARG A 350 -24.53 -13.30 21.84
N PHE A 351 -24.33 -14.53 21.35
CA PHE A 351 -25.32 -15.59 21.52
C PHE A 351 -25.23 -16.12 22.97
N TYR A 352 -24.22 -15.66 23.71
CA TYR A 352 -24.01 -16.05 25.12
C TYR A 352 -23.84 -14.80 25.96
N GLU A 353 -24.11 -14.92 27.27
CA GLU A 353 -23.95 -13.81 28.20
C GLU A 353 -22.48 -13.46 28.39
N LYS A 354 -22.19 -12.17 28.42
CA LYS A 354 -20.85 -11.69 28.66
C LYS A 354 -20.96 -10.22 28.99
N GLU A 355 -19.94 -9.73 29.69
CA GLU A 355 -19.82 -8.32 30.08
C GLU A 355 -21.04 -7.83 30.87
N GLY A 356 -21.67 -8.73 31.63
CA GLY A 356 -22.83 -8.33 32.42
C GLY A 356 -24.06 -8.04 31.57
N LEU A 357 -24.05 -8.50 30.32
CA LEU A 357 -25.17 -8.29 29.41
C LEU A 357 -25.81 -9.65 29.09
N PRO A 358 -27.07 -9.65 28.61
CA PRO A 358 -27.82 -10.86 28.25
C PRO A 358 -27.34 -11.54 26.96
N ALA A 359 -27.84 -12.75 26.71
CA ALA A 359 -27.52 -13.49 25.49
C ALA A 359 -28.58 -13.06 24.50
N PHE A 360 -28.24 -13.02 23.21
CA PHE A 360 -29.19 -12.61 22.18
C PHE A 360 -29.23 -13.56 20.99
N PRO A 361 -29.79 -14.76 21.18
CA PRO A 361 -29.85 -15.71 20.06
C PRO A 361 -30.78 -15.13 18.95
N MET A 362 -30.67 -15.60 17.71
CA MET A 362 -31.55 -15.08 16.66
C MET A 362 -33.01 -15.40 16.94
N GLY A 363 -33.89 -14.48 16.58
CA GLY A 363 -35.31 -14.68 16.80
C GLY A 363 -36.04 -15.10 15.53
N LYS A 364 -37.36 -15.10 15.57
CA LYS A 364 -38.18 -15.52 14.43
C LYS A 364 -38.45 -14.37 13.47
N ILE A 365 -38.45 -14.67 12.18
CA ILE A 365 -38.69 -13.64 11.17
C ILE A 365 -40.02 -13.80 10.41
N ASP A 366 -40.77 -14.87 10.70
CA ASP A 366 -42.02 -15.12 9.98
C ASP A 366 -43.29 -15.03 10.77
N GLN A 367 -43.30 -14.25 11.84
CA GLN A 367 -44.51 -14.17 12.65
C GLN A 367 -45.29 -12.88 12.43
N THR A 368 -44.85 -12.09 11.44
CA THR A 368 -45.47 -10.80 11.09
C THR A 368 -46.60 -10.94 10.06
N ARG A 369 -47.32 -9.84 9.84
CA ARG A 369 -48.48 -9.77 8.92
C ARG A 369 -48.44 -10.60 7.63
N MET A 370 -47.54 -10.29 6.70
CA MET A 370 -47.55 -11.03 5.43
C MET A 370 -47.33 -12.54 5.53
N TRP A 371 -46.59 -12.98 6.54
CA TRP A 371 -46.34 -14.41 6.72
C TRP A 371 -47.55 -15.13 7.34
N LYS A 372 -48.32 -14.43 8.18
CA LYS A 372 -49.54 -14.99 8.76
C LYS A 372 -50.51 -15.14 7.56
N VAL A 373 -50.53 -14.13 6.68
CA VAL A 373 -51.34 -14.20 5.45
C VAL A 373 -50.91 -15.42 4.62
N GLY A 374 -49.60 -15.62 4.49
CA GLY A 374 -49.06 -16.76 3.74
C GLY A 374 -49.53 -18.11 4.24
N GLU A 375 -49.60 -18.28 5.57
CA GLU A 375 -50.09 -19.53 6.18
C GLU A 375 -51.52 -19.80 5.69
N LYS A 376 -52.35 -18.75 5.67
CA LYS A 376 -53.74 -18.90 5.23
C LYS A 376 -53.87 -19.23 3.75
N VAL A 377 -53.08 -18.58 2.90
CA VAL A 377 -53.10 -18.84 1.45
C VAL A 377 -52.67 -20.29 1.25
N ARG A 378 -51.62 -20.71 1.94
CA ARG A 378 -51.14 -22.08 1.80
C ARG A 378 -52.13 -23.11 2.36
N SER A 379 -52.86 -22.75 3.43
CA SER A 379 -53.81 -23.69 4.03
C SER A 379 -54.83 -24.23 3.03
N VAL A 380 -55.14 -23.45 1.99
CA VAL A 380 -56.12 -23.86 1.00
C VAL A 380 -55.59 -23.90 -0.43
N ARG A 381 -54.27 -23.87 -0.58
CA ARG A 381 -53.64 -23.90 -1.91
C ARG A 381 -53.64 -25.31 -2.51
N PRO A 382 -54.17 -25.47 -3.74
CA PRO A 382 -54.16 -26.81 -4.33
C PRO A 382 -52.73 -27.19 -4.71
N ALA A 383 -52.46 -28.50 -4.75
CA ALA A 383 -51.14 -28.99 -5.13
C ALA A 383 -50.92 -28.64 -6.58
N GLY A 384 -49.66 -28.34 -6.93
CA GLY A 384 -49.33 -28.02 -8.31
C GLY A 384 -49.55 -26.59 -8.77
N ASP A 385 -49.84 -25.68 -7.82
CA ASP A 385 -50.09 -24.29 -8.15
C ASP A 385 -48.77 -23.62 -8.50
N LEU A 386 -48.75 -22.92 -9.63
CA LEU A 386 -47.54 -22.25 -10.09
C LEU A 386 -47.49 -20.72 -9.91
N GLY A 387 -48.55 -20.15 -9.34
CA GLY A 387 -48.61 -18.72 -9.09
C GLY A 387 -48.82 -17.85 -10.32
N PRO A 388 -49.20 -16.58 -10.13
CA PRO A 388 -49.41 -15.67 -11.25
C PRO A 388 -48.10 -14.99 -11.65
N LEU A 389 -47.96 -14.61 -12.91
CA LEU A 389 -46.77 -13.88 -13.35
C LEU A 389 -47.14 -12.39 -13.35
N TYR A 390 -47.12 -11.79 -12.17
CA TYR A 390 -47.46 -10.37 -12.04
C TYR A 390 -46.30 -9.55 -12.63
N PRO A 391 -46.55 -8.82 -13.73
CA PRO A 391 -45.48 -8.02 -14.37
C PRO A 391 -44.62 -7.09 -13.49
N PHE A 392 -45.24 -6.25 -12.67
CA PHE A 392 -44.48 -5.35 -11.82
C PHE A 392 -43.52 -6.09 -10.86
N THR A 393 -43.98 -7.19 -10.27
CA THR A 393 -43.13 -7.98 -9.37
C THR A 393 -41.93 -8.56 -10.12
N ALA A 394 -42.20 -9.08 -11.32
CA ALA A 394 -41.14 -9.65 -12.17
C ALA A 394 -40.09 -8.57 -12.51
N GLY A 395 -40.55 -7.34 -12.77
CA GLY A 395 -39.63 -6.25 -13.08
C GLY A 395 -38.67 -5.93 -11.94
N VAL A 396 -39.18 -5.85 -10.71
CA VAL A 396 -38.32 -5.56 -9.56
C VAL A 396 -37.30 -6.70 -9.32
N TYR A 397 -37.81 -7.93 -9.28
CA TYR A 397 -36.97 -9.10 -9.04
C TYR A 397 -35.85 -9.28 -10.04
N VAL A 398 -36.19 -9.24 -11.32
CA VAL A 398 -35.21 -9.41 -12.38
C VAL A 398 -34.21 -8.23 -12.40
N ALA A 399 -34.68 -7.03 -12.06
CA ALA A 399 -33.78 -5.87 -12.01
C ALA A 399 -32.71 -6.11 -10.92
N LEU A 400 -33.12 -6.63 -9.77
CA LEU A 400 -32.15 -6.88 -8.71
C LEU A 400 -31.18 -8.01 -9.07
N MET A 401 -31.69 -9.07 -9.70
CA MET A 401 -30.86 -10.20 -10.15
C MET A 401 -29.79 -9.69 -11.15
N MET A 402 -30.20 -8.82 -12.08
CA MET A 402 -29.28 -8.26 -13.08
C MET A 402 -28.26 -7.32 -12.42
N ALA A 403 -28.70 -6.54 -11.42
CA ALA A 403 -27.78 -5.63 -10.72
C ALA A 403 -26.72 -6.44 -9.97
N GLN A 404 -27.11 -7.57 -9.38
CA GLN A 404 -26.15 -8.42 -8.66
C GLN A 404 -25.11 -8.99 -9.62
N ILE A 405 -25.57 -9.44 -10.80
CA ILE A 405 -24.68 -9.98 -11.82
C ILE A 405 -23.66 -8.89 -12.22
N GLU A 406 -24.12 -7.67 -12.45
CA GLU A 406 -23.23 -6.58 -12.82
C GLU A 406 -22.18 -6.24 -11.75
N ILE A 407 -22.58 -6.23 -10.49
CA ILE A 407 -21.63 -5.95 -9.40
C ILE A 407 -20.54 -7.03 -9.40
N LEU A 408 -20.93 -8.30 -9.41
CA LEU A 408 -19.96 -9.39 -9.41
C LEU A 408 -19.03 -9.33 -10.64
N ARG A 409 -19.61 -8.98 -11.78
CA ARG A 409 -18.87 -8.87 -13.05
C ARG A 409 -17.79 -7.76 -12.92
N LYS A 410 -18.19 -6.59 -12.43
CA LYS A 410 -17.28 -5.47 -12.26
C LYS A 410 -16.25 -5.66 -11.15
N LYS A 411 -16.52 -6.59 -10.23
CA LYS A 411 -15.60 -6.88 -9.13
C LYS A 411 -14.69 -8.06 -9.48
N GLY A 412 -14.89 -8.66 -10.66
CA GLY A 412 -14.01 -9.73 -11.14
C GLY A 412 -14.25 -11.22 -10.97
N HIS A 413 -15.50 -11.67 -10.93
CA HIS A 413 -15.79 -13.09 -10.75
C HIS A 413 -16.08 -13.83 -12.05
N SER A 414 -15.83 -15.14 -12.07
CA SER A 414 -16.06 -15.95 -13.27
C SER A 414 -17.56 -16.09 -13.52
N TYR A 415 -17.94 -16.41 -14.76
CA TYR A 415 -19.35 -16.59 -15.06
C TYR A 415 -19.98 -17.79 -14.32
N SER A 416 -19.25 -18.88 -14.10
CA SER A 416 -19.83 -20.02 -13.35
C SER A 416 -20.18 -19.60 -11.92
N GLU A 417 -19.30 -18.81 -11.32
CA GLU A 417 -19.51 -18.33 -9.97
C GLU A 417 -20.69 -17.35 -9.95
N ILE A 418 -20.68 -16.39 -10.89
CA ILE A 418 -21.75 -15.39 -11.00
C ILE A 418 -23.14 -16.04 -11.18
N ILE A 419 -23.24 -16.96 -12.12
CA ILE A 419 -24.50 -17.63 -12.45
C ILE A 419 -25.07 -18.50 -11.32
N ASN A 420 -24.22 -19.22 -10.61
CA ASN A 420 -24.70 -20.04 -9.48
C ASN A 420 -25.13 -19.16 -8.30
N GLU A 421 -24.30 -18.18 -7.96
CA GLU A 421 -24.58 -17.28 -6.85
C GLU A 421 -25.75 -16.30 -7.07
N SER A 422 -26.08 -16.03 -8.32
CA SER A 422 -27.13 -15.05 -8.61
C SER A 422 -28.40 -15.57 -9.30
N VAL A 423 -28.36 -16.78 -9.86
CA VAL A 423 -29.48 -17.32 -10.62
C VAL A 423 -29.88 -18.76 -10.24
N ILE A 424 -29.00 -19.72 -10.56
CA ILE A 424 -29.26 -21.16 -10.30
C ILE A 424 -29.64 -21.48 -8.85
N GLU A 425 -28.86 -20.99 -7.89
CA GLU A 425 -29.14 -21.28 -6.49
C GLU A 425 -30.53 -20.80 -6.04
N ALA A 426 -30.92 -19.61 -6.48
CA ALA A 426 -32.21 -19.07 -6.09
C ALA A 426 -33.38 -19.95 -6.59
N VAL A 427 -33.34 -20.30 -7.87
CA VAL A 427 -34.41 -21.07 -8.48
C VAL A 427 -34.44 -22.58 -8.29
N ASP A 428 -33.27 -23.22 -8.19
CA ASP A 428 -33.20 -24.69 -8.02
C ASP A 428 -33.03 -25.17 -6.59
N SER A 429 -32.55 -24.30 -5.72
CA SER A 429 -32.35 -24.68 -4.31
C SER A 429 -33.21 -23.97 -3.28
N LEU A 430 -33.19 -22.65 -3.28
CA LEU A 430 -33.86 -21.86 -2.24
C LEU A 430 -35.35 -21.54 -2.35
N ASN A 431 -35.75 -20.93 -3.47
CA ASN A 431 -37.14 -20.55 -3.67
C ASN A 431 -38.18 -21.67 -3.41
N PRO A 432 -37.89 -22.92 -3.78
CA PRO A 432 -38.85 -24.00 -3.53
C PRO A 432 -39.23 -24.11 -2.04
N PHE A 433 -38.30 -23.79 -1.14
CA PHE A 433 -38.61 -23.83 0.31
C PHE A 433 -39.54 -22.69 0.73
N MET A 434 -39.38 -21.51 0.13
CA MET A 434 -40.27 -20.39 0.44
C MET A 434 -41.66 -20.63 -0.18
N HIS A 435 -41.71 -21.35 -1.30
CA HIS A 435 -43.01 -21.68 -1.90
C HIS A 435 -43.65 -22.67 -0.94
N ALA A 436 -42.87 -23.62 -0.44
CA ALA A 436 -43.39 -24.63 0.49
C ALA A 436 -43.93 -24.11 1.84
N ARG A 437 -43.17 -23.28 2.53
CA ARG A 437 -43.64 -22.80 3.83
C ARG A 437 -43.20 -21.40 4.28
N GLY A 438 -43.01 -20.49 3.33
CA GLY A 438 -42.65 -19.13 3.73
C GLY A 438 -41.18 -18.82 3.91
N VAL A 439 -40.91 -17.56 4.28
CA VAL A 439 -39.53 -17.09 4.41
C VAL A 439 -38.58 -17.80 5.38
N SER A 440 -39.07 -18.24 6.54
CA SER A 440 -38.21 -18.92 7.51
C SER A 440 -37.76 -20.29 7.02
N PHE A 441 -38.67 -21.04 6.41
CA PHE A 441 -38.35 -22.37 5.89
C PHE A 441 -37.20 -22.28 4.89
N MET A 442 -37.05 -21.11 4.25
CA MET A 442 -35.96 -20.90 3.31
C MET A 442 -34.72 -20.39 4.06
N VAL A 443 -34.83 -19.19 4.63
CA VAL A 443 -33.73 -18.56 5.35
C VAL A 443 -33.09 -19.39 6.49
N ASP A 444 -33.92 -19.85 7.43
CA ASP A 444 -33.42 -20.56 8.58
C ASP A 444 -32.84 -21.95 8.40
N ASN A 445 -32.94 -22.48 7.18
CA ASN A 445 -32.32 -23.77 6.85
C ASN A 445 -30.91 -23.52 6.30
N CYS A 446 -30.50 -22.25 6.27
CA CYS A 446 -29.18 -21.83 5.79
C CYS A 446 -28.22 -21.63 6.98
N SER A 447 -26.99 -21.24 6.72
CA SER A 447 -25.99 -21.11 7.81
C SER A 447 -26.23 -19.96 8.78
N THR A 448 -25.51 -20.00 9.90
CA THR A 448 -25.61 -18.92 10.88
C THR A 448 -25.18 -17.63 10.18
N THR A 449 -24.11 -17.69 9.40
CA THR A 449 -23.61 -16.52 8.66
C THR A 449 -24.69 -15.96 7.71
N ALA A 450 -25.38 -16.84 7.00
CA ALA A 450 -26.44 -16.44 6.07
C ALA A 450 -27.67 -15.93 6.79
N ARG A 451 -28.05 -16.58 7.88
CA ARG A 451 -29.22 -16.16 8.65
C ARG A 451 -29.01 -14.74 9.23
N LEU A 452 -27.81 -14.48 9.74
CA LEU A 452 -27.47 -13.15 10.25
C LEU A 452 -27.50 -12.13 9.10
N GLY A 453 -26.89 -12.50 7.97
CA GLY A 453 -26.84 -11.63 6.80
C GLY A 453 -28.20 -11.25 6.24
N SER A 454 -29.11 -12.22 6.16
CA SER A 454 -30.46 -11.97 5.68
C SER A 454 -31.16 -10.95 6.57
N ARG A 455 -31.03 -11.12 7.89
CA ARG A 455 -31.67 -10.22 8.85
C ARG A 455 -31.10 -8.80 8.80
N LYS A 456 -29.81 -8.70 8.51
CA LYS A 456 -29.12 -7.41 8.47
C LYS A 456 -29.41 -6.63 7.19
N TRP A 457 -29.51 -7.35 6.07
CA TRP A 457 -29.69 -6.67 4.78
C TRP A 457 -31.09 -6.60 4.16
N ALA A 458 -31.97 -7.52 4.52
CA ALA A 458 -33.34 -7.45 4.00
C ALA A 458 -33.97 -6.08 4.26
N PRO A 459 -33.80 -5.54 5.50
CA PRO A 459 -34.39 -4.22 5.80
C PRO A 459 -33.84 -3.09 4.90
N ARG A 460 -32.56 -3.20 4.51
CA ARG A 460 -31.89 -2.21 3.65
C ARG A 460 -32.54 -2.17 2.26
N PHE A 461 -32.79 -3.35 1.67
CA PHE A 461 -33.44 -3.41 0.35
C PHE A 461 -34.88 -2.91 0.43
N ASP A 462 -35.59 -3.28 1.49
CA ASP A 462 -36.96 -2.84 1.70
C ASP A 462 -37.00 -1.29 1.69
N TYR A 463 -36.24 -0.66 2.58
CA TYR A 463 -36.21 0.81 2.67
C TYR A 463 -35.78 1.52 1.36
N ILE A 464 -34.69 1.09 0.72
CA ILE A 464 -34.29 1.80 -0.52
C ILE A 464 -35.32 1.66 -1.66
N LEU A 465 -35.96 0.49 -1.78
CA LEU A 465 -36.97 0.32 -2.82
C LEU A 465 -38.20 1.22 -2.52
N SER A 466 -38.58 1.36 -1.25
CA SER A 466 -39.73 2.19 -0.89
C SER A 466 -39.40 3.67 -1.08
N GLN A 467 -38.22 4.07 -0.63
CA GLN A 467 -37.79 5.47 -0.69
C GLN A 467 -37.43 6.01 -2.07
N GLN A 468 -36.80 5.17 -2.89
CA GLN A 468 -36.35 5.60 -4.21
C GLN A 468 -37.13 5.02 -5.40
N ALA A 469 -37.07 3.70 -5.57
CA ALA A 469 -37.75 3.07 -6.69
C ALA A 469 -39.26 3.34 -6.79
N LEU A 470 -39.99 3.04 -5.73
CA LEU A 470 -41.43 3.23 -5.73
C LEU A 470 -41.85 4.70 -5.80
N VAL A 471 -41.06 5.58 -5.21
CA VAL A 471 -41.33 7.03 -5.28
C VAL A 471 -41.14 7.48 -6.76
N ALA A 472 -40.12 6.97 -7.44
CA ALA A 472 -39.89 7.31 -8.85
C ALA A 472 -41.10 6.94 -9.69
N VAL A 473 -41.61 5.71 -9.50
CA VAL A 473 -42.79 5.23 -10.23
C VAL A 473 -44.01 6.11 -9.97
N ASP A 474 -44.20 6.53 -8.71
CA ASP A 474 -45.34 7.36 -8.33
C ASP A 474 -45.24 8.85 -8.69
N ASN A 475 -44.07 9.25 -9.18
CA ASN A 475 -43.84 10.62 -9.61
C ASN A 475 -43.68 10.69 -11.12
N GLY A 476 -44.05 9.60 -11.80
CA GLY A 476 -43.95 9.55 -13.24
C GLY A 476 -42.56 9.67 -13.86
N ALA A 477 -41.56 9.07 -13.22
CA ALA A 477 -40.18 9.13 -13.74
C ALA A 477 -40.16 8.49 -15.14
N PRO A 478 -39.31 9.00 -16.04
CA PRO A 478 -39.27 8.40 -17.37
C PRO A 478 -38.61 7.02 -17.28
N ILE A 479 -38.99 6.11 -18.16
CA ILE A 479 -38.41 4.79 -18.17
C ILE A 479 -37.02 4.88 -18.83
N ASN A 480 -36.01 4.36 -18.16
CA ASN A 480 -34.66 4.33 -18.68
C ASN A 480 -34.63 3.14 -19.65
N GLN A 481 -34.97 3.37 -20.91
CA GLN A 481 -35.00 2.28 -21.91
C GLN A 481 -33.64 1.68 -22.23
N ASP A 482 -32.58 2.38 -21.92
CA ASP A 482 -31.24 1.83 -22.13
C ASP A 482 -31.05 0.64 -21.16
N LEU A 483 -31.58 0.74 -19.94
CA LEU A 483 -31.47 -0.35 -18.96
C LEU A 483 -32.21 -1.57 -19.48
N ILE A 484 -33.39 -1.33 -20.04
CA ILE A 484 -34.20 -2.41 -20.62
C ILE A 484 -33.43 -3.07 -21.77
N SER A 485 -32.91 -2.25 -22.69
CA SER A 485 -32.14 -2.77 -23.81
C SER A 485 -30.91 -3.58 -23.33
N ASN A 486 -30.21 -3.07 -22.32
CA ASN A 486 -29.03 -3.74 -21.74
C ASN A 486 -29.40 -5.11 -21.19
N PHE A 487 -30.57 -5.18 -20.55
CA PHE A 487 -31.06 -6.45 -20.01
C PHE A 487 -31.29 -7.43 -21.16
N LEU A 488 -31.95 -6.98 -22.20
CA LEU A 488 -32.28 -7.83 -23.33
C LEU A 488 -31.08 -8.31 -24.15
N SER A 489 -30.00 -7.54 -24.17
CA SER A 489 -28.80 -7.91 -24.93
C SER A 489 -27.67 -8.45 -24.03
N ASP A 490 -27.92 -8.55 -22.72
CA ASP A 490 -26.88 -9.00 -21.81
C ASP A 490 -26.30 -10.37 -22.14
N PRO A 491 -24.96 -10.48 -22.17
CA PRO A 491 -24.33 -11.77 -22.48
C PRO A 491 -24.53 -12.86 -21.43
N VAL A 492 -25.05 -12.50 -20.26
CA VAL A 492 -25.27 -13.53 -19.24
C VAL A 492 -26.36 -14.54 -19.63
N HIS A 493 -27.31 -14.14 -20.47
CA HIS A 493 -28.41 -15.04 -20.83
C HIS A 493 -27.94 -16.26 -21.60
N GLU A 494 -27.04 -16.06 -22.55
CA GLU A 494 -26.53 -17.20 -23.30
C GLU A 494 -25.74 -18.16 -22.38
N ALA A 495 -24.95 -17.60 -21.46
CA ALA A 495 -24.17 -18.40 -20.51
C ALA A 495 -25.09 -19.20 -19.58
N ILE A 496 -26.20 -18.59 -19.16
CA ILE A 496 -27.18 -19.25 -18.30
C ILE A 496 -27.74 -20.48 -19.06
N GLY A 497 -28.02 -20.31 -20.35
CA GLY A 497 -28.50 -21.42 -21.17
C GLY A 497 -27.48 -22.57 -21.23
N VAL A 498 -26.20 -22.23 -21.40
CA VAL A 498 -25.13 -23.23 -21.43
C VAL A 498 -25.10 -23.99 -20.09
N CYS A 499 -25.17 -23.27 -18.98
CA CYS A 499 -25.19 -23.94 -17.68
C CYS A 499 -26.43 -24.86 -17.50
N ALA A 500 -27.58 -24.43 -18.00
CA ALA A 500 -28.83 -25.18 -17.87
C ALA A 500 -28.72 -26.56 -18.50
N GLN A 501 -27.87 -26.70 -19.52
CA GLN A 501 -27.68 -28.00 -20.17
C GLN A 501 -27.01 -29.06 -19.29
N LEU A 502 -26.41 -28.63 -18.17
CA LEU A 502 -25.71 -29.51 -17.21
C LEU A 502 -26.51 -29.88 -15.94
N ARG A 503 -27.75 -29.43 -16.06
CA ARG A 503 -28.67 -29.60 -14.96
C ARG A 503 -29.36 -30.96 -15.16
N PRO A 504 -29.52 -31.74 -14.09
CA PRO A 504 -30.19 -33.03 -14.24
C PRO A 504 -31.70 -32.78 -14.39
N SER A 505 -32.47 -33.73 -14.91
CA SER A 505 -33.90 -33.49 -15.05
C SER A 505 -34.69 -33.99 -13.86
N VAL A 506 -34.35 -33.44 -12.70
CA VAL A 506 -34.99 -33.78 -11.43
C VAL A 506 -35.15 -32.44 -10.73
N ASP A 507 -36.37 -32.02 -10.44
CA ASP A 507 -36.58 -30.76 -9.73
C ASP A 507 -36.82 -31.11 -8.26
N ILE A 508 -36.24 -30.34 -7.33
CA ILE A 508 -36.43 -30.65 -5.92
C ILE A 508 -37.91 -30.73 -5.47
N SER A 509 -38.19 -31.74 -4.67
CA SER A 509 -39.53 -32.02 -4.13
C SER A 509 -39.51 -31.69 -2.62
N VAL A 510 -40.22 -30.63 -2.21
CA VAL A 510 -40.28 -30.22 -0.79
C VAL A 510 -41.68 -29.76 -0.42
N THR A 511 -42.16 -30.16 0.73
CA THR A 511 -43.46 -29.68 1.20
C THR A 511 -43.29 -29.13 2.62
N ALA A 512 -44.30 -28.44 3.11
CA ALA A 512 -44.23 -27.87 4.46
C ALA A 512 -43.88 -28.86 5.58
N ASP A 513 -44.29 -30.12 5.45
CA ASP A 513 -44.03 -31.15 6.46
C ASP A 513 -42.74 -31.94 6.28
N ALA A 514 -41.82 -31.42 5.47
CA ALA A 514 -40.55 -32.09 5.21
C ALA A 514 -39.78 -32.44 6.49
N ASP A 515 -39.33 -33.68 6.60
CA ASP A 515 -38.56 -34.05 7.78
C ASP A 515 -37.04 -33.97 7.58
N PHE A 516 -36.58 -33.63 6.37
CA PHE A 516 -35.15 -33.52 6.04
C PHE A 516 -34.57 -32.11 6.21
N VAL A 517 -35.22 -31.28 7.00
CA VAL A 517 -34.77 -29.91 7.23
C VAL A 517 -34.21 -29.90 8.65
N ARG A 518 -33.74 -28.74 9.13
CA ARG A 518 -33.22 -28.65 10.51
C ARG A 518 -34.32 -29.11 11.47
N PRO A 519 -33.96 -29.83 12.54
CA PRO A 519 -34.92 -30.32 13.55
C PRO A 519 -35.89 -29.26 14.06
N GLU A 520 -35.35 -28.10 14.44
CA GLU A 520 -36.18 -27.02 14.95
C GLU A 520 -37.13 -26.41 13.90
N LEU A 521 -37.01 -26.82 12.65
CA LEU A 521 -37.89 -26.31 11.59
C LEU A 521 -38.92 -27.35 11.15
N ARG A 522 -38.92 -28.54 11.74
CA ARG A 522 -39.89 -29.57 11.34
C ARG A 522 -41.30 -29.25 11.86
N GLN A 523 -42.30 -29.47 11.02
CA GLN A 523 -43.68 -29.20 11.40
C GLN A 523 -44.59 -30.23 10.71
N ALA A 524 -45.68 -30.61 11.39
CA ALA A 524 -46.62 -31.58 10.83
C ALA A 524 -48.03 -31.01 10.88
N PHE B 15 -10.33 11.36 32.12
CA PHE B 15 -9.55 12.53 31.73
C PHE B 15 -9.55 13.58 32.84
N ASP B 16 -8.61 13.46 33.77
CA ASP B 16 -8.51 14.43 34.87
C ASP B 16 -7.78 15.62 34.26
N PHE B 17 -8.44 16.77 34.16
CA PHE B 17 -7.80 17.93 33.57
C PHE B 17 -7.61 19.04 34.58
N ASP B 18 -6.82 20.04 34.19
CA ASP B 18 -6.64 21.19 35.04
C ASP B 18 -6.53 22.42 34.19
N SER B 19 -7.32 23.43 34.55
CA SER B 19 -7.34 24.67 33.80
C SER B 19 -6.73 25.75 34.66
N SER B 20 -6.06 26.68 34.01
CA SER B 20 -5.47 27.77 34.72
C SER B 20 -6.30 29.03 34.52
N VAL B 21 -7.11 29.03 33.46
CA VAL B 21 -7.97 30.16 33.11
C VAL B 21 -9.42 29.98 33.61
N PHE B 22 -9.95 28.77 33.48
CA PHE B 22 -11.34 28.47 33.87
C PHE B 22 -11.54 27.69 35.17
N LYS B 23 -12.72 27.91 35.76
CA LYS B 23 -13.13 27.27 37.00
C LYS B 23 -13.71 25.87 36.74
N LYS B 24 -13.13 24.88 37.40
CA LYS B 24 -13.62 23.52 37.29
C LYS B 24 -14.57 23.33 38.46
N GLU B 25 -15.65 22.60 38.23
CA GLU B 25 -16.65 22.35 39.26
C GLU B 25 -17.01 20.87 39.26
N LYS B 26 -17.40 20.36 40.43
CA LYS B 26 -17.76 18.96 40.57
C LYS B 26 -19.26 18.75 40.49
N VAL B 27 -19.66 17.66 39.84
CA VAL B 27 -21.07 17.27 39.76
C VAL B 27 -21.02 15.82 40.19
N THR B 28 -22.03 15.39 40.93
CA THR B 28 -22.12 14.02 41.41
C THR B 28 -23.30 13.38 40.69
N LEU B 29 -23.01 12.39 39.86
CA LEU B 29 -24.06 11.69 39.12
C LEU B 29 -24.10 10.25 39.59
N SER B 30 -25.17 9.92 40.30
CA SER B 30 -25.35 8.57 40.83
C SER B 30 -24.12 8.15 41.61
N GLY B 31 -23.68 9.00 42.53
CA GLY B 31 -22.52 8.69 43.35
C GLY B 31 -21.16 8.75 42.65
N HIS B 32 -21.15 9.16 41.39
CA HIS B 32 -19.92 9.27 40.61
C HIS B 32 -19.57 10.76 40.41
N ASP B 33 -18.44 11.18 40.96
CA ASP B 33 -18.00 12.57 40.81
C ASP B 33 -17.37 12.78 39.45
N GLU B 34 -17.80 13.82 38.75
CA GLU B 34 -17.28 14.15 37.44
C GLU B 34 -16.97 15.65 37.47
N TYR B 35 -15.95 16.07 36.72
CA TYR B 35 -15.57 17.46 36.67
C TYR B 35 -16.05 18.09 35.37
N ILE B 36 -16.64 19.27 35.52
CA ILE B 36 -17.26 20.00 34.43
C ILE B 36 -16.85 21.48 34.42
N VAL B 37 -16.99 22.14 33.27
CA VAL B 37 -16.71 23.58 33.19
C VAL B 37 -18.00 24.19 32.66
N ARG B 38 -18.63 25.04 33.48
CA ARG B 38 -19.87 25.71 33.13
C ARG B 38 -19.60 26.81 32.14
N GLY B 39 -20.59 27.11 31.31
CA GLY B 39 -20.42 28.17 30.31
C GLY B 39 -21.08 29.47 30.71
N GLY B 40 -21.20 30.39 29.75
CA GLY B 40 -21.81 31.68 29.99
C GLY B 40 -21.09 32.79 29.24
N ARG B 41 -21.83 33.77 28.72
CA ARG B 41 -21.22 34.88 27.98
C ARG B 41 -20.31 35.75 28.87
N ASN B 42 -20.51 35.66 30.17
CA ASN B 42 -19.70 36.41 31.12
C ASN B 42 -18.25 35.94 31.12
N LEU B 43 -17.98 34.76 30.57
CA LEU B 43 -16.62 34.23 30.54
C LEU B 43 -15.86 34.64 29.29
N PHE B 44 -16.53 35.29 28.35
CA PHE B 44 -15.89 35.69 27.11
C PHE B 44 -14.61 36.55 27.30
N PRO B 45 -14.57 37.42 28.33
CA PRO B 45 -13.38 38.24 28.56
C PRO B 45 -12.12 37.41 28.83
N LEU B 46 -12.30 36.14 29.21
CA LEU B 46 -11.20 35.22 29.49
C LEU B 46 -10.63 34.58 28.23
N LEU B 47 -11.32 34.75 27.09
CA LEU B 47 -10.89 34.13 25.85
C LEU B 47 -9.47 34.51 25.40
N PRO B 48 -9.11 35.81 25.46
CA PRO B 48 -7.75 36.16 25.04
C PRO B 48 -6.70 35.35 25.82
N ASP B 49 -6.92 35.17 27.12
CA ASP B 49 -6.04 34.38 27.99
C ASP B 49 -6.01 32.91 27.61
N ALA B 50 -7.18 32.36 27.31
CA ALA B 50 -7.32 30.95 26.96
C ALA B 50 -6.60 30.65 25.64
N PHE B 51 -6.74 31.57 24.68
CA PHE B 51 -6.13 31.42 23.38
C PHE B 51 -4.70 31.93 23.30
N LYS B 52 -3.87 31.48 24.22
CA LYS B 52 -2.46 31.85 24.23
C LYS B 52 -1.80 31.34 22.94
N GLY B 53 -1.15 32.24 22.21
CA GLY B 53 -0.48 31.87 20.98
C GLY B 53 -1.31 31.73 19.71
N ILE B 54 -2.56 32.18 19.74
CA ILE B 54 -3.42 32.07 18.57
C ILE B 54 -3.73 33.44 17.96
N LYS B 55 -3.37 33.62 16.68
CA LYS B 55 -3.62 34.86 15.96
C LYS B 55 -4.66 34.55 14.92
N GLN B 56 -4.68 33.29 14.46
CA GLN B 56 -5.64 32.85 13.48
C GLN B 56 -6.18 31.44 13.70
N ILE B 57 -7.51 31.33 13.59
CA ILE B 57 -8.21 30.06 13.72
C ILE B 57 -8.70 29.76 12.31
N GLY B 58 -8.20 28.67 11.74
CA GLY B 58 -8.61 28.26 10.42
C GLY B 58 -9.77 27.29 10.53
N VAL B 59 -10.94 27.69 10.06
CA VAL B 59 -12.12 26.81 10.10
C VAL B 59 -12.18 26.15 8.72
N ILE B 60 -11.88 24.86 8.68
CA ILE B 60 -11.86 24.14 7.42
C ILE B 60 -13.18 23.39 7.15
N GLY B 61 -13.84 23.77 6.06
CA GLY B 61 -15.09 23.14 5.70
C GLY B 61 -16.24 24.14 5.80
N TRP B 62 -17.41 23.74 5.30
CA TRP B 62 -18.60 24.58 5.35
C TRP B 62 -19.82 23.68 5.16
N GLY B 63 -19.99 22.74 6.07
CA GLY B 63 -21.11 21.81 6.02
C GLY B 63 -22.20 22.19 7.00
N SER B 64 -22.25 21.47 8.11
CA SER B 64 -23.25 21.70 9.16
C SER B 64 -22.62 22.36 10.43
N GLN B 65 -21.48 21.85 10.86
CA GLN B 65 -20.82 22.39 12.04
C GLN B 65 -20.06 23.68 11.73
N ALA B 66 -19.27 23.72 10.65
CA ALA B 66 -18.47 24.92 10.34
C ALA B 66 -19.24 26.25 10.29
N PRO B 67 -20.39 26.29 9.57
CA PRO B 67 -21.13 27.55 9.52
C PRO B 67 -21.51 28.05 10.92
N ALA B 68 -21.94 27.13 11.79
CA ALA B 68 -22.33 27.47 13.16
C ALA B 68 -21.14 27.86 14.04
N GLN B 69 -20.11 27.01 14.06
CA GLN B 69 -18.94 27.28 14.88
C GLN B 69 -18.21 28.58 14.48
N ALA B 70 -18.02 28.80 13.18
CA ALA B 70 -17.31 29.99 12.71
C ALA B 70 -18.02 31.26 13.18
N GLN B 71 -19.34 31.31 13.04
CA GLN B 71 -20.09 32.48 13.46
C GLN B 71 -20.10 32.63 14.97
N ASN B 72 -20.30 31.52 15.70
CA ASN B 72 -20.31 31.60 17.15
C ASN B 72 -18.95 32.09 17.67
N LEU B 73 -17.87 31.58 17.07
CA LEU B 73 -16.52 31.98 17.47
C LEU B 73 -16.27 33.47 17.20
N LYS B 74 -16.60 33.93 15.99
CA LYS B 74 -16.41 35.33 15.60
C LYS B 74 -17.18 36.25 16.56
N ASP B 75 -18.46 35.93 16.78
CA ASP B 75 -19.31 36.72 17.70
C ASP B 75 -18.74 36.77 19.11
N SER B 76 -18.29 35.65 19.63
CA SER B 76 -17.72 35.64 20.98
C SER B 76 -16.40 36.40 21.07
N LEU B 77 -15.58 36.30 20.04
CA LEU B 77 -14.28 36.98 20.00
C LEU B 77 -14.48 38.48 19.90
N THR B 78 -15.51 38.90 19.17
CA THR B 78 -15.82 40.31 19.06
C THR B 78 -16.23 40.82 20.44
N GLU B 79 -17.02 40.04 21.18
CA GLU B 79 -17.43 40.45 22.53
C GLU B 79 -16.24 40.49 23.47
N ALA B 80 -15.27 39.63 23.23
CA ALA B 80 -14.06 39.59 24.05
C ALA B 80 -13.08 40.69 23.62
N LYS B 81 -13.44 41.44 22.58
CA LYS B 81 -12.60 42.51 22.00
C LYS B 81 -11.26 41.93 21.55
N SER B 82 -11.30 40.69 21.06
CA SER B 82 -10.11 39.97 20.64
C SER B 82 -9.68 40.28 19.23
N ASP B 83 -8.37 40.25 18.98
CA ASP B 83 -7.87 40.50 17.63
C ASP B 83 -7.63 39.17 16.86
N VAL B 84 -8.01 38.03 17.43
CA VAL B 84 -7.87 36.70 16.77
C VAL B 84 -8.72 36.68 15.49
N VAL B 85 -8.13 36.26 14.37
CA VAL B 85 -8.84 36.19 13.08
C VAL B 85 -9.47 34.80 12.84
N VAL B 86 -10.72 34.78 12.38
CA VAL B 86 -11.39 33.52 12.07
C VAL B 86 -11.47 33.47 10.54
N LYS B 87 -10.71 32.56 9.95
CA LYS B 87 -10.66 32.42 8.49
C LYS B 87 -11.22 31.09 8.00
N ILE B 88 -12.09 31.15 6.99
CA ILE B 88 -12.69 29.95 6.41
C ILE B 88 -11.82 29.39 5.27
N GLY B 89 -11.51 28.09 5.34
CA GLY B 89 -10.74 27.46 4.29
C GLY B 89 -11.57 26.45 3.50
N LEU B 90 -11.62 26.63 2.18
CA LEU B 90 -12.40 25.76 1.30
C LEU B 90 -11.62 25.29 0.09
N ARG B 91 -12.04 24.15 -0.44
CA ARG B 91 -11.42 23.56 -1.61
C ARG B 91 -11.63 24.35 -2.86
N LYS B 92 -10.78 24.00 -3.82
CA LYS B 92 -10.76 24.52 -5.18
C LYS B 92 -11.86 25.52 -5.56
N GLY B 93 -12.86 25.05 -6.30
CA GLY B 93 -13.97 25.91 -6.74
C GLY B 93 -15.24 25.53 -6.01
N SER B 94 -15.12 25.37 -4.70
CA SER B 94 -16.22 25.01 -3.83
C SER B 94 -17.42 25.93 -3.96
N ASN B 95 -18.62 25.36 -4.02
CA ASN B 95 -19.83 26.14 -4.12
C ASN B 95 -20.14 26.85 -2.80
N SER B 96 -19.37 26.51 -1.76
CA SER B 96 -19.55 27.10 -0.44
C SER B 96 -19.00 28.51 -0.26
N PHE B 97 -18.21 28.97 -1.23
CA PHE B 97 -17.64 30.30 -1.15
C PHE B 97 -18.73 31.35 -1.03
N ALA B 98 -19.77 31.23 -1.84
CA ALA B 98 -20.89 32.18 -1.80
C ALA B 98 -21.63 32.14 -0.46
N GLU B 99 -21.74 30.95 0.14
CA GLU B 99 -22.41 30.80 1.44
C GLU B 99 -21.60 31.45 2.52
N ALA B 100 -20.29 31.24 2.47
CA ALA B 100 -19.38 31.82 3.46
C ALA B 100 -19.45 33.36 3.41
N ARG B 101 -19.50 33.91 2.19
CA ARG B 101 -19.59 35.34 2.02
C ARG B 101 -20.91 35.86 2.58
N ALA B 102 -21.99 35.12 2.36
CA ALA B 102 -23.29 35.51 2.91
C ALA B 102 -23.27 35.57 4.44
N ALA B 103 -22.35 34.82 5.04
CA ALA B 103 -22.20 34.80 6.51
C ALA B 103 -21.16 35.80 6.99
N GLY B 104 -20.64 36.60 6.06
CA GLY B 104 -19.70 37.65 6.42
C GLY B 104 -18.21 37.36 6.38
N PHE B 105 -17.80 36.28 5.73
CA PHE B 105 -16.38 35.97 5.65
C PHE B 105 -15.99 36.25 4.21
N SER B 106 -14.93 37.02 4.00
CA SER B 106 -14.55 37.32 2.62
C SER B 106 -13.06 37.38 2.35
N GLU B 107 -12.69 37.24 1.07
CA GLU B 107 -11.28 37.28 0.68
C GLU B 107 -10.71 38.66 0.95
N GLU B 108 -11.49 39.70 0.62
CA GLU B 108 -11.04 41.08 0.81
C GLU B 108 -10.55 41.42 2.23
N ASN B 109 -11.17 40.85 3.25
CA ASN B 109 -10.72 41.11 4.61
C ASN B 109 -9.93 39.93 5.17
N GLY B 110 -9.55 39.04 4.26
CA GLY B 110 -8.75 37.86 4.60
C GLY B 110 -9.39 36.85 5.53
N THR B 111 -10.69 36.71 5.45
CA THR B 111 -11.40 35.77 6.30
C THR B 111 -12.01 34.62 5.51
N LEU B 112 -11.62 34.52 4.24
CA LEU B 112 -12.12 33.47 3.36
C LEU B 112 -11.02 33.17 2.36
N GLY B 113 -10.60 31.91 2.29
CA GLY B 113 -9.54 31.57 1.35
C GLY B 113 -9.41 30.10 1.02
N ASP B 114 -8.30 29.76 0.38
CA ASP B 114 -8.02 28.40 -0.02
C ASP B 114 -7.75 27.51 1.21
N MET B 115 -8.24 26.28 1.13
CA MET B 115 -8.10 25.31 2.20
C MET B 115 -6.68 25.05 2.70
N TRP B 116 -5.78 24.70 1.78
CA TRP B 116 -4.42 24.37 2.18
C TRP B 116 -3.67 25.58 2.70
N GLU B 117 -3.92 26.72 2.06
CA GLU B 117 -3.30 27.97 2.47
C GLU B 117 -3.80 28.39 3.86
N THR B 118 -5.06 28.10 4.16
CA THR B 118 -5.63 28.44 5.47
C THR B 118 -5.04 27.55 6.54
N ILE B 119 -4.86 26.25 6.25
CA ILE B 119 -4.27 25.35 7.24
C ILE B 119 -2.84 25.80 7.59
N SER B 120 -2.04 26.13 6.57
CA SER B 120 -0.65 26.57 6.72
C SER B 120 -0.45 27.75 7.65
N GLY B 121 -1.31 28.75 7.54
CA GLY B 121 -1.16 29.93 8.37
C GLY B 121 -1.95 30.01 9.66
N SER B 122 -2.61 28.92 10.05
CA SER B 122 -3.41 28.92 11.27
C SER B 122 -2.75 28.36 12.52
N ASP B 123 -3.07 28.95 13.67
CA ASP B 123 -2.53 28.49 14.95
C ASP B 123 -3.42 27.40 15.55
N LEU B 124 -4.72 27.46 15.23
CA LEU B 124 -5.71 26.45 15.67
C LEU B 124 -6.45 26.13 14.38
N VAL B 125 -6.41 24.85 14.00
CA VAL B 125 -7.06 24.37 12.79
C VAL B 125 -8.26 23.50 13.18
N LEU B 126 -9.45 23.95 12.82
CA LEU B 126 -10.67 23.19 13.11
C LEU B 126 -11.03 22.41 11.83
N LEU B 127 -10.78 21.09 11.86
CA LEU B 127 -11.03 20.23 10.70
C LEU B 127 -12.51 19.81 10.63
N LEU B 128 -13.33 20.65 10.02
CA LEU B 128 -14.76 20.39 9.94
C LEU B 128 -15.25 19.99 8.56
N ILE B 129 -14.61 18.96 8.01
CA ILE B 129 -14.99 18.40 6.71
C ILE B 129 -15.55 17.02 7.03
N SER B 130 -16.14 16.34 6.04
CA SER B 130 -16.71 15.01 6.28
C SER B 130 -15.67 14.06 6.85
N ASP B 131 -16.11 13.18 7.72
CA ASP B 131 -15.21 12.21 8.34
C ASP B 131 -14.48 11.32 7.34
N SER B 132 -15.16 10.88 6.28
CA SER B 132 -14.51 10.04 5.24
C SER B 132 -13.44 10.87 4.50
N ALA B 133 -13.72 12.15 4.25
CA ALA B 133 -12.71 13.00 3.60
C ALA B 133 -11.50 13.17 4.52
N GLN B 134 -11.70 13.19 5.84
CA GLN B 134 -10.57 13.30 6.77
C GLN B 134 -9.74 12.03 6.68
N ALA B 135 -10.43 10.89 6.59
CA ALA B 135 -9.78 9.59 6.50
C ALA B 135 -8.93 9.46 5.25
N ASP B 136 -9.41 10.00 4.14
CA ASP B 136 -8.68 9.90 2.86
C ASP B 136 -7.74 11.07 2.51
N ASN B 137 -7.63 12.07 3.38
CA ASN B 137 -6.78 13.23 3.12
C ASN B 137 -5.98 13.76 4.32
N TYR B 138 -5.88 12.97 5.40
CA TYR B 138 -5.18 13.45 6.57
C TYR B 138 -3.69 13.74 6.41
N GLU B 139 -3.02 13.02 5.51
CA GLU B 139 -1.59 13.26 5.31
C GLU B 139 -1.34 14.63 4.74
N LYS B 140 -2.25 15.08 3.88
CA LYS B 140 -2.13 16.40 3.28
C LYS B 140 -2.40 17.48 4.32
N VAL B 141 -3.36 17.22 5.22
CA VAL B 141 -3.68 18.16 6.28
C VAL B 141 -2.51 18.26 7.26
N PHE B 142 -1.96 17.11 7.65
CA PHE B 142 -0.83 17.07 8.58
C PHE B 142 0.40 17.81 8.04
N SER B 143 0.69 17.63 6.76
CA SER B 143 1.87 18.27 6.14
C SER B 143 1.82 19.80 6.09
N HIS B 144 0.62 20.36 6.24
CA HIS B 144 0.45 21.81 6.21
C HIS B 144 0.41 22.45 7.60
N MET B 145 0.42 21.62 8.64
CA MET B 145 0.38 22.13 10.01
C MET B 145 1.76 22.68 10.44
N LYS B 146 1.78 23.86 11.05
CA LYS B 146 3.03 24.45 11.55
C LYS B 146 3.53 23.70 12.79
N PRO B 147 4.84 23.67 13.06
CA PRO B 147 5.31 22.97 14.27
C PRO B 147 4.65 23.66 15.48
N ASN B 148 4.26 22.88 16.47
CA ASN B 148 3.61 23.38 17.67
C ASN B 148 2.29 24.13 17.45
N SER B 149 1.59 23.84 16.36
CA SER B 149 0.28 24.45 16.14
C SER B 149 -0.70 23.43 16.76
N ILE B 150 -2.00 23.72 16.71
CA ILE B 150 -3.00 22.84 17.31
C ILE B 150 -4.07 22.38 16.34
N LEU B 151 -4.26 21.08 16.25
CA LEU B 151 -5.30 20.51 15.39
C LEU B 151 -6.53 20.25 16.28
N GLY B 152 -7.67 20.81 15.88
CA GLY B 152 -8.90 20.61 16.64
C GLY B 152 -9.91 19.84 15.83
N LEU B 153 -10.48 18.78 16.42
CA LEU B 153 -11.49 17.96 15.76
C LEU B 153 -12.78 18.08 16.55
N SER B 154 -13.91 17.81 15.92
CA SER B 154 -15.17 17.87 16.64
C SER B 154 -15.79 16.46 16.72
N HIS B 155 -14.96 15.45 16.51
CA HIS B 155 -15.36 14.03 16.55
C HIS B 155 -14.07 13.20 16.55
N GLY B 156 -14.09 12.07 17.26
CA GLY B 156 -12.90 11.19 17.33
C GLY B 156 -12.71 10.19 16.19
N PHE B 157 -13.56 10.25 15.17
CA PHE B 157 -13.52 9.34 14.00
C PHE B 157 -12.10 9.18 13.43
N LEU B 158 -11.37 10.29 13.22
CA LEU B 158 -10.01 10.21 12.67
C LEU B 158 -9.06 9.31 13.48
N LEU B 159 -9.13 9.35 14.82
CA LEU B 159 -8.28 8.47 15.62
C LEU B 159 -8.64 7.02 15.30
N GLY B 160 -9.94 6.72 15.27
CA GLY B 160 -10.40 5.38 14.97
C GLY B 160 -9.83 4.85 13.65
N HIS B 161 -9.86 5.69 12.61
CA HIS B 161 -9.32 5.30 11.32
C HIS B 161 -7.81 5.05 11.41
N LEU B 162 -7.08 5.98 12.02
CA LEU B 162 -5.62 5.86 12.15
C LEU B 162 -5.27 4.58 12.90
N GLN B 163 -6.06 4.24 13.91
CA GLN B 163 -5.84 3.02 14.67
C GLN B 163 -5.97 1.80 13.75
N SER B 164 -6.93 1.81 12.84
CA SER B 164 -7.09 0.70 11.92
C SER B 164 -5.85 0.55 11.05
N LEU B 165 -5.09 1.63 10.86
CA LEU B 165 -3.88 1.60 10.03
C LEU B 165 -2.63 1.44 10.86
N GLY B 166 -2.78 1.35 12.18
CA GLY B 166 -1.64 1.24 13.06
C GLY B 166 -0.89 2.55 13.00
N GLN B 167 -1.62 3.66 12.95
CA GLN B 167 -1.00 4.98 12.87
C GLN B 167 -1.44 5.95 13.97
N ASP B 168 -0.78 7.10 14.06
CA ASP B 168 -1.14 8.15 15.03
C ASP B 168 -0.86 9.52 14.41
N PHE B 169 -1.22 10.56 15.14
CA PHE B 169 -1.03 11.94 14.72
C PHE B 169 0.47 12.30 14.74
N PRO B 170 0.88 13.36 14.01
CA PRO B 170 2.30 13.79 13.97
C PRO B 170 2.78 14.15 15.39
N LYS B 171 4.07 13.98 15.66
CA LYS B 171 4.60 14.28 17.00
C LYS B 171 5.13 15.71 17.23
N ASN B 172 4.75 16.64 16.37
CA ASN B 172 5.17 18.03 16.54
C ASN B 172 3.95 18.95 16.60
N ILE B 173 2.81 18.35 16.93
CA ILE B 173 1.54 19.05 16.97
C ILE B 173 0.68 18.67 18.17
N SER B 174 -0.16 19.60 18.62
CA SER B 174 -1.09 19.29 19.69
C SER B 174 -2.39 18.82 18.98
N VAL B 175 -3.13 17.93 19.64
CA VAL B 175 -4.38 17.41 19.11
C VAL B 175 -5.46 17.44 20.21
N ILE B 176 -6.54 18.18 19.96
CA ILE B 176 -7.65 18.33 20.92
C ILE B 176 -8.97 18.17 20.21
N ALA B 177 -10.05 18.11 20.98
CA ALA B 177 -11.40 18.00 20.43
C ALA B 177 -12.44 18.72 21.27
N VAL B 178 -13.40 19.31 20.60
CA VAL B 178 -14.56 19.97 21.22
C VAL B 178 -15.72 19.45 20.34
N CYS B 179 -16.50 18.56 20.93
CA CYS B 179 -17.59 17.86 20.23
C CYS B 179 -18.99 18.23 20.70
N PRO B 180 -19.66 19.12 19.95
CA PRO B 180 -21.01 19.51 20.32
C PRO B 180 -21.94 18.30 20.29
N LYS B 181 -22.70 18.09 21.36
CA LYS B 181 -23.64 16.99 21.43
C LYS B 181 -24.99 17.53 20.90
N GLY B 182 -25.00 17.91 19.63
CA GLY B 182 -26.18 18.47 18.99
C GLY B 182 -25.84 18.88 17.56
N MET B 183 -26.85 18.99 16.68
CA MET B 183 -26.60 19.34 15.28
C MET B 183 -26.11 20.77 15.05
N GLY B 184 -25.35 20.96 13.96
CA GLY B 184 -24.82 22.28 13.62
C GLY B 184 -25.80 23.43 13.70
N PRO B 185 -26.95 23.36 13.00
CA PRO B 185 -27.92 24.46 13.06
C PRO B 185 -28.40 24.79 14.48
N SER B 186 -28.40 23.82 15.40
CA SER B 186 -28.83 24.10 16.78
C SER B 186 -27.75 24.82 17.60
N VAL B 187 -26.49 24.56 17.25
CA VAL B 187 -25.37 25.22 17.91
C VAL B 187 -25.48 26.72 17.60
N ARG B 188 -25.78 27.05 16.35
CA ARG B 188 -25.92 28.47 15.96
C ARG B 188 -27.21 29.09 16.51
N ARG B 189 -28.34 28.43 16.29
CA ARG B 189 -29.61 28.97 16.72
C ARG B 189 -29.69 29.22 18.23
N LEU B 190 -29.33 28.24 19.05
CA LEU B 190 -29.39 28.43 20.50
C LEU B 190 -28.43 29.56 20.97
N TYR B 191 -27.26 29.67 20.32
CA TYR B 191 -26.31 30.72 20.66
C TYR B 191 -26.97 32.08 20.41
N VAL B 192 -27.57 32.24 19.22
CA VAL B 192 -28.24 33.46 18.87
C VAL B 192 -29.34 33.79 19.90
N GLN B 193 -30.16 32.80 20.25
CA GLN B 193 -31.23 33.00 21.25
C GLN B 193 -30.70 33.33 22.64
N GLY B 194 -29.45 32.96 22.93
CA GLY B 194 -28.88 33.24 24.24
C GLY B 194 -28.19 34.57 24.42
N LYS B 195 -28.09 35.35 23.35
CA LYS B 195 -27.39 36.63 23.39
C LYS B 195 -27.77 37.64 24.47
N GLU B 196 -29.05 37.73 24.81
CA GLU B 196 -29.50 38.69 25.84
C GLU B 196 -29.80 38.07 27.21
N VAL B 197 -29.49 36.80 27.40
CA VAL B 197 -29.74 36.12 28.68
C VAL B 197 -28.49 35.46 29.28
N ASN B 198 -27.32 35.99 28.96
CA ASN B 198 -26.02 35.48 29.40
C ASN B 198 -25.64 34.14 28.71
N GLY B 199 -26.28 33.87 27.57
CA GLY B 199 -25.97 32.67 26.80
C GLY B 199 -26.86 31.45 26.82
N ALA B 200 -26.76 30.67 25.75
CA ALA B 200 -27.47 29.40 25.58
C ALA B 200 -26.66 28.68 24.50
N GLY B 201 -26.79 27.36 24.41
CA GLY B 201 -26.04 26.62 23.42
C GLY B 201 -26.22 25.12 23.57
N ILE B 202 -25.26 24.37 23.06
CA ILE B 202 -25.29 22.91 23.09
C ILE B 202 -24.12 22.41 23.96
N ASN B 203 -24.40 21.50 24.89
CA ASN B 203 -23.38 20.93 25.75
C ASN B 203 -22.32 20.27 24.87
N SER B 204 -21.06 20.32 25.28
CA SER B 204 -20.01 19.70 24.48
C SER B 204 -19.06 18.87 25.34
N SER B 205 -18.42 17.87 24.73
CA SER B 205 -17.40 17.10 25.43
C SER B 205 -16.05 17.60 24.87
N PHE B 206 -14.98 17.49 25.63
CA PHE B 206 -13.66 17.92 25.15
C PHE B 206 -12.62 16.88 25.51
N ALA B 207 -11.56 16.82 24.70
CA ALA B 207 -10.47 15.88 24.89
C ALA B 207 -9.15 16.52 24.49
N VAL B 208 -8.07 16.03 25.09
CA VAL B 208 -6.73 16.49 24.79
C VAL B 208 -5.96 15.21 24.53
N HIS B 209 -5.74 14.94 23.25
CA HIS B 209 -5.04 13.74 22.84
C HIS B 209 -3.53 13.94 22.92
N GLN B 210 -3.07 15.09 22.46
CA GLN B 210 -1.66 15.44 22.46
C GLN B 210 -1.54 16.89 22.88
N ASP B 211 -0.53 17.18 23.68
CA ASP B 211 -0.30 18.54 24.19
C ASP B 211 1.19 18.81 24.21
N VAL B 212 1.67 19.56 23.23
CA VAL B 212 3.09 19.89 23.10
C VAL B 212 3.65 20.77 24.22
N ASP B 213 2.94 21.84 24.55
CA ASP B 213 3.45 22.81 25.51
C ASP B 213 2.58 23.24 26.69
N GLY B 214 1.43 22.60 26.87
CA GLY B 214 0.56 22.98 27.96
C GLY B 214 -0.54 23.98 27.63
N ARG B 215 -0.64 24.41 26.38
CA ARG B 215 -1.70 25.35 26.01
C ARG B 215 -2.99 24.61 25.63
N ALA B 216 -2.87 23.31 25.33
CA ALA B 216 -4.00 22.51 24.86
C ALA B 216 -5.30 22.55 25.65
N THR B 217 -5.26 22.35 26.97
CA THR B 217 -6.48 22.37 27.77
C THR B 217 -7.27 23.67 27.70
N ASP B 218 -6.63 24.81 27.89
CA ASP B 218 -7.34 26.09 27.84
C ASP B 218 -7.80 26.49 26.43
N VAL B 219 -7.08 26.06 25.40
CA VAL B 219 -7.50 26.35 24.03
C VAL B 219 -8.81 25.57 23.74
N ALA B 220 -8.87 24.31 24.20
CA ALA B 220 -10.07 23.49 24.01
C ALA B 220 -11.24 24.06 24.80
N LEU B 221 -11.00 24.38 26.07
CA LEU B 221 -12.01 24.94 26.96
C LEU B 221 -12.53 26.30 26.43
N GLY B 222 -11.63 27.14 25.90
CA GLY B 222 -12.03 28.42 25.35
C GLY B 222 -12.90 28.26 24.12
N TRP B 223 -12.52 27.32 23.26
CA TRP B 223 -13.23 27.04 22.03
C TRP B 223 -14.67 26.62 22.38
N SER B 224 -14.79 25.71 23.36
CA SER B 224 -16.11 25.21 23.80
C SER B 224 -16.99 26.34 24.36
N ILE B 225 -16.43 27.11 25.29
CA ILE B 225 -17.17 28.22 25.88
C ILE B 225 -17.57 29.22 24.79
N ALA B 226 -16.67 29.49 23.84
CA ALA B 226 -16.98 30.42 22.76
C ALA B 226 -18.12 29.93 21.86
N LEU B 227 -18.34 28.62 21.84
CA LEU B 227 -19.42 28.06 21.02
C LEU B 227 -20.75 28.22 21.74
N GLY B 228 -20.70 28.52 23.04
CA GLY B 228 -21.91 28.69 23.84
C GLY B 228 -22.31 27.47 24.67
N SER B 229 -21.41 26.48 24.82
CA SER B 229 -21.73 25.29 25.60
C SER B 229 -22.15 25.61 27.03
N PRO B 230 -23.37 25.18 27.43
CA PRO B 230 -23.84 25.44 28.80
C PRO B 230 -22.90 24.70 29.79
N PHE B 231 -22.51 23.49 29.44
CA PHE B 231 -21.50 22.78 30.22
C PHE B 231 -20.65 21.92 29.33
N THR B 232 -19.37 21.87 29.70
CA THR B 232 -18.38 21.08 28.96
C THR B 232 -17.86 19.99 29.89
N PHE B 233 -17.89 18.75 29.42
CA PHE B 233 -17.42 17.60 30.19
C PHE B 233 -16.21 16.94 29.49
N ALA B 234 -15.37 16.25 30.27
CA ALA B 234 -14.16 15.62 29.77
C ALA B 234 -14.35 14.19 29.24
N THR B 235 -13.66 13.87 28.14
CA THR B 235 -13.71 12.52 27.55
C THR B 235 -12.39 12.30 26.81
N THR B 236 -12.27 11.20 26.05
CA THR B 236 -11.06 10.93 25.24
C THR B 236 -11.56 10.80 23.80
N LEU B 237 -10.66 10.91 22.82
CA LEU B 237 -11.07 10.78 21.42
C LEU B 237 -11.71 9.40 21.16
N GLU B 238 -11.18 8.35 21.78
CA GLU B 238 -11.74 7.02 21.58
C GLU B 238 -13.09 6.83 22.29
N GLN B 239 -13.24 7.34 23.51
CA GLN B 239 -14.52 7.21 24.20
C GLN B 239 -15.58 7.99 23.42
N GLU B 240 -15.18 9.13 22.85
CA GLU B 240 -16.10 9.95 22.08
C GLU B 240 -16.54 9.27 20.77
N TYR B 241 -15.62 8.73 19.97
CA TYR B 241 -16.08 8.09 18.73
C TYR B 241 -16.96 6.85 18.99
N LYS B 242 -16.61 6.07 20.00
CA LYS B 242 -17.41 4.88 20.33
C LYS B 242 -18.84 5.25 20.73
N SER B 243 -19.00 6.28 21.57
CA SER B 243 -20.34 6.67 21.99
C SER B 243 -21.13 7.45 20.94
N ASP B 244 -20.40 8.25 20.16
CA ASP B 244 -21.00 9.11 19.16
C ASP B 244 -21.50 8.40 17.89
N ILE B 245 -20.65 7.62 17.23
CA ILE B 245 -21.08 6.92 16.02
C ILE B 245 -22.25 5.98 16.37
N PHE B 246 -22.18 5.39 17.57
CA PHE B 246 -23.22 4.50 18.08
C PHE B 246 -24.55 5.25 18.33
N GLY B 247 -24.47 6.32 19.10
CA GLY B 247 -25.66 7.10 19.47
C GLY B 247 -26.49 7.67 18.35
N GLU B 248 -25.84 8.15 17.29
CA GLU B 248 -26.56 8.71 16.17
C GLU B 248 -27.33 7.60 15.43
N ARG B 249 -26.77 6.39 15.42
CA ARG B 249 -27.43 5.26 14.79
C ARG B 249 -28.53 4.74 15.72
N GLY B 250 -28.37 5.01 17.01
CA GLY B 250 -29.32 4.61 18.04
C GLY B 250 -30.47 5.59 18.24
N ILE B 251 -30.79 5.89 19.50
CA ILE B 251 -31.93 6.78 19.84
C ILE B 251 -31.98 8.12 19.12
N LEU B 252 -30.83 8.73 18.85
CA LEU B 252 -30.80 10.06 18.23
C LEU B 252 -31.39 10.20 16.82
N LEU B 253 -31.09 9.25 15.93
CA LEU B 253 -31.60 9.33 14.56
C LEU B 253 -32.14 8.00 14.04
N GLY B 254 -31.25 7.01 13.90
CA GLY B 254 -31.66 5.71 13.38
C GLY B 254 -32.82 5.05 14.08
N ALA B 255 -32.69 4.87 15.38
CA ALA B 255 -33.73 4.22 16.19
C ALA B 255 -35.06 4.94 16.24
N VAL B 256 -35.03 6.26 16.45
CA VAL B 256 -36.29 7.01 16.52
C VAL B 256 -37.00 6.93 15.16
N HIS B 257 -36.24 6.95 14.05
CA HIS B 257 -36.84 6.83 12.73
C HIS B 257 -37.50 5.45 12.57
N GLY B 258 -36.77 4.39 12.93
CA GLY B 258 -37.33 3.04 12.81
C GLY B 258 -38.58 2.80 13.65
N ILE B 259 -38.58 3.33 14.87
CA ILE B 259 -39.70 3.21 15.81
C ILE B 259 -40.96 3.82 15.19
N VAL B 260 -40.79 5.03 14.71
CA VAL B 260 -41.86 5.82 14.14
C VAL B 260 -42.46 5.17 12.88
N GLU B 261 -41.63 4.58 12.03
CA GLU B 261 -42.10 3.89 10.83
C GLU B 261 -42.84 2.61 11.24
N CYS B 262 -42.25 1.88 12.19
CA CYS B 262 -42.80 0.65 12.71
C CYS B 262 -44.21 0.89 13.35
N LEU B 263 -44.29 1.88 14.23
CA LEU B 263 -45.54 2.18 14.90
C LEU B 263 -46.60 2.78 13.96
N PHE B 264 -46.20 3.62 13.01
CA PHE B 264 -47.16 4.19 12.05
C PHE B 264 -47.87 3.04 11.30
N ARG B 265 -47.10 2.06 10.86
CA ARG B 265 -47.62 0.89 10.14
C ARG B 265 -48.58 0.07 11.04
N ARG B 266 -48.17 -0.18 12.28
CA ARG B 266 -49.02 -0.94 13.21
C ARG B 266 -50.35 -0.26 13.48
N TYR B 267 -50.27 1.03 13.82
CA TYR B 267 -51.46 1.80 14.14
C TYR B 267 -52.43 1.87 12.96
N THR B 268 -51.93 2.14 11.76
CA THR B 268 -52.82 2.19 10.61
C THR B 268 -53.37 0.80 10.28
N GLU B 269 -52.57 -0.26 10.47
CA GLU B 269 -53.06 -1.63 10.23
C GLU B 269 -54.19 -1.97 11.21
N SER B 270 -54.11 -1.41 12.42
CA SER B 270 -55.09 -1.64 13.46
C SER B 270 -56.35 -0.78 13.28
N GLY B 271 -56.39 0.02 12.20
CA GLY B 271 -57.55 0.87 11.95
C GLY B 271 -57.44 2.36 12.22
N MET B 272 -56.34 2.81 12.81
CA MET B 272 -56.16 4.24 13.08
C MET B 272 -56.00 5.02 11.78
N SER B 273 -56.63 6.18 11.67
CA SER B 273 -56.50 6.98 10.47
C SER B 273 -55.03 7.41 10.30
N GLU B 274 -54.63 7.76 9.10
CA GLU B 274 -53.25 8.19 8.86
C GLU B 274 -52.87 9.45 9.67
N ASP B 275 -53.81 10.39 9.75
CA ASP B 275 -53.58 11.63 10.49
C ASP B 275 -53.27 11.34 11.96
N LEU B 276 -54.08 10.48 12.57
CA LEU B 276 -53.91 10.13 13.96
C LEU B 276 -52.71 9.23 14.19
N ALA B 277 -52.38 8.39 13.22
CA ALA B 277 -51.22 7.52 13.36
C ALA B 277 -49.93 8.34 13.33
N TYR B 278 -49.90 9.42 12.55
CA TYR B 278 -48.72 10.27 12.48
C TYR B 278 -48.64 11.07 13.77
N LYS B 279 -49.77 11.61 14.22
CA LYS B 279 -49.81 12.38 15.46
C LYS B 279 -49.39 11.53 16.67
N ASN B 280 -49.89 10.31 16.73
CA ASN B 280 -49.60 9.38 17.82
C ASN B 280 -48.19 8.81 17.81
N THR B 281 -47.43 9.11 16.76
CA THR B 281 -46.04 8.64 16.66
C THR B 281 -45.05 9.82 16.63
N VAL B 282 -44.93 10.46 15.47
CA VAL B 282 -43.98 11.56 15.30
C VAL B 282 -44.29 12.80 16.15
N GLU B 283 -45.52 13.30 16.07
CA GLU B 283 -45.88 14.50 16.84
C GLU B 283 -45.74 14.25 18.35
N CYS B 284 -46.23 13.09 18.79
CA CYS B 284 -46.15 12.67 20.19
C CYS B 284 -44.69 12.63 20.71
N ILE B 285 -43.82 11.93 20.00
CA ILE B 285 -42.44 11.85 20.42
C ILE B 285 -41.71 13.19 20.37
N THR B 286 -41.82 13.89 19.24
CA THR B 286 -41.10 15.16 19.06
C THR B 286 -41.68 16.36 19.77
N GLY B 287 -42.90 16.24 20.30
CA GLY B 287 -43.53 17.33 21.00
C GLY B 287 -43.59 17.11 22.49
N VAL B 288 -44.76 16.66 22.97
CA VAL B 288 -44.96 16.43 24.40
C VAL B 288 -43.98 15.48 25.11
N ILE B 289 -43.63 14.36 24.48
CA ILE B 289 -42.67 13.43 25.11
C ILE B 289 -41.30 14.14 25.34
N SER B 290 -40.79 14.79 24.29
CA SER B 290 -39.52 15.49 24.37
C SER B 290 -39.55 16.61 25.39
N LYS B 291 -40.64 17.39 25.40
CA LYS B 291 -40.79 18.48 26.38
C LYS B 291 -40.77 17.93 27.81
N THR B 292 -41.50 16.85 28.05
CA THR B 292 -41.54 16.26 29.38
C THR B 292 -40.18 15.76 29.81
N ILE B 293 -39.51 15.00 28.96
CA ILE B 293 -38.19 14.48 29.31
C ILE B 293 -37.15 15.60 29.45
N SER B 294 -37.25 16.63 28.61
CA SER B 294 -36.33 17.77 28.62
C SER B 294 -36.22 18.49 29.95
N THR B 295 -37.36 18.75 30.57
CA THR B 295 -37.32 19.47 31.83
C THR B 295 -37.84 18.72 33.07
N LYS B 296 -38.59 17.64 32.88
CA LYS B 296 -39.10 16.89 34.04
C LYS B 296 -38.52 15.47 34.20
N GLY B 297 -38.13 14.84 33.09
CA GLY B 297 -37.56 13.49 33.15
C GLY B 297 -38.49 12.38 32.72
N MET B 298 -37.93 11.17 32.54
CA MET B 298 -38.69 9.98 32.11
C MET B 298 -39.67 9.46 33.17
N LEU B 299 -39.29 9.55 34.45
CA LEU B 299 -40.18 9.08 35.52
C LEU B 299 -41.41 9.97 35.55
N ALA B 300 -41.16 11.27 35.47
CA ALA B 300 -42.23 12.25 35.45
C ALA B 300 -43.18 11.96 34.30
N LEU B 301 -42.65 11.57 33.14
CA LEU B 301 -43.50 11.24 32.01
C LEU B 301 -44.41 10.05 32.38
N TYR B 302 -43.83 9.00 32.96
CA TYR B 302 -44.61 7.83 33.33
C TYR B 302 -45.71 8.20 34.34
N ASN B 303 -45.34 8.96 35.37
CA ASN B 303 -46.27 9.38 36.41
C ASN B 303 -47.40 10.26 35.89
N SER B 304 -47.20 10.91 34.75
CA SER B 304 -48.22 11.76 34.17
C SER B 304 -49.34 10.93 33.50
N LEU B 305 -49.14 9.61 33.41
CA LEU B 305 -50.11 8.75 32.75
C LEU B 305 -51.20 8.30 33.71
N SER B 306 -52.37 8.02 33.17
CA SER B 306 -53.49 7.52 33.93
C SER B 306 -53.08 6.09 34.26
N GLU B 307 -53.83 5.41 35.10
CA GLU B 307 -53.48 4.05 35.43
C GLU B 307 -53.62 3.11 34.21
N GLU B 308 -54.56 3.40 33.30
CA GLU B 308 -54.68 2.58 32.11
C GLU B 308 -53.49 2.92 31.18
N GLY B 309 -53.09 4.19 31.18
CA GLY B 309 -51.96 4.60 30.37
C GLY B 309 -50.69 3.91 30.83
N LYS B 310 -50.53 3.79 32.15
CA LYS B 310 -49.36 3.13 32.72
C LYS B 310 -49.31 1.67 32.31
N LYS B 311 -50.48 1.00 32.24
CA LYS B 311 -50.54 -0.41 31.83
C LYS B 311 -50.11 -0.55 30.36
N ASP B 312 -50.56 0.37 29.52
CA ASP B 312 -50.18 0.36 28.09
C ASP B 312 -48.68 0.64 27.94
N PHE B 313 -48.18 1.59 28.72
CA PHE B 313 -46.76 1.91 28.72
C PHE B 313 -45.98 0.67 29.10
N GLN B 314 -46.43 -0.04 30.14
CA GLN B 314 -45.74 -1.23 30.61
C GLN B 314 -45.67 -2.34 29.57
N ALA B 315 -46.76 -2.58 28.86
CA ALA B 315 -46.79 -3.61 27.82
C ALA B 315 -45.78 -3.27 26.72
N ALA B 316 -45.77 -2.02 26.29
CA ALA B 316 -44.85 -1.58 25.25
C ALA B 316 -43.38 -1.65 25.71
N TYR B 317 -43.11 -1.18 26.92
CA TYR B 317 -41.74 -1.17 27.46
C TYR B 317 -41.21 -2.61 27.65
N SER B 318 -42.02 -3.45 28.28
CA SER B 318 -41.66 -4.84 28.55
C SER B 318 -41.36 -5.63 27.29
N ALA B 319 -42.11 -5.36 26.22
CA ALA B 319 -41.90 -6.06 24.96
C ALA B 319 -40.77 -5.51 24.08
N SER B 320 -40.50 -4.21 24.20
CA SER B 320 -39.50 -3.53 23.36
C SER B 320 -38.07 -3.45 23.87
N TYR B 321 -37.91 -3.49 25.19
CA TYR B 321 -36.60 -3.34 25.80
C TYR B 321 -35.48 -4.24 25.29
N TYR B 322 -35.65 -5.56 25.33
CA TYR B 322 -34.61 -6.47 24.86
C TYR B 322 -34.38 -6.48 23.34
N PRO B 323 -35.45 -6.45 22.50
CA PRO B 323 -35.21 -6.43 21.05
C PRO B 323 -34.42 -5.15 20.69
N SER B 324 -34.75 -4.03 21.35
CA SER B 324 -34.03 -2.77 21.12
C SER B 324 -32.55 -2.92 21.53
N MET B 325 -32.31 -3.49 22.71
CA MET B 325 -30.95 -3.70 23.22
C MET B 325 -30.14 -4.60 22.27
N ASP B 326 -30.81 -5.59 21.67
CA ASP B 326 -30.17 -6.52 20.72
C ASP B 326 -29.46 -5.73 19.60
N ILE B 327 -30.20 -4.83 18.93
CA ILE B 327 -29.62 -4.04 17.83
C ILE B 327 -28.58 -3.04 18.35
N LEU B 328 -28.87 -2.40 19.48
CA LEU B 328 -27.93 -1.43 20.04
C LEU B 328 -26.58 -2.09 20.38
N TYR B 329 -26.63 -3.28 20.99
CA TYR B 329 -25.45 -4.08 21.38
C TYR B 329 -24.61 -4.37 20.13
N GLU B 330 -25.28 -4.84 19.07
CA GLU B 330 -24.64 -5.13 17.78
C GLU B 330 -23.96 -3.85 17.20
N CYS B 331 -24.72 -2.75 17.13
CA CYS B 331 -24.20 -1.50 16.61
C CYS B 331 -22.95 -1.01 17.37
N TYR B 332 -23.04 -0.97 18.70
CA TYR B 332 -21.91 -0.53 19.52
C TYR B 332 -20.63 -1.33 19.20
N GLU B 333 -20.74 -2.66 19.19
CA GLU B 333 -19.57 -3.52 18.93
C GLU B 333 -18.99 -3.32 17.52
N ASP B 334 -19.83 -3.03 16.53
CA ASP B 334 -19.33 -2.77 15.15
C ASP B 334 -18.57 -1.45 15.11
N VAL B 335 -18.96 -0.50 15.97
CA VAL B 335 -18.28 0.79 16.05
C VAL B 335 -16.93 0.62 16.75
N ALA B 336 -16.93 -0.06 17.89
CA ALA B 336 -15.70 -0.26 18.64
C ALA B 336 -14.68 -1.13 17.93
N SER B 337 -15.14 -2.10 17.15
CA SER B 337 -14.24 -3.01 16.44
C SER B 337 -13.56 -2.39 15.20
N GLY B 338 -14.15 -1.34 14.64
CA GLY B 338 -13.59 -0.73 13.44
C GLY B 338 -14.40 -1.03 12.19
N SER B 339 -15.27 -2.03 12.24
CA SER B 339 -16.09 -2.39 11.07
C SER B 339 -16.90 -1.18 10.54
N GLU B 340 -17.58 -0.47 11.44
CA GLU B 340 -18.42 0.66 11.02
C GLU B 340 -17.63 1.86 10.47
N ILE B 341 -16.49 2.16 11.09
CA ILE B 341 -15.67 3.28 10.60
C ILE B 341 -15.22 3.00 9.16
N ARG B 342 -14.75 1.78 8.90
CA ARG B 342 -14.33 1.39 7.55
C ARG B 342 -15.50 1.51 6.56
N SER B 343 -16.68 1.04 6.96
CA SER B 343 -17.88 1.14 6.10
C SER B 343 -18.15 2.61 5.68
N VAL B 344 -17.97 3.53 6.61
CA VAL B 344 -18.22 4.95 6.32
C VAL B 344 -17.18 5.50 5.34
N VAL B 345 -15.92 5.09 5.50
CA VAL B 345 -14.85 5.55 4.63
C VAL B 345 -15.13 5.04 3.21
N LEU B 346 -15.49 3.77 3.08
CA LEU B 346 -15.77 3.23 1.74
C LEU B 346 -17.03 3.86 1.12
N ALA B 347 -18.06 4.13 1.92
CA ALA B 347 -19.30 4.74 1.41
C ALA B 347 -18.99 6.12 0.79
N GLY B 348 -18.08 6.87 1.41
CA GLY B 348 -17.70 8.18 0.88
C GLY B 348 -17.16 8.07 -0.54
N ARG B 349 -16.39 7.00 -0.82
CA ARG B 349 -15.82 6.82 -2.16
C ARG B 349 -16.86 6.43 -3.20
N ARG B 350 -17.95 5.79 -2.77
CA ARG B 350 -18.98 5.37 -3.71
C ARG B 350 -19.89 6.51 -4.16
N PHE B 351 -19.68 7.70 -3.59
CA PHE B 351 -20.46 8.88 -3.99
C PHE B 351 -19.98 9.32 -5.38
N TYR B 352 -18.84 8.80 -5.82
CA TYR B 352 -18.26 9.12 -7.12
C TYR B 352 -18.05 7.87 -7.96
N GLU B 353 -18.01 8.05 -9.28
CA GLU B 353 -17.80 6.92 -10.18
C GLU B 353 -16.40 6.34 -10.04
N LYS B 354 -16.30 5.02 -10.01
CA LYS B 354 -15.02 4.34 -9.94
C LYS B 354 -15.23 2.88 -10.34
N GLU B 355 -14.16 2.22 -10.80
CA GLU B 355 -14.21 0.81 -11.20
C GLU B 355 -15.27 0.49 -12.26
N GLY B 356 -15.62 1.47 -13.09
CA GLY B 356 -16.60 1.25 -14.13
C GLY B 356 -18.03 1.20 -13.63
N LEU B 357 -18.25 1.58 -12.37
CA LEU B 357 -19.59 1.58 -11.74
C LEU B 357 -20.13 3.02 -11.53
N PRO B 358 -21.45 3.16 -11.37
CA PRO B 358 -22.06 4.48 -11.16
C PRO B 358 -21.70 5.10 -9.82
N ALA B 359 -21.99 6.40 -9.69
CA ALA B 359 -21.80 7.14 -8.45
C ALA B 359 -23.12 6.99 -7.70
N PHE B 360 -23.08 6.83 -6.39
CA PHE B 360 -24.30 6.66 -5.59
C PHE B 360 -24.41 7.64 -4.43
N PRO B 361 -24.76 8.90 -4.71
CA PRO B 361 -24.90 9.85 -3.59
C PRO B 361 -26.12 9.46 -2.76
N MET B 362 -26.20 9.97 -1.54
CA MET B 362 -27.37 9.63 -0.67
C MET B 362 -28.64 10.17 -1.30
N GLY B 363 -29.73 9.43 -1.16
CA GLY B 363 -31.01 9.86 -1.71
C GLY B 363 -31.90 10.46 -0.65
N LYS B 364 -33.17 10.65 -0.98
CA LYS B 364 -34.14 11.23 -0.05
C LYS B 364 -34.85 10.15 0.77
N ILE B 365 -35.08 10.47 2.05
CA ILE B 365 -35.75 9.53 2.97
C ILE B 365 -37.15 9.96 3.42
N ASP B 366 -37.62 11.11 2.92
CA ASP B 366 -38.92 11.62 3.36
C ASP B 366 -40.00 11.73 2.29
N GLN B 367 -39.90 10.93 1.23
CA GLN B 367 -40.91 11.03 0.17
C GLN B 367 -41.91 9.87 0.21
N THR B 368 -41.78 9.01 1.22
CA THR B 368 -42.68 7.87 1.41
C THR B 368 -44.01 8.23 2.10
N ARG B 369 -44.92 7.26 2.17
CA ARG B 369 -46.26 7.45 2.76
C ARG B 369 -46.38 8.28 4.03
N MET B 370 -45.84 7.82 5.15
CA MET B 370 -46.02 8.56 6.40
C MET B 370 -45.49 9.99 6.41
N TRP B 371 -44.48 10.28 5.58
CA TRP B 371 -43.90 11.62 5.52
C TRP B 371 -44.76 12.57 4.68
N LYS B 372 -45.39 12.05 3.62
CA LYS B 372 -46.31 12.86 2.81
C LYS B 372 -47.52 13.20 3.72
N VAL B 373 -47.90 12.25 4.58
CA VAL B 373 -48.99 12.46 5.55
C VAL B 373 -48.58 13.58 6.51
N GLY B 374 -47.33 13.54 6.97
CA GLY B 374 -46.81 14.56 7.87
C GLY B 374 -46.91 15.97 7.34
N GLU B 375 -46.63 16.15 6.06
CA GLU B 375 -46.73 17.47 5.42
C GLU B 375 -48.15 17.97 5.60
N LYS B 376 -49.12 17.08 5.40
CA LYS B 376 -50.53 17.45 5.52
C LYS B 376 -50.91 17.75 6.96
N VAL B 377 -50.41 16.97 7.91
CA VAL B 377 -50.68 17.20 9.33
C VAL B 377 -50.12 18.59 9.73
N ARG B 378 -48.88 18.88 9.34
CA ARG B 378 -48.29 20.16 9.68
C ARG B 378 -48.98 21.36 9.01
N SER B 379 -49.53 21.16 7.82
CA SER B 379 -50.21 22.25 7.11
C SER B 379 -51.40 22.85 7.87
N VAL B 380 -52.00 22.08 8.78
CA VAL B 380 -53.16 22.55 9.55
C VAL B 380 -52.89 22.55 11.03
N ARG B 381 -51.63 22.35 11.40
CA ARG B 381 -51.24 22.35 12.81
C ARG B 381 -51.26 23.78 13.39
N PRO B 382 -51.98 23.97 14.50
CA PRO B 382 -52.05 25.29 15.14
C PRO B 382 -50.71 25.64 15.83
N ALA B 383 -50.43 26.91 16.00
CA ALA B 383 -49.17 27.31 16.64
C ALA B 383 -49.16 26.82 18.10
N GLY B 384 -48.00 26.35 18.57
CA GLY B 384 -47.89 25.87 19.93
C GLY B 384 -48.37 24.44 20.19
N ASP B 385 -48.87 23.78 19.16
CA ASP B 385 -49.36 22.40 19.28
C ASP B 385 -48.16 21.49 19.54
N LEU B 386 -48.25 20.66 20.58
CA LEU B 386 -47.22 19.71 21.03
C LEU B 386 -47.56 18.23 20.76
N GLY B 387 -48.69 17.98 20.11
CA GLY B 387 -49.09 16.62 19.79
C GLY B 387 -49.78 15.90 20.95
N PRO B 388 -50.28 14.68 20.69
CA PRO B 388 -50.97 13.88 21.71
C PRO B 388 -50.00 13.07 22.55
N LEU B 389 -50.44 12.60 23.71
CA LEU B 389 -49.57 11.77 24.51
C LEU B 389 -50.18 10.39 24.39
N TYR B 390 -49.58 9.54 23.56
CA TYR B 390 -50.09 8.19 23.34
C TYR B 390 -49.21 7.23 24.18
N PRO B 391 -49.76 6.67 25.27
CA PRO B 391 -48.98 5.76 26.13
C PRO B 391 -48.16 4.64 25.52
N PHE B 392 -48.70 3.89 24.55
CA PHE B 392 -47.95 2.80 23.93
C PHE B 392 -46.69 3.34 23.24
N THR B 393 -46.81 4.47 22.55
CA THR B 393 -45.67 5.09 21.89
C THR B 393 -44.60 5.51 22.89
N ALA B 394 -45.03 6.09 24.02
CA ALA B 394 -44.07 6.50 25.06
C ALA B 394 -43.29 5.30 25.60
N GLY B 395 -43.98 4.17 25.76
CA GLY B 395 -43.35 2.95 26.27
C GLY B 395 -42.26 2.39 25.37
N VAL B 396 -42.50 2.41 24.07
CA VAL B 396 -41.51 1.90 23.11
C VAL B 396 -40.30 2.84 23.11
N TYR B 397 -40.56 4.14 22.99
CA TYR B 397 -39.51 5.16 22.94
C TYR B 397 -38.63 5.16 24.20
N VAL B 398 -39.28 5.19 25.37
CA VAL B 398 -38.55 5.18 26.64
C VAL B 398 -37.78 3.86 26.86
N ALA B 399 -38.33 2.73 26.41
CA ALA B 399 -37.61 1.47 26.58
C ALA B 399 -36.31 1.50 25.78
N LEU B 400 -36.35 2.01 24.55
CA LEU B 400 -35.12 2.06 23.74
C LEU B 400 -34.12 3.04 24.36
N MET B 401 -34.62 4.16 24.88
CA MET B 401 -33.77 5.15 25.55
C MET B 401 -33.05 4.49 26.73
N MET B 402 -33.79 3.75 27.55
CA MET B 402 -33.20 3.06 28.70
C MET B 402 -32.25 1.94 28.29
N ALA B 403 -32.57 1.22 27.21
CA ALA B 403 -31.70 0.14 26.73
C ALA B 403 -30.36 0.72 26.26
N GLN B 404 -30.40 1.87 25.58
CA GLN B 404 -29.19 2.54 25.12
C GLN B 404 -28.32 2.98 26.34
N ILE B 405 -28.97 3.50 27.38
CA ILE B 405 -28.26 3.90 28.61
C ILE B 405 -27.55 2.69 29.21
N GLU B 406 -28.24 1.56 29.30
CA GLU B 406 -27.64 0.34 29.85
C GLU B 406 -26.47 -0.16 29.01
N ILE B 407 -26.59 -0.13 27.69
CA ILE B 407 -25.46 -0.58 26.84
C ILE B 407 -24.21 0.29 27.12
N LEU B 408 -24.35 1.61 27.10
CA LEU B 408 -23.22 2.52 27.35
C LEU B 408 -22.65 2.34 28.76
N ARG B 409 -23.53 2.06 29.71
CA ARG B 409 -23.18 1.83 31.11
C ARG B 409 -22.30 0.56 31.17
N LYS B 410 -22.80 -0.54 30.62
CA LYS B 410 -22.05 -1.79 30.60
C LYS B 410 -20.75 -1.74 29.77
N LYS B 411 -20.68 -0.85 28.77
CA LYS B 411 -19.48 -0.73 27.95
C LYS B 411 -18.47 0.30 28.51
N GLY B 412 -18.75 0.83 29.69
CA GLY B 412 -17.83 1.74 30.36
C GLY B 412 -17.82 3.25 30.22
N HIS B 413 -18.94 3.85 29.82
CA HIS B 413 -19.00 5.29 29.64
C HIS B 413 -19.41 6.08 30.86
N SER B 414 -18.97 7.34 30.94
CA SER B 414 -19.31 8.22 32.06
C SER B 414 -20.77 8.67 31.98
N TYR B 415 -21.40 9.00 33.12
CA TYR B 415 -22.78 9.45 33.11
C TYR B 415 -22.99 10.74 32.32
N SER B 416 -22.03 11.67 32.33
CA SER B 416 -22.20 12.93 31.56
C SER B 416 -22.32 12.59 30.08
N GLU B 417 -21.46 11.67 29.62
CA GLU B 417 -21.43 11.25 28.23
C GLU B 417 -22.70 10.45 27.88
N ILE B 418 -23.09 9.52 28.76
CA ILE B 418 -24.28 8.71 28.54
C ILE B 418 -25.54 9.57 28.44
N ILE B 419 -25.74 10.46 29.40
CA ILE B 419 -26.93 11.30 29.41
C ILE B 419 -27.07 12.27 28.21
N ASN B 420 -25.96 12.84 27.75
CA ASN B 420 -26.00 13.75 26.61
C ASN B 420 -26.29 13.01 25.30
N GLU B 421 -25.62 11.88 25.09
CA GLU B 421 -25.78 11.08 23.90
C GLU B 421 -27.09 10.28 23.81
N SER B 422 -27.70 10.01 24.96
CA SER B 422 -28.91 9.20 24.98
C SER B 422 -30.19 9.92 25.38
N VAL B 423 -30.06 11.10 26.00
CA VAL B 423 -31.24 11.83 26.46
C VAL B 423 -31.30 13.29 26.04
N ILE B 424 -30.37 14.10 26.56
CA ILE B 424 -30.36 15.54 26.28
C ILE B 424 -30.35 15.95 24.80
N GLU B 425 -29.43 15.39 24.01
CA GLU B 425 -29.35 15.77 22.61
C GLU B 425 -30.64 15.51 21.83
N ALA B 426 -31.25 14.35 22.08
CA ALA B 426 -32.50 13.98 21.40
C ALA B 426 -33.60 15.01 21.62
N VAL B 427 -33.87 15.31 22.87
CA VAL B 427 -34.96 16.23 23.19
C VAL B 427 -34.70 17.73 23.03
N ASP B 428 -33.46 18.19 23.19
CA ASP B 428 -33.17 19.63 23.09
C ASP B 428 -32.61 20.07 21.75
N SER B 429 -31.91 19.17 21.08
CA SER B 429 -31.32 19.52 19.81
C SER B 429 -32.02 19.00 18.56
N LEU B 430 -32.25 17.69 18.52
CA LEU B 430 -32.79 17.02 17.35
C LEU B 430 -34.28 16.99 17.10
N ASN B 431 -35.04 16.46 18.05
CA ASN B 431 -36.49 16.35 17.89
C ASN B 431 -37.22 17.62 17.42
N PRO B 432 -36.80 18.81 17.89
CA PRO B 432 -37.49 20.02 17.43
C PRO B 432 -37.44 20.15 15.91
N PHE B 433 -36.39 19.62 15.28
CA PHE B 433 -36.31 19.71 13.83
C PHE B 433 -37.28 18.76 13.14
N MET B 434 -37.52 17.59 13.72
CA MET B 434 -38.47 16.65 13.13
C MET B 434 -39.90 17.16 13.36
N HIS B 435 -40.12 17.84 14.49
CA HIS B 435 -41.44 18.42 14.77
C HIS B 435 -41.69 19.54 13.76
N ALA B 436 -40.65 20.32 13.47
CA ALA B 436 -40.79 21.41 12.52
C ALA B 436 -41.00 21.00 11.06
N ARG B 437 -40.33 19.95 10.59
CA ARG B 437 -40.51 19.58 9.19
C ARG B 437 -40.23 18.13 8.78
N GLY B 438 -40.47 17.17 9.66
CA GLY B 438 -40.26 15.78 9.27
C GLY B 438 -38.86 15.22 9.51
N VAL B 439 -38.72 13.93 9.22
CA VAL B 439 -37.46 13.23 9.42
C VAL B 439 -36.22 13.76 8.66
N SER B 440 -36.38 14.25 7.44
CA SER B 440 -35.23 14.74 6.70
C SER B 440 -34.67 16.05 7.31
N PHE B 441 -35.55 16.94 7.76
CA PHE B 441 -35.12 18.21 8.37
C PHE B 441 -34.27 17.97 9.62
N MET B 442 -34.42 16.78 10.21
CA MET B 442 -33.63 16.41 11.38
C MET B 442 -32.35 15.68 10.91
N VAL B 443 -32.53 14.50 10.32
CA VAL B 443 -31.42 13.67 9.86
C VAL B 443 -30.43 14.35 8.91
N ASP B 444 -30.93 14.92 7.83
CA ASP B 444 -30.05 15.51 6.85
C ASP B 444 -29.31 16.81 7.21
N ASN B 445 -29.62 17.36 8.38
CA ASN B 445 -28.93 18.55 8.88
C ASN B 445 -27.73 18.10 9.74
N CYS B 446 -27.58 16.78 9.89
CA CYS B 446 -26.47 16.21 10.65
C CYS B 446 -25.32 15.84 9.70
N SER B 447 -24.25 15.25 10.22
CA SER B 447 -23.06 14.90 9.40
C SER B 447 -23.24 13.80 8.38
N THR B 448 -22.31 13.71 7.44
CA THR B 448 -22.32 12.66 6.42
C THR B 448 -22.31 11.33 7.19
N THR B 449 -21.44 11.21 8.19
CA THR B 449 -21.36 9.99 8.99
C THR B 449 -22.69 9.63 9.66
N ALA B 450 -23.38 10.61 10.21
CA ALA B 450 -24.67 10.37 10.88
C ALA B 450 -25.79 10.06 9.89
N ARG B 451 -25.75 10.70 8.72
CA ARG B 451 -26.76 10.49 7.68
C ARG B 451 -26.70 9.07 7.12
N LEU B 452 -25.49 8.57 6.91
CA LEU B 452 -25.28 7.20 6.43
C LEU B 452 -25.71 6.25 7.54
N GLY B 453 -25.33 6.59 8.78
CA GLY B 453 -25.69 5.76 9.93
C GLY B 453 -27.20 5.60 10.10
N SER B 454 -27.92 6.72 10.03
CA SER B 454 -29.37 6.68 10.20
C SER B 454 -30.02 5.78 9.13
N ARG B 455 -29.56 5.91 7.90
CA ARG B 455 -30.09 5.11 6.79
C ARG B 455 -29.79 3.61 6.97
N LYS B 456 -28.61 3.28 7.49
CA LYS B 456 -28.23 1.88 7.67
C LYS B 456 -28.88 1.18 8.85
N TRP B 457 -29.14 1.92 9.92
CA TRP B 457 -29.70 1.32 11.13
C TRP B 457 -31.19 1.49 11.42
N ALA B 458 -31.82 2.53 10.90
CA ALA B 458 -33.26 2.70 11.11
C ALA B 458 -34.02 1.44 10.66
N PRO B 459 -33.69 0.86 9.48
CA PRO B 459 -34.41 -0.33 9.04
C PRO B 459 -34.27 -1.50 10.02
N ARG B 460 -33.12 -1.61 10.69
CA ARG B 460 -32.85 -2.68 11.66
C ARG B 460 -33.79 -2.60 12.87
N PHE B 461 -33.98 -1.39 13.38
CA PHE B 461 -34.88 -1.20 14.53
C PHE B 461 -36.34 -1.46 14.14
N ASP B 462 -36.72 -1.02 12.95
CA ASP B 462 -38.06 -1.20 12.42
C ASP B 462 -38.37 -2.72 12.36
N TYR B 463 -37.49 -3.48 11.70
CA TYR B 463 -37.69 -4.94 11.56
C TYR B 463 -37.70 -5.72 12.89
N ILE B 464 -36.75 -5.44 13.79
CA ILE B 464 -36.74 -6.18 15.05
C ILE B 464 -37.95 -5.88 15.92
N LEU B 465 -38.39 -4.62 15.93
CA LEU B 465 -39.57 -4.28 16.72
C LEU B 465 -40.81 -4.95 16.13
N SER B 466 -40.97 -4.96 14.79
CA SER B 466 -42.13 -5.61 14.18
C SER B 466 -42.10 -7.12 14.41
N GLN B 467 -40.93 -7.74 14.24
CA GLN B 467 -40.77 -9.18 14.39
C GLN B 467 -40.84 -9.79 15.79
N GLN B 468 -40.29 -9.07 16.77
CA GLN B 468 -40.23 -9.60 18.16
C GLN B 468 -41.11 -8.87 19.17
N ALA B 469 -40.86 -7.57 19.34
CA ALA B 469 -41.62 -6.79 20.32
C ALA B 469 -43.14 -6.77 20.05
N LEU B 470 -43.55 -6.38 18.84
CA LEU B 470 -44.97 -6.28 18.55
C LEU B 470 -45.67 -7.64 18.50
N VAL B 471 -44.94 -8.67 18.09
CA VAL B 471 -45.48 -10.03 18.03
C VAL B 471 -45.72 -10.48 19.48
N ALA B 472 -44.79 -10.16 20.39
CA ALA B 472 -44.93 -10.52 21.80
C ALA B 472 -46.17 -9.88 22.41
N VAL B 473 -46.43 -8.61 22.07
CA VAL B 473 -47.63 -7.91 22.56
C VAL B 473 -48.90 -8.63 22.02
N ASP B 474 -48.91 -8.95 20.74
CA ASP B 474 -50.04 -9.64 20.13
C ASP B 474 -50.26 -11.07 20.69
N ASN B 475 -49.20 -11.71 21.13
CA ASN B 475 -49.28 -13.07 21.71
C ASN B 475 -49.59 -13.05 23.22
N GLY B 476 -49.76 -11.84 23.77
CA GLY B 476 -50.07 -11.69 25.19
C GLY B 476 -48.94 -12.02 26.16
N ALA B 477 -47.71 -11.66 25.82
CA ALA B 477 -46.56 -11.92 26.67
C ALA B 477 -46.76 -11.27 28.03
N PRO B 478 -46.40 -11.97 29.14
CA PRO B 478 -46.61 -11.32 30.44
C PRO B 478 -45.71 -10.12 30.60
N ILE B 479 -46.09 -9.17 31.45
CA ILE B 479 -45.26 -7.99 31.72
C ILE B 479 -44.07 -8.43 32.58
N ASN B 480 -42.85 -8.06 32.20
CA ASN B 480 -41.64 -8.42 32.96
C ASN B 480 -41.58 -7.44 34.14
N GLN B 481 -42.13 -7.86 35.27
CA GLN B 481 -42.21 -7.00 36.46
C GLN B 481 -40.86 -6.48 36.95
N ASP B 482 -39.83 -7.32 36.90
CA ASP B 482 -38.51 -6.87 37.33
C ASP B 482 -37.95 -5.73 36.48
N LEU B 483 -38.20 -5.82 35.17
CA LEU B 483 -37.76 -4.82 34.21
C LEU B 483 -38.42 -3.49 34.55
N ILE B 484 -39.74 -3.52 34.75
CA ILE B 484 -40.51 -2.34 35.10
C ILE B 484 -40.03 -1.76 36.44
N SER B 485 -39.86 -2.63 37.43
CA SER B 485 -39.38 -2.23 38.74
C SER B 485 -38.01 -1.51 38.60
N ASN B 486 -37.09 -2.09 37.83
CA ASN B 486 -35.76 -1.49 37.62
C ASN B 486 -35.81 -0.15 36.89
N PHE B 487 -36.77 0.02 35.98
CA PHE B 487 -36.91 1.29 35.28
C PHE B 487 -37.31 2.33 36.31
N LEU B 488 -38.25 1.98 37.19
CA LEU B 488 -38.75 2.91 38.18
C LEU B 488 -37.72 3.37 39.20
N SER B 489 -36.81 2.49 39.58
CA SER B 489 -35.77 2.82 40.55
C SER B 489 -34.39 3.11 39.95
N ASP B 490 -34.29 3.12 38.63
CA ASP B 490 -33.00 3.34 37.98
C ASP B 490 -32.30 4.64 38.42
N PRO B 491 -31.02 4.54 38.81
CA PRO B 491 -30.24 5.70 39.27
C PRO B 491 -30.01 6.79 38.20
N VAL B 492 -30.26 6.46 36.94
CA VAL B 492 -30.05 7.47 35.90
C VAL B 492 -31.04 8.63 36.02
N HIS B 493 -32.20 8.38 36.60
CA HIS B 493 -33.21 9.43 36.70
C HIS B 493 -32.74 10.63 37.53
N GLU B 494 -32.19 10.38 38.70
CA GLU B 494 -31.70 11.49 39.51
C GLU B 494 -30.52 12.19 38.82
N ALA B 495 -29.67 11.40 38.17
CA ALA B 495 -28.52 11.93 37.45
C ALA B 495 -28.99 12.91 36.36
N ILE B 496 -30.05 12.54 35.65
CA ILE B 496 -30.61 13.40 34.60
C ILE B 496 -31.13 14.69 35.23
N GLY B 497 -31.68 14.57 36.44
CA GLY B 497 -32.18 15.75 37.15
C GLY B 497 -31.05 16.73 37.46
N VAL B 498 -29.92 16.20 37.91
CA VAL B 498 -28.78 17.06 38.20
C VAL B 498 -28.33 17.80 36.94
N CYS B 499 -28.20 17.08 35.82
CA CYS B 499 -27.79 17.72 34.57
C CYS B 499 -28.76 18.81 34.10
N ALA B 500 -30.07 18.57 34.28
CA ALA B 500 -31.10 19.52 33.89
C ALA B 500 -30.96 20.85 34.61
N GLN B 501 -30.43 20.82 35.84
CA GLN B 501 -30.22 22.04 36.61
C GLN B 501 -29.22 22.96 35.88
N LEU B 502 -28.31 22.37 35.10
CA LEU B 502 -27.31 23.10 34.34
C LEU B 502 -27.83 23.63 33.00
N ARG B 503 -29.11 23.40 32.73
CA ARG B 503 -29.71 23.80 31.45
C ARG B 503 -30.36 25.18 31.41
N PRO B 504 -29.90 26.07 30.50
CA PRO B 504 -30.53 27.39 30.44
C PRO B 504 -32.03 27.26 30.17
N SER B 505 -32.80 28.25 30.61
CA SER B 505 -34.22 28.24 30.38
C SER B 505 -34.49 28.89 29.01
N VAL B 506 -34.02 28.21 27.95
CA VAL B 506 -34.18 28.67 26.57
C VAL B 506 -34.53 27.42 25.75
N ASP B 507 -35.59 27.49 24.96
CA ASP B 507 -35.99 26.35 24.14
C ASP B 507 -35.73 26.71 22.69
N ILE B 508 -35.03 25.86 21.95
CA ILE B 508 -34.72 26.16 20.55
C ILE B 508 -35.96 26.50 19.73
N SER B 509 -35.86 27.57 18.95
CA SER B 509 -36.94 28.05 18.12
C SER B 509 -36.68 27.69 16.67
N VAL B 510 -37.41 26.71 16.14
CA VAL B 510 -37.22 26.25 14.77
C VAL B 510 -38.55 26.11 14.01
N THR B 511 -38.61 26.61 12.77
CA THR B 511 -39.81 26.49 11.94
C THR B 511 -39.40 25.95 10.56
N ALA B 512 -40.38 25.54 9.76
CA ALA B 512 -40.12 24.98 8.45
C ALA B 512 -39.24 25.88 7.57
N ASP B 513 -39.41 27.19 7.69
CA ASP B 513 -38.63 28.11 6.88
C ASP B 513 -37.33 28.62 7.51
N ALA B 514 -36.76 27.85 8.43
CA ALA B 514 -35.51 28.23 9.09
C ALA B 514 -34.44 28.54 8.03
N ASP B 515 -33.71 29.64 8.23
CA ASP B 515 -32.66 30.00 7.29
C ASP B 515 -31.25 29.63 7.79
N PHE B 516 -31.20 29.03 8.98
CA PHE B 516 -29.93 28.64 9.59
C PHE B 516 -29.64 27.14 9.41
N VAL B 517 -30.34 26.49 8.47
CA VAL B 517 -30.14 25.06 8.18
C VAL B 517 -29.27 24.94 6.93
N ARG B 518 -28.84 23.72 6.58
CA ARG B 518 -28.01 23.53 5.38
C ARG B 518 -28.69 24.18 4.17
N PRO B 519 -27.89 24.81 3.29
CA PRO B 519 -28.41 25.49 2.09
C PRO B 519 -29.43 24.66 1.30
N GLU B 520 -29.13 23.38 1.09
CA GLU B 520 -30.01 22.51 0.31
C GLU B 520 -31.29 22.07 1.04
N LEU B 521 -31.43 22.47 2.30
CA LEU B 521 -32.61 22.11 3.09
C LEU B 521 -33.46 23.35 3.39
N ARG B 522 -32.99 24.52 2.95
CA ARG B 522 -33.73 25.75 3.19
C ARG B 522 -34.97 25.82 2.31
N GLN B 523 -36.08 26.27 2.89
CA GLN B 523 -37.30 26.36 2.10
C GLN B 523 -38.03 27.69 2.29
N ALA B 524 -38.95 27.88 1.36
CA ALA B 524 -39.87 29.01 1.29
C ALA B 524 -41.03 28.24 0.66
N PHE C 15 22.33 -28.13 -0.07
CA PHE C 15 21.20 -28.54 -0.91
C PHE C 15 21.32 -29.99 -1.40
N ASP C 16 20.99 -30.94 -0.52
CA ASP C 16 21.05 -32.35 -0.87
C ASP C 16 19.88 -32.61 -1.79
N PHE C 17 20.14 -33.15 -2.96
CA PHE C 17 19.07 -33.45 -3.90
C PHE C 17 19.12 -34.94 -4.22
N ASP C 18 17.97 -35.47 -4.60
CA ASP C 18 17.87 -36.85 -4.96
C ASP C 18 17.05 -36.98 -6.20
N SER C 19 17.62 -37.66 -7.18
CA SER C 19 16.96 -37.86 -8.45
C SER C 19 16.51 -39.30 -8.54
N SER C 20 15.36 -39.51 -9.18
CA SER C 20 14.83 -40.84 -9.38
C SER C 20 15.16 -41.33 -10.79
N VAL C 21 15.37 -40.37 -11.69
CA VAL C 21 15.60 -40.61 -13.10
C VAL C 21 17.07 -40.47 -13.53
N PHE C 22 17.77 -39.48 -12.98
CA PHE C 22 19.15 -39.21 -13.39
C PHE C 22 20.24 -39.59 -12.40
N LYS C 23 21.45 -39.73 -12.94
CA LYS C 23 22.65 -40.09 -12.21
C LYS C 23 23.38 -38.86 -11.66
N LYS C 24 23.56 -38.87 -10.36
CA LYS C 24 24.25 -37.81 -9.64
C LYS C 24 25.69 -38.30 -9.58
N GLU C 25 26.65 -37.38 -9.59
CA GLU C 25 28.04 -37.79 -9.48
C GLU C 25 28.83 -36.81 -8.66
N LYS C 26 29.76 -37.34 -7.89
CA LYS C 26 30.59 -36.54 -7.03
C LYS C 26 31.79 -35.91 -7.73
N VAL C 27 32.04 -34.64 -7.41
CA VAL C 27 33.20 -33.91 -7.92
C VAL C 27 33.85 -33.31 -6.69
N THR C 28 35.18 -33.34 -6.65
CA THR C 28 35.91 -32.80 -5.53
C THR C 28 36.62 -31.54 -6.00
N LEU C 29 36.19 -30.41 -5.49
CA LEU C 29 36.76 -29.12 -5.84
C LEU C 29 37.48 -28.57 -4.63
N SER C 30 38.80 -28.68 -4.68
CA SER C 30 39.69 -28.23 -3.60
C SER C 30 39.28 -28.83 -2.26
N GLY C 31 39.21 -30.17 -2.21
CA GLY C 31 38.83 -30.84 -0.99
C GLY C 31 37.36 -30.75 -0.63
N HIS C 32 36.59 -30.03 -1.44
CA HIS C 32 35.16 -29.86 -1.19
C HIS C 32 34.39 -30.69 -2.20
N ASP C 33 33.68 -31.70 -1.72
CA ASP C 33 32.88 -32.55 -2.59
C ASP C 33 31.56 -31.86 -2.90
N GLU C 34 31.14 -31.95 -4.16
CA GLU C 34 29.89 -31.36 -4.61
C GLU C 34 29.29 -32.39 -5.58
N TYR C 35 27.96 -32.46 -5.65
CA TYR C 35 27.32 -33.40 -6.54
C TYR C 35 26.79 -32.70 -7.76
N ILE C 36 27.01 -33.36 -8.88
CA ILE C 36 26.71 -32.83 -10.18
C ILE C 36 25.88 -33.82 -11.02
N VAL C 37 25.23 -33.32 -12.08
CA VAL C 37 24.51 -34.19 -13.01
C VAL C 37 25.06 -33.85 -14.41
N ARG C 38 25.73 -34.83 -15.01
CA ARG C 38 26.32 -34.73 -16.33
C ARG C 38 25.23 -34.72 -17.41
N GLY C 39 25.41 -33.90 -18.45
CA GLY C 39 24.43 -33.81 -19.51
C GLY C 39 24.82 -34.73 -20.65
N GLY C 40 24.19 -34.56 -21.81
CA GLY C 40 24.48 -35.41 -22.95
C GLY C 40 23.20 -35.78 -23.65
N ARG C 41 23.22 -35.76 -24.98
CA ARG C 41 22.04 -36.11 -25.76
C ARG C 41 21.56 -37.56 -25.56
N ASN C 42 22.46 -38.43 -25.10
CA ASN C 42 22.12 -39.83 -24.85
C ASN C 42 21.06 -39.94 -23.74
N LEU C 43 20.92 -38.87 -22.96
CA LEU C 43 19.97 -38.84 -21.85
C LEU C 43 18.57 -38.36 -22.25
N PHE C 44 18.42 -37.91 -23.48
CA PHE C 44 17.12 -37.39 -23.92
C PHE C 44 15.97 -38.41 -23.79
N PRO C 45 16.25 -39.71 -24.03
CA PRO C 45 15.17 -40.70 -23.89
C PRO C 45 14.57 -40.77 -22.47
N LEU C 46 15.25 -40.20 -21.48
CA LEU C 46 14.76 -40.18 -20.10
C LEU C 46 13.85 -38.99 -19.81
N LEU C 47 13.75 -38.06 -20.76
CA LEU C 47 12.93 -36.88 -20.56
C LEU C 47 11.47 -37.19 -20.23
N PRO C 48 10.84 -38.14 -20.95
CA PRO C 48 9.44 -38.46 -20.64
C PRO C 48 9.25 -38.87 -19.17
N ASP C 49 10.20 -39.61 -18.62
CA ASP C 49 10.16 -40.04 -17.22
C ASP C 49 10.36 -38.82 -16.28
N ALA C 50 11.25 -37.92 -16.67
CA ALA C 50 11.55 -36.74 -15.86
C ALA C 50 10.34 -35.79 -15.82
N PHE C 51 9.69 -35.64 -16.95
CA PHE C 51 8.54 -34.75 -17.11
C PHE C 51 7.18 -35.36 -16.77
N LYS C 52 7.16 -36.12 -15.68
CA LYS C 52 5.95 -36.77 -15.17
C LYS C 52 4.87 -35.71 -14.95
N GLY C 53 3.68 -35.93 -15.52
CA GLY C 53 2.59 -34.99 -15.37
C GLY C 53 2.68 -33.72 -16.19
N ILE C 54 3.61 -33.66 -17.13
CA ILE C 54 3.75 -32.46 -17.97
C ILE C 54 3.25 -32.71 -19.39
N LYS C 55 2.20 -32.00 -19.76
CA LYS C 55 1.62 -32.08 -21.10
C LYS C 55 2.03 -30.86 -21.92
N GLN C 56 2.10 -29.70 -21.25
CA GLN C 56 2.46 -28.46 -21.91
C GLN C 56 3.42 -27.63 -21.08
N ILE C 57 4.49 -27.19 -21.72
CA ILE C 57 5.46 -26.31 -21.09
C ILE C 57 5.15 -24.92 -21.67
N GLY C 58 4.82 -23.96 -20.81
CA GLY C 58 4.55 -22.61 -21.30
C GLY C 58 5.75 -21.72 -21.14
N VAL C 59 6.31 -21.24 -22.26
CA VAL C 59 7.47 -20.36 -22.24
C VAL C 59 6.95 -18.94 -22.37
N ILE C 60 7.03 -18.19 -21.28
CA ILE C 60 6.52 -16.82 -21.23
C ILE C 60 7.63 -15.79 -21.51
N GLY C 61 7.42 -14.97 -22.54
CA GLY C 61 8.40 -13.95 -22.93
C GLY C 61 9.09 -14.33 -24.23
N TRP C 62 9.90 -13.43 -24.77
CA TRP C 62 10.65 -13.67 -26.00
C TRP C 62 11.77 -12.65 -26.07
N GLY C 63 12.65 -12.67 -25.06
CA GLY C 63 13.77 -11.75 -25.01
C GLY C 63 15.04 -12.42 -25.49
N SER C 64 15.93 -12.74 -24.55
CA SER C 64 17.19 -13.40 -24.89
C SER C 64 17.18 -14.90 -24.55
N GLN C 65 16.66 -15.26 -23.39
CA GLN C 65 16.60 -16.65 -22.96
C GLN C 65 15.44 -17.45 -23.58
N ALA C 66 14.24 -16.87 -23.66
CA ALA C 66 13.10 -17.59 -24.20
C ALA C 66 13.29 -18.15 -25.64
N PRO C 67 13.82 -17.34 -26.58
CA PRO C 67 13.99 -17.91 -27.92
C PRO C 67 14.91 -19.14 -27.95
N ALA C 68 15.98 -19.09 -27.14
CA ALA C 68 16.94 -20.19 -27.03
C ALA C 68 16.37 -21.45 -26.34
N GLN C 69 15.83 -21.26 -25.14
CA GLN C 69 15.26 -22.35 -24.37
C GLN C 69 14.09 -23.05 -25.08
N ALA C 70 13.21 -22.28 -25.72
CA ALA C 70 12.04 -22.85 -26.41
C ALA C 70 12.48 -23.77 -27.56
N GLN C 71 13.48 -23.32 -28.33
CA GLN C 71 13.98 -24.12 -29.45
C GLN C 71 14.73 -25.36 -28.96
N ASN C 72 15.60 -25.20 -27.96
CA ASN C 72 16.35 -26.34 -27.42
C ASN C 72 15.40 -27.39 -26.83
N LEU C 73 14.39 -26.94 -26.09
CA LEU C 73 13.42 -27.86 -25.50
C LEU C 73 12.70 -28.59 -26.62
N LYS C 74 12.23 -27.84 -27.62
CA LYS C 74 11.52 -28.45 -28.74
C LYS C 74 12.39 -29.49 -29.42
N ASP C 75 13.65 -29.17 -29.68
CA ASP C 75 14.57 -30.12 -30.32
C ASP C 75 14.80 -31.38 -29.49
N SER C 76 15.03 -31.21 -28.20
CA SER C 76 15.27 -32.35 -27.32
C SER C 76 14.05 -33.25 -27.13
N LEU C 77 12.87 -32.65 -27.00
CA LEU C 77 11.64 -33.42 -26.81
C LEU C 77 11.32 -34.22 -28.08
N THR C 78 11.59 -33.64 -29.25
CA THR C 78 11.39 -34.33 -30.53
C THR C 78 12.33 -35.54 -30.57
N GLU C 79 13.59 -35.33 -30.19
CA GLU C 79 14.54 -36.41 -30.16
C GLU C 79 14.03 -37.53 -29.24
N ALA C 80 13.52 -37.16 -28.07
CA ALA C 80 12.99 -38.13 -27.10
C ALA C 80 11.64 -38.74 -27.49
N LYS C 81 11.07 -38.27 -28.60
CA LYS C 81 9.77 -38.73 -29.10
C LYS C 81 8.70 -38.48 -28.04
N SER C 82 8.80 -37.32 -27.41
CA SER C 82 7.86 -36.90 -26.39
C SER C 82 6.64 -36.19 -26.95
N ASP C 83 5.54 -36.31 -26.21
CA ASP C 83 4.26 -35.68 -26.52
C ASP C 83 4.14 -34.25 -25.97
N VAL C 84 5.07 -33.85 -25.10
CA VAL C 84 5.03 -32.53 -24.48
C VAL C 84 5.03 -31.43 -25.52
N VAL C 85 4.11 -30.48 -25.37
CA VAL C 85 4.00 -29.34 -26.27
C VAL C 85 4.66 -28.11 -25.65
N VAL C 86 5.48 -27.41 -26.43
CA VAL C 86 6.15 -26.20 -25.99
C VAL C 86 5.37 -25.00 -26.58
N LYS C 87 4.71 -24.22 -25.73
CA LYS C 87 3.92 -23.07 -26.18
C LYS C 87 4.43 -21.70 -25.68
N ILE C 88 4.54 -20.75 -26.61
CA ILE C 88 5.01 -19.39 -26.34
C ILE C 88 3.83 -18.47 -25.96
N GLY C 89 3.96 -17.73 -24.86
CA GLY C 89 2.91 -16.83 -24.44
C GLY C 89 3.43 -15.40 -24.41
N LEU C 90 2.74 -14.49 -25.11
CA LEU C 90 3.16 -13.10 -25.17
C LEU C 90 2.02 -12.16 -24.84
N ARG C 91 2.42 -11.01 -24.32
CA ARG C 91 1.53 -9.95 -23.93
C ARG C 91 0.76 -9.45 -25.15
N LYS C 92 -0.48 -9.05 -24.93
CA LYS C 92 -1.41 -8.58 -25.95
C LYS C 92 -0.84 -7.82 -27.17
N GLY C 93 -0.27 -6.63 -26.92
CA GLY C 93 0.28 -5.84 -28.01
C GLY C 93 1.78 -6.01 -28.23
N SER C 94 2.21 -7.27 -28.41
CA SER C 94 3.62 -7.59 -28.59
C SER C 94 4.11 -7.68 -30.02
N ASN C 95 5.29 -7.11 -30.23
CA ASN C 95 5.92 -7.13 -31.53
C ASN C 95 6.74 -8.42 -31.69
N SER C 96 6.81 -9.23 -30.64
CA SER C 96 7.55 -10.49 -30.73
C SER C 96 6.73 -11.61 -31.36
N PHE C 97 5.45 -11.36 -31.66
CA PHE C 97 4.63 -12.41 -32.27
C PHE C 97 5.23 -12.89 -33.59
N ALA C 98 5.57 -11.95 -34.48
CA ALA C 98 6.18 -12.31 -35.77
C ALA C 98 7.52 -13.02 -35.61
N GLU C 99 8.29 -12.66 -34.59
CA GLU C 99 9.57 -13.31 -34.33
C GLU C 99 9.38 -14.76 -33.88
N ALA C 100 8.40 -14.96 -33.02
CA ALA C 100 8.11 -16.31 -32.54
C ALA C 100 7.68 -17.18 -33.74
N ARG C 101 6.95 -16.58 -34.68
CA ARG C 101 6.50 -17.29 -35.88
C ARG C 101 7.66 -17.72 -36.76
N ALA C 102 8.60 -16.80 -37.00
CA ALA C 102 9.78 -17.11 -37.81
C ALA C 102 10.58 -18.24 -37.18
N ALA C 103 10.49 -18.37 -35.86
CA ALA C 103 11.18 -19.44 -35.15
C ALA C 103 10.40 -20.76 -35.17
N GLY C 104 9.21 -20.74 -35.76
CA GLY C 104 8.40 -21.96 -35.86
C GLY C 104 7.25 -22.13 -34.89
N PHE C 105 6.89 -21.09 -34.16
CA PHE C 105 5.81 -21.16 -33.19
C PHE C 105 4.65 -20.33 -33.69
N SER C 106 3.48 -20.94 -33.85
CA SER C 106 2.35 -20.19 -34.36
C SER C 106 1.03 -20.55 -33.71
N GLU C 107 0.03 -19.73 -34.00
CA GLU C 107 -1.31 -19.91 -33.50
C GLU C 107 -1.95 -21.15 -34.15
N GLU C 108 -1.64 -21.37 -35.43
CA GLU C 108 -2.19 -22.52 -36.17
C GLU C 108 -1.94 -23.87 -35.50
N ASN C 109 -0.70 -24.14 -35.08
CA ASN C 109 -0.37 -25.41 -34.42
C ASN C 109 -0.53 -25.36 -32.91
N GLY C 110 -1.07 -24.25 -32.40
CA GLY C 110 -1.29 -24.10 -30.98
C GLY C 110 -0.02 -23.97 -30.15
N THR C 111 1.03 -23.39 -30.72
CA THR C 111 2.28 -23.23 -30.00
C THR C 111 2.68 -21.77 -29.81
N LEU C 112 1.75 -20.84 -30.06
CA LEU C 112 1.99 -19.41 -29.88
C LEU C 112 0.65 -18.83 -29.45
N GLY C 113 0.64 -18.09 -28.34
CA GLY C 113 -0.61 -17.53 -27.88
C GLY C 113 -0.46 -16.41 -26.86
N ASP C 114 -1.59 -16.05 -26.26
CA ASP C 114 -1.66 -15.02 -25.25
C ASP C 114 -0.95 -15.49 -23.98
N MET C 115 -0.22 -14.58 -23.35
CA MET C 115 0.54 -14.83 -22.13
C MET C 115 -0.27 -15.45 -20.98
N TRP C 116 -1.41 -14.85 -20.65
CA TRP C 116 -2.21 -15.35 -19.53
C TRP C 116 -2.87 -16.68 -19.78
N GLU C 117 -3.39 -16.85 -20.99
CA GLU C 117 -4.03 -18.10 -21.36
C GLU C 117 -2.97 -19.22 -21.38
N THR C 118 -1.75 -18.87 -21.80
CA THR C 118 -0.64 -19.83 -21.83
C THR C 118 -0.27 -20.26 -20.40
N ILE C 119 -0.16 -19.31 -19.46
CA ILE C 119 0.14 -19.67 -18.07
C ILE C 119 -0.97 -20.60 -17.50
N SER C 120 -2.24 -20.27 -17.72
CA SER C 120 -3.37 -21.05 -17.22
C SER C 120 -3.40 -22.53 -17.63
N GLY C 121 -3.01 -22.81 -18.88
CA GLY C 121 -3.02 -24.18 -19.36
C GLY C 121 -1.71 -24.92 -19.33
N SER C 122 -0.68 -24.36 -18.67
CA SER C 122 0.64 -24.98 -18.61
C SER C 122 0.93 -25.76 -17.32
N ASP C 123 1.68 -26.85 -17.46
CA ASP C 123 2.06 -27.71 -16.34
C ASP C 123 3.40 -27.24 -15.76
N LEU C 124 4.23 -26.66 -16.63
CA LEU C 124 5.51 -26.09 -16.25
C LEU C 124 5.49 -24.72 -16.91
N VAL C 125 5.59 -23.67 -16.11
CA VAL C 125 5.57 -22.29 -16.61
C VAL C 125 6.99 -21.68 -16.45
N LEU C 126 7.65 -21.37 -17.56
CA LEU C 126 9.00 -20.79 -17.51
C LEU C 126 8.81 -19.29 -17.65
N LEU C 127 9.06 -18.56 -16.55
CA LEU C 127 8.86 -17.13 -16.54
C LEU C 127 10.09 -16.42 -17.08
N LEU C 128 10.14 -16.25 -18.40
CA LEU C 128 11.30 -15.63 -19.05
C LEU C 128 11.06 -14.22 -19.59
N ILE C 129 10.53 -13.36 -18.72
CA ILE C 129 10.27 -11.95 -19.04
C ILE C 129 11.24 -11.14 -18.17
N SER C 130 11.36 -9.83 -18.41
CA SER C 130 12.30 -9.01 -17.61
C SER C 130 12.05 -9.15 -16.11
N ASP C 131 13.14 -9.11 -15.34
CA ASP C 131 13.03 -9.25 -13.90
C ASP C 131 12.18 -8.15 -13.27
N SER C 132 12.33 -6.90 -13.71
CA SER C 132 11.51 -5.83 -13.14
C SER C 132 10.03 -6.09 -13.47
N ALA C 133 9.75 -6.64 -14.65
CA ALA C 133 8.37 -6.99 -15.01
C ALA C 133 7.85 -8.08 -14.07
N GLN C 134 8.71 -9.04 -13.71
CA GLN C 134 8.32 -10.10 -12.79
C GLN C 134 7.95 -9.48 -11.45
N ALA C 135 8.79 -8.57 -10.97
CA ALA C 135 8.55 -7.89 -9.69
C ALA C 135 7.22 -7.13 -9.66
N ASP C 136 6.86 -6.50 -10.78
CA ASP C 136 5.62 -5.71 -10.83
C ASP C 136 4.33 -6.43 -11.32
N ASN C 137 4.43 -7.72 -11.66
CA ASN C 137 3.26 -8.46 -12.14
C ASN C 137 3.15 -9.88 -11.60
N TYR C 138 3.90 -10.21 -10.55
CA TYR C 138 3.84 -11.59 -10.06
C TYR C 138 2.46 -12.03 -9.55
N GLU C 139 1.68 -11.12 -8.99
CA GLU C 139 0.35 -11.47 -8.51
C GLU C 139 -0.53 -12.02 -9.64
N LYS C 140 -0.43 -11.44 -10.83
CA LYS C 140 -1.21 -11.88 -12.00
C LYS C 140 -0.70 -13.22 -12.50
N VAL C 141 0.61 -13.41 -12.44
CA VAL C 141 1.23 -14.65 -12.87
C VAL C 141 0.76 -15.78 -11.93
N PHE C 142 0.90 -15.55 -10.63
CA PHE C 142 0.50 -16.54 -9.64
C PHE C 142 -0.97 -16.90 -9.73
N SER C 143 -1.82 -15.91 -9.93
CA SER C 143 -3.27 -16.16 -9.99
C SER C 143 -3.72 -17.02 -11.18
N HIS C 144 -2.84 -17.18 -12.18
CA HIS C 144 -3.18 -17.98 -13.34
C HIS C 144 -2.59 -19.41 -13.27
N MET C 145 -1.83 -19.72 -12.21
CA MET C 145 -1.22 -21.06 -12.05
C MET C 145 -2.25 -22.10 -11.59
N LYS C 146 -2.23 -23.30 -12.20
CA LYS C 146 -3.15 -24.36 -11.77
C LYS C 146 -2.65 -24.96 -10.45
N PRO C 147 -3.53 -25.53 -9.61
CA PRO C 147 -3.01 -26.10 -8.35
C PRO C 147 -2.05 -27.24 -8.70
N ASN C 148 -0.96 -27.36 -7.94
CA ASN C 148 0.06 -28.38 -8.16
C ASN C 148 0.74 -28.32 -9.53
N SER C 149 0.84 -27.11 -10.09
CA SER C 149 1.59 -26.94 -11.33
C SER C 149 3.00 -26.48 -10.86
N ILE C 150 3.91 -26.28 -11.80
CA ILE C 150 5.26 -25.89 -11.44
C ILE C 150 5.70 -24.56 -12.08
N LEU C 151 6.18 -23.62 -11.26
CA LEU C 151 6.69 -22.36 -11.75
C LEU C 151 8.23 -22.50 -11.84
N GLY C 152 8.77 -22.27 -13.04
CA GLY C 152 10.21 -22.34 -13.24
C GLY C 152 10.80 -20.98 -13.57
N LEU C 153 11.87 -20.62 -12.87
CA LEU C 153 12.55 -19.35 -13.09
C LEU C 153 13.95 -19.64 -13.60
N SER C 154 14.58 -18.66 -14.25
CA SER C 154 15.96 -18.84 -14.71
C SER C 154 16.90 -17.86 -13.97
N HIS C 155 16.39 -17.26 -12.90
CA HIS C 155 17.12 -16.31 -12.05
C HIS C 155 16.32 -16.25 -10.72
N GLY C 156 17.02 -16.08 -9.59
CA GLY C 156 16.35 -15.98 -8.30
C GLY C 156 15.89 -14.59 -7.87
N PHE C 157 16.01 -13.63 -8.78
CA PHE C 157 15.66 -12.22 -8.55
C PHE C 157 14.27 -12.06 -7.89
N LEU C 158 13.26 -12.75 -8.41
CA LEU C 158 11.90 -12.61 -7.85
C LEU C 158 11.81 -12.95 -6.36
N LEU C 159 12.57 -13.94 -5.88
CA LEU C 159 12.55 -14.28 -4.46
C LEU C 159 13.10 -13.10 -3.64
N GLY C 160 14.20 -12.51 -4.12
CA GLY C 160 14.79 -11.37 -3.43
C GLY C 160 13.77 -10.24 -3.35
N HIS C 161 13.03 -10.04 -4.44
CA HIS C 161 12.01 -8.99 -4.44
C HIS C 161 10.91 -9.31 -3.43
N LEU C 162 10.43 -10.55 -3.43
CA LEU C 162 9.36 -10.94 -2.51
C LEU C 162 9.81 -10.77 -1.07
N GLN C 163 11.07 -11.11 -0.81
CA GLN C 163 11.67 -10.97 0.53
C GLN C 163 11.63 -9.50 0.98
N SER C 164 11.84 -8.57 0.04
CA SER C 164 11.81 -7.14 0.37
C SER C 164 10.40 -6.68 0.81
N LEU C 165 9.38 -7.47 0.43
CA LEU C 165 7.98 -7.17 0.79
C LEU C 165 7.48 -8.07 1.90
N GLY C 166 8.35 -8.95 2.40
CA GLY C 166 7.97 -9.88 3.43
C GLY C 166 7.02 -10.95 2.91
N GLN C 167 7.18 -11.30 1.63
CA GLN C 167 6.32 -12.30 0.99
C GLN C 167 7.01 -13.58 0.46
N ASP C 168 6.20 -14.55 0.02
CA ASP C 168 6.69 -15.81 -0.56
C ASP C 168 5.77 -16.23 -1.70
N PHE C 169 6.11 -17.35 -2.33
CA PHE C 169 5.33 -17.88 -3.45
C PHE C 169 4.06 -18.51 -2.90
N PRO C 170 3.01 -18.70 -3.73
CA PRO C 170 1.77 -19.32 -3.23
C PRO C 170 2.06 -20.73 -2.70
N LYS C 171 1.26 -21.21 -1.76
CA LYS C 171 1.47 -22.55 -1.18
C LYS C 171 0.77 -23.73 -1.85
N ASN C 172 0.37 -23.56 -3.11
CA ASN C 172 -0.29 -24.62 -3.85
C ASN C 172 0.45 -24.97 -5.14
N ILE C 173 1.68 -24.49 -5.30
CA ILE C 173 2.48 -24.77 -6.50
C ILE C 173 3.92 -25.11 -6.12
N SER C 174 4.64 -25.73 -7.04
CA SER C 174 6.04 -26.03 -6.83
C SER C 174 6.81 -24.85 -7.47
N VAL C 175 8.02 -24.58 -6.99
CA VAL C 175 8.84 -23.48 -7.52
C VAL C 175 10.27 -23.97 -7.69
N ILE C 176 10.74 -23.96 -8.93
CA ILE C 176 12.08 -24.41 -9.26
C ILE C 176 12.82 -23.39 -10.13
N ALA C 177 14.11 -23.63 -10.34
CA ALA C 177 14.90 -22.76 -11.21
C ALA C 177 15.98 -23.56 -11.92
N VAL C 178 16.23 -23.20 -13.18
CA VAL C 178 17.29 -23.76 -14.00
C VAL C 178 17.89 -22.49 -14.59
N CYS C 179 19.09 -22.16 -14.16
CA CYS C 179 19.74 -20.92 -14.56
C CYS C 179 21.01 -21.09 -15.38
N PRO C 180 20.90 -20.87 -16.72
CA PRO C 180 22.06 -21.00 -17.61
C PRO C 180 23.14 -19.96 -17.24
N LYS C 181 24.37 -20.41 -17.03
CA LYS C 181 25.46 -19.50 -16.71
C LYS C 181 26.09 -19.08 -18.05
N GLY C 182 25.29 -18.37 -18.84
CA GLY C 182 25.72 -17.90 -20.15
C GLY C 182 24.58 -17.19 -20.84
N MET C 183 24.87 -16.36 -21.84
CA MET C 183 23.83 -15.62 -22.54
C MET C 183 22.91 -16.48 -23.41
N GLY C 184 21.68 -16.00 -23.60
CA GLY C 184 20.68 -16.69 -24.40
C GLY C 184 21.18 -17.15 -25.76
N PRO C 185 21.75 -16.25 -26.58
CA PRO C 185 22.23 -16.69 -27.90
C PRO C 185 23.28 -17.81 -27.83
N SER C 186 24.07 -17.87 -26.76
CA SER C 186 25.08 -18.93 -26.65
C SER C 186 24.43 -20.27 -26.25
N VAL C 187 23.33 -20.22 -25.49
CA VAL C 187 22.61 -21.43 -25.10
C VAL C 187 22.11 -22.11 -26.37
N ARG C 188 21.59 -21.32 -27.31
CA ARG C 188 21.08 -21.88 -28.57
C ARG C 188 22.21 -22.34 -29.50
N ARG C 189 23.16 -21.45 -29.75
CA ARG C 189 24.27 -21.76 -30.64
C ARG C 189 25.03 -23.03 -30.27
N LEU C 190 25.50 -23.11 -29.03
CA LEU C 190 26.24 -24.29 -28.60
C LEU C 190 25.43 -25.59 -28.69
N TYR C 191 24.12 -25.51 -28.39
CA TYR C 191 23.28 -26.72 -28.48
C TYR C 191 23.23 -27.14 -29.94
N VAL C 192 23.11 -26.19 -30.85
CA VAL C 192 23.10 -26.52 -32.28
C VAL C 192 24.43 -27.15 -32.71
N GLN C 193 25.57 -26.62 -32.26
CA GLN C 193 26.88 -27.18 -32.62
C GLN C 193 27.16 -28.53 -31.96
N GLY C 194 26.41 -28.89 -30.92
CA GLY C 194 26.67 -30.15 -30.25
C GLY C 194 25.85 -31.31 -30.76
N LYS C 195 24.96 -31.02 -31.70
CA LYS C 195 24.03 -32.01 -32.25
C LYS C 195 24.58 -33.33 -32.76
N GLU C 196 25.79 -33.34 -33.32
CA GLU C 196 26.38 -34.58 -33.83
C GLU C 196 27.53 -35.11 -32.99
N VAL C 197 27.77 -34.49 -31.85
CA VAL C 197 28.85 -34.94 -30.96
C VAL C 197 28.36 -35.32 -29.58
N ASN C 198 27.09 -35.72 -29.49
CA ASN C 198 26.45 -36.11 -28.22
C ASN C 198 26.14 -34.93 -27.30
N GLY C 199 26.11 -33.72 -27.86
CA GLY C 199 25.77 -32.56 -27.07
C GLY C 199 26.83 -31.53 -26.70
N ALA C 200 26.35 -30.31 -26.49
CA ALA C 200 27.17 -29.17 -26.10
C ALA C 200 26.15 -28.12 -25.64
N GLY C 201 26.59 -27.18 -24.82
CA GLY C 201 25.68 -26.16 -24.33
C GLY C 201 26.31 -25.35 -23.21
N ILE C 202 25.47 -24.75 -22.37
CA ILE C 202 25.94 -23.93 -21.26
C ILE C 202 25.66 -24.57 -19.89
N ASN C 203 26.65 -24.58 -19.01
CA ASN C 203 26.47 -25.16 -17.66
C ASN C 203 25.33 -24.40 -16.96
N SER C 204 24.53 -25.10 -16.17
CA SER C 204 23.42 -24.46 -15.47
C SER C 204 23.39 -24.83 -13.99
N SER C 205 22.87 -23.93 -13.17
CA SER C 205 22.68 -24.23 -11.75
C SER C 205 21.17 -24.53 -11.63
N PHE C 206 20.75 -25.31 -10.64
CA PHE C 206 19.32 -25.55 -10.48
C PHE C 206 18.98 -25.49 -9.00
N ALA C 207 17.72 -25.18 -8.71
CA ALA C 207 17.27 -25.08 -7.34
C ALA C 207 15.84 -25.58 -7.24
N VAL C 208 15.44 -25.99 -6.03
CA VAL C 208 14.08 -26.41 -5.79
C VAL C 208 13.65 -25.64 -4.53
N HIS C 209 12.87 -24.58 -4.74
CA HIS C 209 12.40 -23.75 -3.64
C HIS C 209 11.19 -24.39 -2.93
N GLN C 210 10.22 -24.88 -3.70
CA GLN C 210 9.01 -25.51 -3.16
C GLN C 210 8.74 -26.76 -3.98
N ASP C 211 8.31 -27.83 -3.31
CA ASP C 211 8.05 -29.10 -3.99
C ASP C 211 6.77 -29.68 -3.42
N VAL C 212 5.67 -29.58 -4.16
CA VAL C 212 4.39 -30.08 -3.68
C VAL C 212 4.31 -31.59 -3.60
N ASP C 213 4.73 -32.27 -4.67
CA ASP C 213 4.58 -33.73 -4.72
C ASP C 213 5.79 -34.60 -5.01
N GLY C 214 6.99 -34.04 -4.95
CA GLY C 214 8.16 -34.86 -5.25
C GLY C 214 8.56 -34.91 -6.71
N ARG C 215 7.84 -34.22 -7.59
CA ARG C 215 8.20 -34.22 -9.02
C ARG C 215 9.22 -33.13 -9.36
N ALA C 216 9.29 -32.11 -8.50
CA ALA C 216 10.14 -30.94 -8.72
C ALA C 216 11.61 -31.16 -9.10
N THR C 217 12.29 -32.07 -8.42
CA THR C 217 13.70 -32.31 -8.68
C THR C 217 13.99 -32.82 -10.10
N ASP C 218 13.27 -33.85 -10.58
CA ASP C 218 13.53 -34.33 -11.93
C ASP C 218 12.97 -33.47 -13.04
N VAL C 219 11.96 -32.66 -12.73
CA VAL C 219 11.44 -31.74 -13.73
C VAL C 219 12.54 -30.69 -13.98
N ALA C 220 13.20 -30.20 -12.94
CA ALA C 220 14.28 -29.23 -13.07
C ALA C 220 15.49 -29.84 -13.82
N LEU C 221 15.91 -31.01 -13.38
CA LEU C 221 17.02 -31.73 -14.00
C LEU C 221 16.73 -32.00 -15.49
N GLY C 222 15.51 -32.46 -15.78
CA GLY C 222 15.09 -32.72 -17.16
C GLY C 222 15.18 -31.48 -18.02
N TRP C 223 14.69 -30.36 -17.50
CA TRP C 223 14.70 -29.07 -18.19
C TRP C 223 16.17 -28.65 -18.49
N SER C 224 17.02 -28.71 -17.48
CA SER C 224 18.43 -28.36 -17.68
C SER C 224 19.11 -29.25 -18.72
N ILE C 225 18.89 -30.56 -18.60
CA ILE C 225 19.52 -31.50 -19.53
C ILE C 225 19.03 -31.24 -20.96
N ALA C 226 17.75 -30.91 -21.10
CA ALA C 226 17.16 -30.64 -22.42
C ALA C 226 17.70 -29.35 -23.07
N LEU C 227 18.16 -28.41 -22.25
CA LEU C 227 18.74 -27.16 -22.75
C LEU C 227 20.14 -27.42 -23.31
N GLY C 228 20.74 -28.55 -22.92
CA GLY C 228 22.07 -28.91 -23.37
C GLY C 228 23.18 -28.69 -22.33
N SER C 229 22.83 -28.45 -21.07
CA SER C 229 23.84 -28.19 -20.05
C SER C 229 24.87 -29.32 -19.91
N PRO C 230 26.17 -29.02 -20.09
CA PRO C 230 27.20 -30.06 -19.96
C PRO C 230 27.19 -30.60 -18.53
N PHE C 231 26.98 -29.71 -17.56
CA PHE C 231 26.84 -30.14 -16.19
C PHE C 231 25.93 -29.18 -15.47
N THR C 232 25.14 -29.75 -14.57
CA THR C 232 24.16 -29.01 -13.78
C THR C 232 24.54 -29.15 -12.31
N PHE C 233 24.75 -28.02 -11.63
CA PHE C 233 25.11 -28.02 -10.22
C PHE C 233 23.99 -27.46 -9.35
N ALA C 234 23.92 -27.91 -8.10
CA ALA C 234 22.88 -27.48 -7.17
C ALA C 234 23.16 -26.13 -6.49
N THR C 235 22.10 -25.38 -6.25
CA THR C 235 22.20 -24.09 -5.57
C THR C 235 20.81 -23.78 -5.01
N THR C 236 20.62 -22.58 -4.45
CA THR C 236 19.30 -22.16 -3.93
C THR C 236 18.94 -20.86 -4.63
N LEU C 237 17.66 -20.48 -4.60
CA LEU C 237 17.27 -19.25 -5.28
C LEU C 237 18.03 -18.04 -4.74
N GLU C 238 18.29 -18.01 -3.43
CA GLU C 238 19.00 -16.87 -2.87
C GLU C 238 20.50 -16.86 -3.15
N GLN C 239 21.13 -18.03 -3.14
CA GLN C 239 22.56 -18.09 -3.46
C GLN C 239 22.75 -17.66 -4.91
N GLU C 240 21.82 -18.09 -5.76
CA GLU C 240 21.87 -17.74 -7.19
C GLU C 240 21.73 -16.23 -7.42
N TYR C 241 20.69 -15.58 -6.87
CA TYR C 241 20.57 -14.16 -7.14
C TYR C 241 21.75 -13.36 -6.60
N LYS C 242 22.26 -13.74 -5.43
CA LYS C 242 23.41 -13.05 -4.85
C LYS C 242 24.65 -13.13 -5.73
N SER C 243 24.97 -14.32 -6.25
CA SER C 243 26.13 -14.46 -7.12
C SER C 243 25.90 -13.93 -8.54
N ASP C 244 24.68 -14.09 -9.05
CA ASP C 244 24.35 -13.67 -10.41
C ASP C 244 24.26 -12.16 -10.66
N ILE C 245 23.47 -11.45 -9.86
CA ILE C 245 23.32 -10.01 -10.04
C ILE C 245 24.72 -9.39 -9.85
N PHE C 246 25.47 -9.96 -8.90
CA PHE C 246 26.82 -9.51 -8.62
C PHE C 246 27.80 -9.78 -9.80
N GLY C 247 27.88 -11.03 -10.26
CA GLY C 247 28.79 -11.40 -11.34
C GLY C 247 28.65 -10.66 -12.67
N GLU C 248 27.43 -10.37 -13.10
CA GLU C 248 27.23 -9.67 -14.36
C GLU C 248 27.75 -8.21 -14.27
N ARG C 249 27.68 -7.63 -13.07
CA ARG C 249 28.19 -6.27 -12.82
C ARG C 249 29.70 -6.33 -12.68
N GLY C 250 30.19 -7.49 -12.25
CA GLY C 250 31.62 -7.73 -12.06
C GLY C 250 32.32 -8.17 -13.34
N ILE C 251 33.15 -9.20 -13.23
CA ILE C 251 33.96 -9.70 -14.36
C ILE C 251 33.25 -9.94 -15.69
N LEU C 252 32.04 -10.52 -15.64
CA LEU C 252 31.31 -10.85 -16.86
C LEU C 252 30.99 -9.72 -17.84
N LEU C 253 30.53 -8.58 -17.34
CA LEU C 253 30.18 -7.47 -18.22
C LEU C 253 30.70 -6.09 -17.76
N GLY C 254 30.22 -5.63 -16.62
CA GLY C 254 30.63 -4.31 -16.11
C GLY C 254 32.12 -4.09 -15.96
N ALA C 255 32.77 -4.94 -15.20
CA ALA C 255 34.21 -4.81 -14.95
C ALA C 255 35.08 -4.97 -16.19
N VAL C 256 34.75 -5.92 -17.07
CA VAL C 256 35.56 -6.07 -18.29
C VAL C 256 35.39 -4.83 -19.17
N HIS C 257 34.19 -4.26 -19.20
CA HIS C 257 33.96 -3.06 -20.00
C HIS C 257 34.81 -1.93 -19.42
N GLY C 258 34.77 -1.78 -18.10
CA GLY C 258 35.54 -0.73 -17.46
C GLY C 258 37.04 -0.85 -17.69
N ILE C 259 37.54 -2.08 -17.60
CA ILE C 259 38.96 -2.37 -17.80
C ILE C 259 39.44 -1.93 -19.17
N VAL C 260 38.67 -2.35 -20.17
CA VAL C 260 38.92 -2.08 -21.56
C VAL C 260 38.89 -0.57 -21.88
N GLU C 261 37.96 0.19 -21.28
CA GLU C 261 37.88 1.64 -21.50
C GLU C 261 39.09 2.34 -20.85
N CYS C 262 39.37 1.96 -19.61
CA CYS C 262 40.49 2.49 -18.82
C CYS C 262 41.85 2.27 -19.51
N LEU C 263 42.16 1.02 -19.86
CA LEU C 263 43.43 0.71 -20.50
C LEU C 263 43.59 1.26 -21.92
N PHE C 264 42.51 1.33 -22.71
CA PHE C 264 42.60 1.86 -24.06
C PHE C 264 43.05 3.33 -23.97
N ARG C 265 42.42 4.09 -23.08
CA ARG C 265 42.74 5.48 -22.86
C ARG C 265 44.20 5.61 -22.40
N ARG C 266 44.58 4.81 -21.41
CA ARG C 266 45.96 4.82 -20.92
C ARG C 266 46.92 4.57 -22.08
N TYR C 267 46.69 3.49 -22.82
CA TYR C 267 47.55 3.13 -23.92
C TYR C 267 47.66 4.23 -24.97
N THR C 268 46.55 4.83 -25.36
CA THR C 268 46.60 5.90 -26.35
C THR C 268 47.33 7.15 -25.82
N GLU C 269 47.17 7.45 -24.53
CA GLU C 269 47.83 8.60 -23.92
C GLU C 269 49.36 8.42 -23.92
N SER C 270 49.80 7.17 -23.75
CA SER C 270 51.22 6.86 -23.74
C SER C 270 51.81 6.93 -25.15
N GLY C 271 50.97 7.14 -26.16
CA GLY C 271 51.45 7.23 -27.53
C GLY C 271 51.14 6.07 -28.48
N MET C 272 50.56 5.00 -27.95
CA MET C 272 50.20 3.83 -28.78
C MET C 272 49.08 4.20 -29.74
N SER C 273 49.11 3.64 -30.94
CA SER C 273 48.07 3.93 -31.92
C SER C 273 46.74 3.36 -31.44
N GLU C 274 45.66 3.93 -31.95
CA GLU C 274 44.32 3.48 -31.59
C GLU C 274 44.18 2.01 -31.98
N ASP C 275 44.59 1.68 -33.20
CA ASP C 275 44.55 0.31 -33.70
C ASP C 275 45.20 -0.62 -32.67
N LEU C 276 46.44 -0.30 -32.31
CA LEU C 276 47.19 -1.09 -31.36
C LEU C 276 46.61 -1.08 -29.95
N ALA C 277 46.02 0.03 -29.56
CA ALA C 277 45.43 0.13 -28.22
C ALA C 277 44.19 -0.78 -28.14
N TYR C 278 43.42 -0.85 -29.21
CA TYR C 278 42.22 -1.71 -29.25
C TYR C 278 42.62 -3.20 -29.21
N LYS C 279 43.61 -3.59 -30.02
CA LYS C 279 44.11 -4.96 -30.06
C LYS C 279 44.70 -5.41 -28.71
N ASN C 280 45.45 -4.52 -28.07
CA ASN C 280 46.09 -4.81 -26.79
C ASN C 280 45.16 -4.84 -25.60
N THR C 281 43.90 -4.47 -25.82
CA THR C 281 42.88 -4.50 -24.77
C THR C 281 41.74 -5.49 -25.11
N VAL C 282 40.83 -5.08 -25.99
CA VAL C 282 39.67 -5.90 -26.37
C VAL C 282 40.02 -7.23 -27.06
N GLU C 283 40.80 -7.16 -28.14
CA GLU C 283 41.18 -8.38 -28.88
C GLU C 283 41.97 -9.32 -27.97
N CYS C 284 42.93 -8.76 -27.23
CA CYS C 284 43.76 -9.54 -26.31
C CYS C 284 42.94 -10.31 -25.28
N ILE C 285 42.03 -9.64 -24.58
CA ILE C 285 41.21 -10.31 -23.58
C ILE C 285 40.22 -11.30 -24.21
N THR C 286 39.53 -10.88 -25.27
CA THR C 286 38.50 -11.72 -25.90
C THR C 286 39.00 -12.82 -26.81
N GLY C 287 40.27 -12.77 -27.18
CA GLY C 287 40.85 -13.77 -28.06
C GLY C 287 41.78 -14.68 -27.29
N VAL C 288 43.08 -14.48 -27.44
CA VAL C 288 44.07 -15.34 -26.77
C VAL C 288 43.92 -15.57 -25.27
N ILE C 289 43.62 -14.52 -24.49
CA ILE C 289 43.46 -14.67 -23.03
C ILE C 289 42.33 -15.65 -22.73
N SER C 290 41.16 -15.39 -23.32
CA SER C 290 40.00 -16.24 -23.11
C SER C 290 40.31 -17.70 -23.49
N LYS C 291 40.94 -17.93 -24.65
CA LYS C 291 41.28 -19.29 -25.08
C LYS C 291 42.20 -19.99 -24.08
N THR C 292 43.22 -19.28 -23.62
CA THR C 292 44.14 -19.88 -22.67
C THR C 292 43.41 -20.23 -21.37
N ILE C 293 42.59 -19.33 -20.85
CA ILE C 293 41.89 -19.61 -19.61
C ILE C 293 40.86 -20.71 -19.78
N SER C 294 40.21 -20.75 -20.92
CA SER C 294 39.17 -21.75 -21.23
C SER C 294 39.62 -23.22 -21.13
N THR C 295 40.79 -23.52 -21.68
CA THR C 295 41.25 -24.89 -21.67
C THR C 295 42.51 -25.21 -20.82
N LYS C 296 43.39 -24.22 -20.63
CA LYS C 296 44.60 -24.41 -19.84
C LYS C 296 44.56 -23.79 -18.44
N GLY C 297 43.84 -22.67 -18.29
CA GLY C 297 43.74 -22.01 -16.99
C GLY C 297 44.55 -20.73 -16.85
N MET C 298 44.36 -20.03 -15.73
CA MET C 298 45.05 -18.77 -15.45
C MET C 298 46.54 -18.95 -15.18
N LEU C 299 46.89 -20.05 -14.54
CA LEU C 299 48.28 -20.35 -14.24
C LEU C 299 49.08 -20.58 -15.51
N ALA C 300 48.49 -21.32 -16.45
CA ALA C 300 49.15 -21.58 -17.72
C ALA C 300 49.37 -20.26 -18.46
N LEU C 301 48.40 -19.35 -18.38
CA LEU C 301 48.54 -18.04 -19.01
C LEU C 301 49.79 -17.31 -18.43
N TYR C 302 49.91 -17.26 -17.11
CA TYR C 302 51.04 -16.62 -16.45
C TYR C 302 52.37 -17.25 -16.89
N ASN C 303 52.37 -18.58 -16.93
CA ASN C 303 53.54 -19.36 -17.31
C ASN C 303 53.94 -19.18 -18.77
N SER C 304 52.98 -18.82 -19.63
CA SER C 304 53.26 -18.61 -21.05
C SER C 304 53.97 -17.27 -21.32
N LEU C 305 54.18 -16.49 -20.26
CA LEU C 305 54.82 -15.19 -20.40
C LEU C 305 56.35 -15.28 -20.24
N SER C 306 57.05 -14.35 -20.90
CA SER C 306 58.51 -14.26 -20.80
C SER C 306 58.78 -13.73 -19.38
N GLU C 307 60.05 -13.61 -19.00
CA GLU C 307 60.32 -13.09 -17.67
C GLU C 307 59.98 -11.61 -17.63
N GLU C 308 60.15 -10.93 -18.76
CA GLU C 308 59.81 -9.52 -18.84
C GLU C 308 58.27 -9.40 -18.76
N GLY C 309 57.59 -10.33 -19.43
CA GLY C 309 56.14 -10.35 -19.41
C GLY C 309 55.62 -10.58 -18.01
N LYS C 310 56.21 -11.55 -17.31
CA LYS C 310 55.82 -11.86 -15.95
C LYS C 310 55.97 -10.60 -15.09
N LYS C 311 57.02 -9.81 -15.33
CA LYS C 311 57.23 -8.59 -14.56
C LYS C 311 56.10 -7.58 -14.79
N ASP C 312 55.70 -7.41 -16.04
CA ASP C 312 54.60 -6.47 -16.34
C ASP C 312 53.29 -7.00 -15.79
N PHE C 313 53.09 -8.30 -15.89
CA PHE C 313 51.89 -8.94 -15.37
C PHE C 313 51.84 -8.65 -13.87
N GLN C 314 52.96 -8.88 -13.18
CA GLN C 314 53.04 -8.67 -11.74
C GLN C 314 52.75 -7.22 -11.36
N ALA C 315 53.28 -6.29 -12.13
CA ALA C 315 53.06 -4.86 -11.86
C ALA C 315 51.55 -4.58 -11.93
N ALA C 316 50.91 -5.04 -13.00
CA ALA C 316 49.48 -4.84 -13.17
C ALA C 316 48.63 -5.55 -12.11
N TYR C 317 48.97 -6.79 -11.78
CA TYR C 317 48.23 -7.58 -10.79
C TYR C 317 48.36 -6.98 -9.37
N SER C 318 49.59 -6.74 -8.94
CA SER C 318 49.86 -6.18 -7.61
C SER C 318 49.10 -4.87 -7.35
N ALA C 319 49.01 -4.02 -8.35
CA ALA C 319 48.35 -2.72 -8.21
C ALA C 319 46.85 -2.73 -8.45
N SER C 320 46.36 -3.70 -9.22
CA SER C 320 44.93 -3.76 -9.56
C SER C 320 44.02 -4.61 -8.67
N TYR C 321 44.61 -5.56 -7.97
CA TYR C 321 43.83 -6.47 -7.15
C TYR C 321 42.92 -5.84 -6.08
N TYR C 322 43.50 -5.05 -5.18
CA TYR C 322 42.71 -4.43 -4.13
C TYR C 322 41.69 -3.42 -4.63
N PRO C 323 42.07 -2.51 -5.56
CA PRO C 323 41.05 -1.57 -6.04
C PRO C 323 39.86 -2.32 -6.70
N SER C 324 40.14 -3.43 -7.37
CA SER C 324 39.09 -4.22 -7.99
C SER C 324 38.19 -4.81 -6.89
N MET C 325 38.82 -5.41 -5.89
CA MET C 325 38.07 -6.00 -4.78
C MET C 325 37.16 -4.96 -4.10
N ASP C 326 37.65 -3.73 -3.97
CA ASP C 326 36.89 -2.64 -3.33
C ASP C 326 35.48 -2.50 -3.92
N ILE C 327 35.42 -2.35 -5.24
CA ILE C 327 34.17 -2.19 -5.95
C ILE C 327 33.32 -3.47 -5.94
N LEU C 328 33.99 -4.61 -6.12
CA LEU C 328 33.28 -5.91 -6.13
C LEU C 328 32.57 -6.16 -4.77
N TYR C 329 33.27 -5.90 -3.68
CA TYR C 329 32.79 -6.08 -2.30
C TYR C 329 31.55 -5.18 -2.11
N GLU C 330 31.65 -3.91 -2.49
CA GLU C 330 30.54 -2.96 -2.43
C GLU C 330 29.34 -3.49 -3.25
N CYS C 331 29.61 -3.92 -4.48
CA CYS C 331 28.55 -4.43 -5.35
C CYS C 331 27.87 -5.65 -4.73
N TYR C 332 28.66 -6.59 -4.21
CA TYR C 332 28.09 -7.78 -3.63
C TYR C 332 27.14 -7.43 -2.50
N GLU C 333 27.57 -6.52 -1.63
CA GLU C 333 26.73 -6.15 -0.48
C GLU C 333 25.44 -5.42 -0.88
N ASP C 334 25.49 -4.61 -1.95
CA ASP C 334 24.29 -3.91 -2.40
C ASP C 334 23.29 -4.92 -2.99
N VAL C 335 23.81 -6.01 -3.57
CA VAL C 335 22.95 -7.04 -4.16
C VAL C 335 22.30 -7.86 -3.03
N ALA C 336 23.10 -8.32 -2.07
CA ALA C 336 22.56 -9.13 -0.98
C ALA C 336 21.59 -8.35 -0.06
N SER C 337 21.82 -7.04 0.08
CA SER C 337 20.98 -6.21 0.97
C SER C 337 19.60 -5.88 0.42
N GLY C 338 19.44 -5.95 -0.90
CA GLY C 338 18.16 -5.59 -1.50
C GLY C 338 18.23 -4.23 -2.19
N SER C 339 19.28 -3.46 -1.93
CA SER C 339 19.43 -2.14 -2.56
C SER C 339 19.43 -2.22 -4.08
N GLU C 340 20.23 -3.14 -4.63
CA GLU C 340 20.35 -3.27 -6.07
C GLU C 340 19.10 -3.82 -6.79
N ILE C 341 18.43 -4.78 -6.17
CA ILE C 341 17.20 -5.36 -6.74
C ILE C 341 16.15 -4.24 -6.85
N ARG C 342 16.04 -3.41 -5.82
CA ARG C 342 15.07 -2.32 -5.83
C ARG C 342 15.44 -1.30 -6.91
N SER C 343 16.72 -1.01 -7.07
CA SER C 343 17.13 -0.07 -8.12
C SER C 343 16.69 -0.56 -9.50
N VAL C 344 16.83 -1.87 -9.74
CA VAL C 344 16.46 -2.46 -11.02
C VAL C 344 14.94 -2.38 -11.25
N VAL C 345 14.17 -2.60 -10.19
CA VAL C 345 12.71 -2.51 -10.29
C VAL C 345 12.30 -1.08 -10.66
N LEU C 346 12.87 -0.08 -9.97
CA LEU C 346 12.53 1.33 -10.25
C LEU C 346 12.99 1.77 -11.66
N ALA C 347 14.17 1.31 -12.08
CA ALA C 347 14.68 1.65 -13.42
C ALA C 347 13.69 1.20 -14.49
N GLY C 348 13.13 0.00 -14.32
CA GLY C 348 12.16 -0.54 -15.26
C GLY C 348 10.99 0.41 -15.47
N ARG C 349 10.54 1.03 -14.39
CA ARG C 349 9.42 1.98 -14.46
C ARG C 349 9.81 3.27 -15.19
N ARG C 350 11.06 3.70 -15.05
CA ARG C 350 11.48 4.93 -15.73
C ARG C 350 11.62 4.78 -17.24
N PHE C 351 11.44 3.56 -17.77
CA PHE C 351 11.50 3.37 -19.23
C PHE C 351 10.25 4.02 -19.86
N TYR C 352 9.30 4.44 -19.02
CA TYR C 352 8.08 5.07 -19.53
C TYR C 352 7.78 6.38 -18.82
N GLU C 353 6.96 7.20 -19.45
CA GLU C 353 6.59 8.48 -18.86
C GLU C 353 5.74 8.33 -17.62
N LYS C 354 6.05 9.11 -16.60
CA LYS C 354 5.29 9.14 -15.36
C LYS C 354 5.68 10.39 -14.57
N GLU C 355 4.80 10.84 -13.69
CA GLU C 355 5.05 12.00 -12.82
C GLU C 355 5.37 13.30 -13.57
N GLY C 356 4.94 13.38 -14.82
CA GLY C 356 5.19 14.57 -15.62
C GLY C 356 6.60 14.69 -16.14
N LEU C 357 7.36 13.60 -16.07
CA LEU C 357 8.76 13.57 -16.53
C LEU C 357 8.86 12.66 -17.77
N PRO C 358 9.93 12.78 -18.57
CA PRO C 358 10.09 11.95 -19.78
C PRO C 358 10.43 10.47 -19.51
N ALA C 359 10.35 9.66 -20.57
CA ALA C 359 10.70 8.25 -20.49
C ALA C 359 12.21 8.19 -20.72
N PHE C 360 12.89 7.22 -20.12
CA PHE C 360 14.33 7.06 -20.29
C PHE C 360 14.78 5.62 -20.57
N PRO C 361 14.48 5.12 -21.79
CA PRO C 361 14.89 3.75 -22.13
C PRO C 361 16.42 3.72 -22.22
N MET C 362 17.02 2.54 -22.17
CA MET C 362 18.47 2.45 -22.24
C MET C 362 18.99 2.95 -23.58
N GLY C 363 20.14 3.61 -23.55
CA GLY C 363 20.73 4.14 -24.77
C GLY C 363 21.86 3.26 -25.24
N LYS C 364 22.61 3.72 -26.23
CA LYS C 364 23.74 2.97 -26.79
C LYS C 364 25.05 3.18 -26.03
N ILE C 365 25.83 2.12 -25.92
CA ILE C 365 27.11 2.17 -25.24
C ILE C 365 28.32 1.97 -26.17
N ASP C 366 28.07 1.83 -27.46
CA ASP C 366 29.16 1.58 -28.39
C ASP C 366 29.34 2.61 -29.51
N GLN C 367 28.91 3.84 -29.29
CA GLN C 367 29.05 4.82 -30.36
C GLN C 367 30.22 5.77 -30.11
N THR C 368 30.98 5.46 -29.07
CA THR C 368 32.14 6.24 -28.69
C THR C 368 33.41 5.84 -29.48
N ARG C 369 34.48 6.64 -29.30
CA ARG C 369 35.78 6.48 -29.96
C ARG C 369 36.37 5.08 -30.06
N MET C 370 36.63 4.43 -28.93
CA MET C 370 37.25 3.10 -28.99
C MET C 370 36.40 2.06 -29.72
N TRP C 371 35.08 2.22 -29.70
CA TRP C 371 34.22 1.26 -30.39
C TRP C 371 34.17 1.52 -31.89
N LYS C 372 34.28 2.79 -32.28
CA LYS C 372 34.33 3.13 -33.70
C LYS C 372 35.66 2.60 -34.29
N VAL C 373 36.72 2.66 -33.48
CA VAL C 373 38.04 2.15 -33.84
C VAL C 373 37.92 0.63 -34.01
N GLY C 374 37.16 0.00 -33.10
CA GLY C 374 36.94 -1.43 -33.15
C GLY C 374 36.33 -1.91 -34.46
N GLU C 375 35.37 -1.14 -34.98
CA GLU C 375 34.74 -1.49 -36.25
C GLU C 375 35.83 -1.48 -37.33
N LYS C 376 36.76 -0.53 -37.25
CA LYS C 376 37.85 -0.45 -38.21
C LYS C 376 38.79 -1.67 -38.06
N VAL C 377 39.16 -1.98 -36.82
CA VAL C 377 40.03 -3.12 -36.54
C VAL C 377 39.43 -4.40 -37.12
N ARG C 378 38.17 -4.65 -36.81
CA ARG C 378 37.51 -5.85 -37.28
C ARG C 378 37.32 -5.96 -38.79
N SER C 379 37.20 -4.82 -39.46
CA SER C 379 37.00 -4.79 -40.91
C SER C 379 38.17 -5.34 -41.71
N VAL C 380 39.34 -5.37 -41.10
CA VAL C 380 40.53 -5.86 -41.79
C VAL C 380 41.16 -7.03 -41.06
N ARG C 381 40.44 -7.57 -40.08
CA ARG C 381 40.92 -8.69 -39.29
C ARG C 381 40.86 -10.01 -40.05
N PRO C 382 41.98 -10.74 -40.12
CA PRO C 382 42.00 -12.02 -40.84
C PRO C 382 41.35 -13.14 -40.03
N ALA C 383 40.90 -14.16 -40.77
CA ALA C 383 40.26 -15.34 -40.18
C ALA C 383 41.26 -16.02 -39.26
N GLY C 384 40.79 -16.48 -38.10
CA GLY C 384 41.67 -17.14 -37.15
C GLY C 384 42.40 -16.20 -36.20
N ASP C 385 42.32 -14.89 -36.45
CA ASP C 385 43.03 -13.94 -35.60
C ASP C 385 42.46 -13.90 -34.17
N LEU C 386 43.31 -14.15 -33.18
CA LEU C 386 42.97 -14.19 -31.75
C LEU C 386 43.58 -13.02 -30.95
N GLY C 387 44.08 -12.00 -31.65
CA GLY C 387 44.65 -10.84 -31.00
C GLY C 387 46.00 -11.06 -30.37
N PRO C 388 46.63 -9.97 -29.86
CA PRO C 388 47.95 -10.07 -29.23
C PRO C 388 47.90 -10.43 -27.74
N LEU C 389 49.02 -10.86 -27.18
CA LEU C 389 49.08 -11.18 -25.75
C LEU C 389 49.90 -10.09 -25.06
N TYR C 390 49.20 -9.05 -24.59
CA TYR C 390 49.84 -7.94 -23.91
C TYR C 390 49.81 -8.25 -22.43
N PRO C 391 50.99 -8.57 -21.85
CA PRO C 391 51.14 -8.91 -20.42
C PRO C 391 50.47 -7.99 -19.41
N PHE C 392 50.58 -6.67 -19.59
CA PHE C 392 49.97 -5.73 -18.64
C PHE C 392 48.44 -5.94 -18.60
N THR C 393 47.82 -6.10 -19.77
CA THR C 393 46.37 -6.32 -19.86
C THR C 393 45.96 -7.61 -19.15
N ALA C 394 46.77 -8.66 -19.31
CA ALA C 394 46.54 -9.93 -18.64
C ALA C 394 46.56 -9.76 -17.13
N GLY C 395 47.55 -9.02 -16.63
CA GLY C 395 47.67 -8.78 -15.19
C GLY C 395 46.46 -8.08 -14.59
N VAL C 396 45.92 -7.08 -15.28
CA VAL C 396 44.75 -6.35 -14.80
C VAL C 396 43.52 -7.26 -14.82
N TYR C 397 43.31 -7.94 -15.96
CA TYR C 397 42.16 -8.83 -16.14
C TYR C 397 42.18 -10.00 -15.17
N VAL C 398 43.34 -10.64 -15.01
CA VAL C 398 43.46 -11.75 -14.09
C VAL C 398 43.34 -11.33 -12.62
N ALA C 399 43.85 -10.16 -12.25
CA ALA C 399 43.73 -9.71 -10.87
C ALA C 399 42.24 -9.56 -10.49
N LEU C 400 41.44 -8.98 -11.39
CA LEU C 400 40.02 -8.79 -11.12
C LEU C 400 39.27 -10.13 -11.05
N MET C 401 39.63 -11.07 -11.93
CA MET C 401 39.02 -12.39 -11.92
C MET C 401 39.29 -13.02 -10.56
N MET C 402 40.54 -12.92 -10.11
CA MET C 402 40.93 -13.48 -8.81
C MET C 402 40.28 -12.75 -7.61
N ALA C 403 40.10 -11.43 -7.70
CA ALA C 403 39.46 -10.68 -6.63
C ALA C 403 37.99 -11.11 -6.53
N GLN C 404 37.35 -11.34 -7.68
CA GLN C 404 35.94 -11.77 -7.67
C GLN C 404 35.80 -13.15 -7.04
N ILE C 405 36.73 -14.05 -7.35
CA ILE C 405 36.71 -15.39 -6.79
C ILE C 405 36.80 -15.34 -5.25
N GLU C 406 37.67 -14.47 -4.75
CA GLU C 406 37.86 -14.32 -3.31
C GLU C 406 36.63 -13.72 -2.60
N ILE C 407 35.99 -12.75 -3.21
CA ILE C 407 34.78 -12.16 -2.60
C ILE C 407 33.70 -13.24 -2.47
N LEU C 408 33.46 -14.01 -3.54
CA LEU C 408 32.42 -15.06 -3.50
C LEU C 408 32.77 -16.15 -2.50
N ARG C 409 34.06 -16.44 -2.39
CA ARG C 409 34.58 -17.44 -1.47
C ARG C 409 34.28 -17.00 -0.01
N LYS C 410 34.70 -15.78 0.34
CA LYS C 410 34.46 -15.25 1.69
C LYS C 410 32.98 -15.03 2.00
N LYS C 411 32.18 -14.85 0.95
CA LYS C 411 30.73 -14.65 1.09
C LYS C 411 29.98 -15.99 1.06
N GLY C 412 30.74 -17.09 1.15
CA GLY C 412 30.17 -18.43 1.23
C GLY C 412 29.58 -19.21 0.07
N HIS C 413 30.03 -18.96 -1.15
CA HIS C 413 29.50 -19.67 -2.29
C HIS C 413 30.30 -20.95 -2.59
N SER C 414 29.65 -21.90 -3.27
CA SER C 414 30.29 -23.17 -3.64
C SER C 414 31.28 -22.95 -4.81
N TYR C 415 32.27 -23.82 -4.93
CA TYR C 415 33.24 -23.70 -6.02
C TYR C 415 32.61 -23.80 -7.42
N SER C 416 31.64 -24.70 -7.59
CA SER C 416 30.93 -24.86 -8.87
C SER C 416 30.32 -23.54 -9.29
N GLU C 417 29.66 -22.88 -8.34
CA GLU C 417 29.03 -21.60 -8.60
C GLU C 417 30.07 -20.49 -8.81
N ILE C 418 31.10 -20.45 -7.95
CA ILE C 418 32.15 -19.44 -8.09
C ILE C 418 32.81 -19.52 -9.49
N ILE C 419 33.21 -20.72 -9.88
CA ILE C 419 33.91 -20.94 -11.15
C ILE C 419 33.09 -20.63 -12.42
N ASN C 420 31.80 -20.93 -12.41
CA ASN C 420 30.97 -20.62 -13.58
C ASN C 420 30.73 -19.11 -13.69
N GLU C 421 30.48 -18.49 -12.54
CA GLU C 421 30.18 -17.06 -12.48
C GLU C 421 31.39 -16.15 -12.71
N SER C 422 32.58 -16.63 -12.37
CA SER C 422 33.81 -15.81 -12.46
C SER C 422 34.84 -16.15 -13.54
N VAL C 423 34.74 -17.35 -14.11
CA VAL C 423 35.71 -17.81 -15.10
C VAL C 423 35.09 -18.40 -16.37
N ILE C 424 34.43 -19.55 -16.23
CA ILE C 424 33.84 -20.26 -17.39
C ILE C 424 32.91 -19.41 -18.25
N GLU C 425 31.91 -18.77 -17.65
CA GLU C 425 30.97 -17.97 -18.43
C GLU C 425 31.63 -16.89 -19.27
N ALA C 426 32.58 -16.16 -18.67
CA ALA C 426 33.28 -15.08 -19.37
C ALA C 426 34.04 -15.57 -20.60
N VAL C 427 34.82 -16.63 -20.43
CA VAL C 427 35.62 -17.14 -21.53
C VAL C 427 34.91 -18.00 -22.58
N ASP C 428 33.92 -18.82 -22.17
CA ASP C 428 33.21 -19.69 -23.13
C ASP C 428 31.90 -19.14 -23.71
N SER C 429 31.26 -18.22 -23.00
CA SER C 429 29.99 -17.69 -23.46
C SER C 429 29.97 -16.22 -23.89
N LEU C 430 30.50 -15.34 -23.07
CA LEU C 430 30.43 -13.92 -23.35
C LEU C 430 31.49 -13.27 -24.22
N ASN C 431 32.76 -13.48 -23.87
CA ASN C 431 33.87 -12.86 -24.63
C ASN C 431 33.86 -13.09 -26.12
N PRO C 432 33.43 -14.28 -26.59
CA PRO C 432 33.41 -14.50 -28.04
C PRO C 432 32.49 -13.48 -28.75
N PHE C 433 31.48 -12.98 -28.05
CA PHE C 433 30.57 -12.00 -28.67
C PHE C 433 31.21 -10.60 -28.83
N MET C 434 32.00 -10.19 -27.84
CA MET C 434 32.67 -8.88 -27.92
C MET C 434 33.79 -8.99 -28.97
N HIS C 435 34.41 -10.17 -29.06
CA HIS C 435 35.42 -10.40 -30.09
C HIS C 435 34.74 -10.28 -31.45
N ALA C 436 33.54 -10.84 -31.55
CA ALA C 436 32.78 -10.82 -32.78
C ALA C 436 32.33 -9.44 -33.23
N ARG C 437 31.85 -8.60 -32.31
CA ARG C 437 31.37 -7.30 -32.75
C ARG C 437 31.32 -6.20 -31.71
N GLY C 438 32.28 -6.19 -30.80
CA GLY C 438 32.33 -5.13 -29.82
C GLY C 438 31.51 -5.32 -28.57
N VAL C 439 31.60 -4.34 -27.68
CA VAL C 439 30.93 -4.40 -26.38
C VAL C 439 29.40 -4.54 -26.40
N SER C 440 28.71 -3.88 -27.32
CA SER C 440 27.27 -4.00 -27.34
C SER C 440 26.75 -5.40 -27.77
N PHE C 441 27.50 -6.07 -28.64
CA PHE C 441 27.10 -7.40 -29.13
C PHE C 441 27.17 -8.38 -27.97
N MET C 442 27.99 -8.05 -26.97
CA MET C 442 28.08 -8.91 -25.79
C MET C 442 27.03 -8.44 -24.76
N VAL C 443 27.18 -7.21 -24.28
CA VAL C 443 26.28 -6.66 -23.27
C VAL C 443 24.78 -6.66 -23.59
N ASP C 444 24.41 -6.11 -24.74
CA ASP C 444 23.00 -6.00 -25.06
C ASP C 444 22.27 -7.26 -25.47
N ASN C 445 23.00 -8.38 -25.49
CA ASN C 445 22.40 -9.69 -25.79
C ASN C 445 22.04 -10.37 -24.47
N CYS C 446 22.33 -9.71 -23.36
CA CYS C 446 22.06 -10.23 -22.02
C CYS C 446 20.74 -9.59 -21.53
N SER C 447 20.30 -9.92 -20.32
CA SER C 447 19.01 -9.44 -19.80
C SER C 447 18.95 -7.94 -19.48
N THR C 448 17.73 -7.47 -19.22
CA THR C 448 17.50 -6.08 -18.84
C THR C 448 18.27 -5.79 -17.55
N THR C 449 18.27 -6.76 -16.64
CA THR C 449 18.97 -6.64 -15.36
C THR C 449 20.49 -6.53 -15.56
N ALA C 450 21.04 -7.36 -16.46
CA ALA C 450 22.47 -7.35 -16.74
C ALA C 450 22.89 -6.09 -17.50
N ARG C 451 22.04 -5.65 -18.42
CA ARG C 451 22.30 -4.47 -19.23
C ARG C 451 22.34 -3.22 -18.36
N LEU C 452 21.43 -3.14 -17.39
CA LEU C 452 21.40 -2.02 -16.46
C LEU C 452 22.62 -2.12 -15.54
N GLY C 453 22.92 -3.32 -15.07
CA GLY C 453 24.06 -3.52 -14.18
C GLY C 453 25.39 -3.13 -14.80
N SER C 454 25.60 -3.52 -16.06
CA SER C 454 26.82 -3.21 -16.76
C SER C 454 26.99 -1.69 -16.90
N ARG C 455 25.92 -0.99 -17.25
CA ARG C 455 25.98 0.48 -17.40
C ARG C 455 26.26 1.18 -16.05
N LYS C 456 25.72 0.67 -14.94
CA LYS C 456 25.92 1.27 -13.64
C LYS C 456 27.28 1.02 -13.01
N TRP C 457 27.86 -0.15 -13.27
CA TRP C 457 29.15 -0.48 -12.64
C TRP C 457 30.44 -0.39 -13.48
N ALA C 458 30.33 -0.49 -14.81
CA ALA C 458 31.52 -0.34 -15.65
C ALA C 458 32.25 1.00 -15.37
N PRO C 459 31.51 2.12 -15.22
CA PRO C 459 32.19 3.39 -14.95
C PRO C 459 32.94 3.38 -13.62
N ARG C 460 32.43 2.61 -12.66
CA ARG C 460 33.05 2.51 -11.33
C ARG C 460 34.43 1.83 -11.42
N PHE C 461 34.49 0.72 -12.16
CA PHE C 461 35.75 0.03 -12.31
C PHE C 461 36.76 0.88 -13.08
N ASP C 462 36.27 1.62 -14.08
CA ASP C 462 37.09 2.52 -14.89
C ASP C 462 37.75 3.55 -13.94
N TYR C 463 36.94 4.28 -13.18
CA TYR C 463 37.46 5.29 -12.24
C TYR C 463 38.42 4.76 -11.18
N ILE C 464 38.06 3.68 -10.48
CA ILE C 464 38.96 3.19 -9.45
C ILE C 464 40.30 2.67 -9.98
N LEU C 465 40.31 2.10 -11.18
CA LEU C 465 41.57 1.61 -11.73
C LEU C 465 42.47 2.80 -12.15
N SER C 466 41.86 3.84 -12.73
CA SER C 466 42.64 5.01 -13.13
C SER C 466 43.16 5.74 -11.90
N GLN C 467 42.27 5.94 -10.92
CA GLN C 467 42.61 6.66 -9.70
C GLN C 467 43.55 5.97 -8.73
N GLN C 468 43.45 4.65 -8.62
CA GLN C 468 44.29 3.92 -7.69
C GLN C 468 45.35 3.00 -8.31
N ALA C 469 44.92 2.04 -9.12
CA ALA C 469 45.84 1.09 -9.73
C ALA C 469 46.90 1.69 -10.65
N LEU C 470 46.45 2.48 -11.62
CA LEU C 470 47.36 3.09 -12.56
C LEU C 470 48.29 4.12 -11.91
N VAL C 471 47.78 4.85 -10.92
CA VAL C 471 48.59 5.83 -10.19
C VAL C 471 49.73 5.08 -9.47
N ALA C 472 49.42 3.94 -8.86
CA ALA C 472 50.42 3.13 -8.15
C ALA C 472 51.55 2.64 -9.06
N VAL C 473 51.19 2.17 -10.24
CA VAL C 473 52.16 1.69 -11.21
C VAL C 473 53.03 2.86 -11.66
N ASP C 474 52.40 3.97 -11.99
CA ASP C 474 53.13 5.15 -12.42
C ASP C 474 54.03 5.75 -11.35
N ASN C 475 53.77 5.41 -10.10
CA ASN C 475 54.57 5.88 -8.99
C ASN C 475 55.63 4.85 -8.59
N GLY C 476 55.76 3.78 -9.37
CA GLY C 476 56.74 2.75 -9.08
C GLY C 476 56.47 2.00 -7.79
N ALA C 477 55.21 1.67 -7.52
CA ALA C 477 54.84 0.96 -6.30
C ALA C 477 55.52 -0.41 -6.26
N PRO C 478 55.95 -0.84 -5.06
CA PRO C 478 56.60 -2.14 -4.91
C PRO C 478 55.62 -3.22 -5.29
N ILE C 479 56.10 -4.40 -5.63
CA ILE C 479 55.21 -5.48 -5.96
C ILE C 479 54.89 -6.22 -4.67
N ASN C 480 53.61 -6.51 -4.46
CA ASN C 480 53.14 -7.24 -3.29
C ASN C 480 53.47 -8.73 -3.53
N GLN C 481 54.62 -9.17 -3.00
CA GLN C 481 55.08 -10.54 -3.19
C GLN C 481 54.13 -11.57 -2.61
N ASP C 482 53.51 -11.24 -1.49
CA ASP C 482 52.59 -12.18 -0.87
C ASP C 482 51.33 -12.39 -1.72
N LEU C 483 50.91 -11.33 -2.41
CA LEU C 483 49.75 -11.38 -3.29
C LEU C 483 50.05 -12.31 -4.48
N ILE C 484 51.20 -12.09 -5.12
CA ILE C 484 51.62 -12.88 -6.27
C ILE C 484 51.78 -14.37 -5.94
N SER C 485 52.39 -14.64 -4.79
CA SER C 485 52.63 -15.97 -4.28
C SER C 485 51.29 -16.70 -4.13
N ASN C 486 50.33 -16.04 -3.48
CA ASN C 486 49.00 -16.59 -3.27
C ASN C 486 48.26 -16.89 -4.58
N PHE C 487 48.50 -16.07 -5.60
CA PHE C 487 47.91 -16.29 -6.91
C PHE C 487 48.45 -17.61 -7.45
N LEU C 488 49.77 -17.74 -7.38
CA LEU C 488 50.45 -18.90 -7.88
C LEU C 488 50.13 -20.18 -7.14
N SER C 489 49.81 -20.07 -5.86
CA SER C 489 49.48 -21.24 -5.06
C SER C 489 47.98 -21.41 -4.78
N ASP C 490 47.15 -20.50 -5.28
CA ASP C 490 45.71 -20.56 -5.04
C ASP C 490 45.03 -21.91 -5.39
N PRO C 491 44.29 -22.51 -4.43
CA PRO C 491 43.62 -23.79 -4.73
C PRO C 491 42.59 -23.76 -5.87
N VAL C 492 42.11 -22.58 -6.26
CA VAL C 492 41.12 -22.50 -7.34
C VAL C 492 41.60 -22.98 -8.71
N HIS C 493 42.91 -22.92 -8.96
CA HIS C 493 43.43 -23.32 -10.28
C HIS C 493 43.23 -24.81 -10.58
N GLU C 494 43.44 -25.63 -9.56
CA GLU C 494 43.25 -27.06 -9.65
C GLU C 494 41.75 -27.36 -9.85
N ALA C 495 40.89 -26.64 -9.11
CA ALA C 495 39.43 -26.81 -9.21
C ALA C 495 38.92 -26.44 -10.60
N ILE C 496 39.52 -25.42 -11.20
CA ILE C 496 39.17 -24.97 -12.54
C ILE C 496 39.55 -26.08 -13.53
N GLY C 497 40.66 -26.77 -13.27
CA GLY C 497 41.07 -27.87 -14.12
C GLY C 497 40.09 -29.03 -14.04
N VAL C 498 39.60 -29.34 -12.84
CA VAL C 498 38.63 -30.41 -12.69
C VAL C 498 37.37 -30.06 -13.49
N CYS C 499 36.88 -28.83 -13.38
CA CYS C 499 35.69 -28.45 -14.13
C CYS C 499 35.93 -28.51 -15.64
N ALA C 500 37.13 -28.16 -16.07
CA ALA C 500 37.46 -28.19 -17.49
C ALA C 500 37.40 -29.60 -18.08
N GLN C 501 37.50 -30.64 -17.25
CA GLN C 501 37.42 -32.00 -17.75
C GLN C 501 36.03 -32.38 -18.25
N LEU C 502 35.01 -31.71 -17.71
CA LEU C 502 33.62 -31.94 -18.10
C LEU C 502 33.21 -31.06 -19.28
N ARG C 503 34.13 -30.23 -19.76
CA ARG C 503 33.84 -29.30 -20.86
C ARG C 503 33.90 -29.97 -22.24
N PRO C 504 32.79 -29.98 -22.99
CA PRO C 504 32.85 -30.60 -24.32
C PRO C 504 33.90 -29.91 -25.18
N SER C 505 34.44 -30.64 -26.14
CA SER C 505 35.45 -30.06 -27.03
C SER C 505 34.82 -29.34 -28.24
N VAL C 506 34.01 -28.32 -27.94
CA VAL C 506 33.31 -27.50 -28.95
C VAL C 506 33.48 -26.04 -28.51
N ASP C 507 33.86 -25.16 -29.44
CA ASP C 507 34.03 -23.74 -29.12
C ASP C 507 32.93 -23.02 -29.85
N ILE C 508 32.24 -22.10 -29.19
CA ILE C 508 31.15 -21.39 -29.83
C ILE C 508 31.58 -20.67 -31.10
N SER C 509 30.79 -20.80 -32.14
CA SER C 509 31.07 -20.16 -33.41
C SER C 509 30.15 -18.95 -33.55
N VAL C 510 30.71 -17.73 -33.43
CA VAL C 510 29.92 -16.48 -33.56
C VAL C 510 30.56 -15.48 -34.52
N THR C 511 29.74 -14.84 -35.36
CA THR C 511 30.24 -13.81 -36.28
C THR C 511 29.40 -12.51 -36.17
N ALA C 512 29.87 -11.42 -36.78
CA ALA C 512 29.16 -10.15 -36.76
C ALA C 512 27.74 -10.23 -37.34
N ASP C 513 27.52 -11.14 -38.27
CA ASP C 513 26.22 -11.29 -38.90
C ASP C 513 25.35 -12.40 -38.31
N ALA C 514 25.71 -12.87 -37.12
CA ALA C 514 24.97 -13.93 -36.45
C ALA C 514 23.46 -13.67 -36.49
N ASP C 515 22.74 -14.68 -36.94
CA ASP C 515 21.29 -14.64 -37.08
C ASP C 515 20.57 -15.07 -35.81
N PHE C 516 21.35 -15.54 -34.83
CA PHE C 516 20.81 -16.05 -33.59
C PHE C 516 20.87 -15.08 -32.40
N VAL C 517 21.06 -13.80 -32.68
CA VAL C 517 21.13 -12.80 -31.61
C VAL C 517 19.80 -12.06 -31.53
N ARG C 518 19.64 -11.18 -30.55
CA ARG C 518 18.41 -10.42 -30.41
C ARG C 518 18.14 -9.79 -31.79
N PRO C 519 16.87 -9.79 -32.23
CA PRO C 519 16.47 -9.24 -33.53
C PRO C 519 17.03 -7.84 -33.75
N GLU C 520 17.00 -7.03 -32.69
CA GLU C 520 17.48 -5.65 -32.72
C GLU C 520 19.01 -5.54 -32.81
N LEU C 521 19.70 -6.66 -32.68
CA LEU C 521 21.15 -6.70 -32.75
C LEU C 521 21.59 -7.42 -34.01
N ARG C 522 20.64 -7.92 -34.79
CA ARG C 522 21.00 -8.65 -36.00
C ARG C 522 21.60 -7.83 -37.12
N GLN C 523 22.64 -8.38 -37.72
CA GLN C 523 23.34 -7.72 -38.81
C GLN C 523 23.05 -8.30 -40.20
N ALA C 524 22.91 -7.37 -41.13
CA ALA C 524 22.71 -7.65 -42.54
C ALA C 524 23.80 -6.75 -43.14
N ALA D 12 2.25 19.09 0.96
CA ALA D 12 2.87 20.45 1.16
C ALA D 12 4.30 20.51 0.63
N THR D 13 4.63 21.60 -0.04
CA THR D 13 5.97 21.78 -0.56
C THR D 13 6.68 22.84 0.26
N THR D 14 5.90 23.81 0.73
CA THR D 14 6.41 24.92 1.55
C THR D 14 5.95 24.72 3.00
N PHE D 15 6.72 25.21 3.96
CA PHE D 15 6.42 25.06 5.40
C PHE D 15 6.49 26.35 6.22
N ASP D 16 5.43 26.62 6.99
CA ASP D 16 5.35 27.81 7.84
C ASP D 16 5.74 27.42 9.29
N PHE D 17 5.92 28.41 10.14
CA PHE D 17 6.32 28.17 11.54
C PHE D 17 6.13 29.49 12.30
N ASP D 18 6.37 29.48 13.60
CA ASP D 18 6.24 30.71 14.40
C ASP D 18 7.38 30.87 15.37
N SER D 19 7.81 32.12 15.56
CA SER D 19 8.89 32.40 16.50
C SER D 19 8.48 33.50 17.47
N SER D 20 8.80 33.31 18.74
CA SER D 20 8.49 34.32 19.74
C SER D 20 9.73 35.18 20.03
N VAL D 21 10.86 34.85 19.39
CA VAL D 21 12.11 35.56 19.59
C VAL D 21 12.57 36.28 18.33
N PHE D 22 12.54 35.60 17.19
CA PHE D 22 13.02 36.18 15.94
C PHE D 22 11.93 36.68 15.03
N LYS D 23 12.32 37.51 14.07
CA LYS D 23 11.38 38.08 13.10
C LYS D 23 11.26 37.20 11.84
N LYS D 24 10.05 36.77 11.53
CA LYS D 24 9.81 35.95 10.35
C LYS D 24 9.37 36.86 9.20
N GLU D 25 9.83 36.57 7.99
CA GLU D 25 9.43 37.37 6.86
C GLU D 25 9.15 36.52 5.65
N LYS D 26 8.39 37.09 4.73
CA LYS D 26 7.97 36.41 3.52
C LYS D 26 8.87 36.70 2.31
N VAL D 27 8.93 35.74 1.41
CA VAL D 27 9.65 35.87 0.14
C VAL D 27 8.76 35.18 -0.88
N THR D 28 8.57 35.82 -2.03
CA THR D 28 7.73 35.25 -3.07
C THR D 28 8.63 34.76 -4.19
N LEU D 29 8.68 33.44 -4.33
CA LEU D 29 9.50 32.81 -5.33
C LEU D 29 8.58 32.18 -6.35
N SER D 30 8.55 32.76 -7.54
CA SER D 30 7.71 32.28 -8.63
C SER D 30 6.26 32.16 -8.17
N GLY D 31 5.74 33.23 -7.56
CA GLY D 31 4.37 33.23 -7.07
C GLY D 31 4.09 32.43 -5.81
N HIS D 32 5.12 31.81 -5.24
CA HIS D 32 4.99 31.01 -4.03
C HIS D 32 5.60 31.70 -2.83
N ASP D 33 4.78 32.04 -1.85
CA ASP D 33 5.28 32.69 -0.64
C ASP D 33 5.95 31.64 0.25
N GLU D 34 7.10 31.99 0.81
CA GLU D 34 7.86 31.12 1.70
C GLU D 34 8.34 32.02 2.82
N TYR D 35 8.33 31.52 4.04
CA TYR D 35 8.74 32.32 5.19
C TYR D 35 10.16 31.99 5.63
N ILE D 36 10.94 33.02 5.92
CA ILE D 36 12.32 32.84 6.31
C ILE D 36 12.70 33.77 7.46
N VAL D 37 13.88 33.52 8.02
CA VAL D 37 14.42 34.35 9.09
C VAL D 37 15.81 34.80 8.60
N ARG D 38 15.97 36.10 8.38
CA ARG D 38 17.25 36.67 7.92
C ARG D 38 18.23 36.70 9.07
N GLY D 39 19.51 36.48 8.78
CA GLY D 39 20.53 36.47 9.83
C GLY D 39 21.18 37.82 10.10
N GLY D 40 22.20 37.81 10.95
CA GLY D 40 22.90 39.05 11.28
C GLY D 40 23.51 39.05 12.66
N ARG D 41 24.67 39.67 12.82
CA ARG D 41 25.32 39.73 14.13
C ARG D 41 24.48 40.54 15.12
N ASN D 42 23.72 41.50 14.63
CA ASN D 42 22.87 42.32 15.48
C ASN D 42 21.84 41.49 16.25
N LEU D 43 21.58 40.28 15.77
CA LEU D 43 20.60 39.39 16.40
C LEU D 43 21.15 38.53 17.53
N PHE D 44 22.47 38.52 17.73
CA PHE D 44 23.06 37.69 18.78
C PHE D 44 22.54 37.92 20.21
N PRO D 45 22.15 39.16 20.57
CA PRO D 45 21.65 39.33 21.93
C PRO D 45 20.35 38.52 22.20
N LEU D 46 19.68 38.12 21.12
CA LEU D 46 18.43 37.34 21.22
C LEU D 46 18.68 35.87 21.56
N LEU D 47 19.92 35.41 21.43
CA LEU D 47 20.24 34.02 21.70
C LEU D 47 19.87 33.49 23.07
N PRO D 48 20.11 34.28 24.15
CA PRO D 48 19.75 33.79 25.49
C PRO D 48 18.25 33.38 25.58
N ASP D 49 17.37 34.20 24.98
CA ASP D 49 15.93 33.92 24.97
C ASP D 49 15.64 32.64 24.19
N ALA D 50 16.22 32.56 22.98
CA ALA D 50 16.02 31.40 22.14
C ALA D 50 16.50 30.11 22.82
N PHE D 51 17.55 30.21 23.64
CA PHE D 51 18.13 29.06 24.33
C PHE D 51 17.64 28.83 25.76
N LYS D 52 16.48 29.38 26.11
CA LYS D 52 15.94 29.18 27.46
C LYS D 52 15.97 27.68 27.78
N GLY D 53 16.36 27.34 29.00
CA GLY D 53 16.38 25.94 29.38
C GLY D 53 17.63 25.16 29.01
N ILE D 54 18.57 25.79 28.31
CA ILE D 54 19.82 25.12 27.90
C ILE D 54 21.06 25.67 28.60
N LYS D 55 21.73 24.82 29.39
CA LYS D 55 22.95 25.23 30.07
C LYS D 55 24.20 24.68 29.37
N GLN D 56 24.09 23.50 28.79
CA GLN D 56 25.21 22.89 28.05
C GLN D 56 24.78 22.38 26.68
N ILE D 57 25.53 22.76 25.65
CA ILE D 57 25.30 22.30 24.28
C ILE D 57 26.45 21.33 24.00
N GLY D 58 26.10 20.07 23.77
CA GLY D 58 27.11 19.05 23.50
C GLY D 58 27.29 18.76 22.03
N VAL D 59 28.41 19.21 21.46
CA VAL D 59 28.70 18.98 20.06
C VAL D 59 29.43 17.63 20.01
N ILE D 60 28.80 16.65 19.39
CA ILE D 60 29.37 15.31 19.29
C ILE D 60 30.02 15.11 17.93
N GLY D 61 31.31 14.75 17.96
CA GLY D 61 32.08 14.55 16.75
C GLY D 61 33.02 15.71 16.49
N TRP D 62 33.85 15.58 15.45
CA TRP D 62 34.81 16.63 15.07
C TRP D 62 35.29 16.32 13.65
N GLY D 63 34.36 16.29 12.71
CA GLY D 63 34.71 16.01 11.32
C GLY D 63 34.85 17.26 10.49
N SER D 64 33.81 17.62 9.74
CA SER D 64 33.82 18.82 8.90
C SER D 64 32.85 19.89 9.45
N GLN D 65 31.66 19.47 9.86
CA GLN D 65 30.68 20.40 10.41
C GLN D 65 30.93 20.81 11.85
N ALA D 66 31.25 19.84 12.72
CA ALA D 66 31.48 20.12 14.14
C ALA D 66 32.54 21.19 14.46
N PRO D 67 33.74 21.12 13.84
CA PRO D 67 34.75 22.13 14.12
C PRO D 67 34.26 23.55 13.81
N ALA D 68 33.55 23.69 12.69
CA ALA D 68 33.02 24.97 12.25
C ALA D 68 31.87 25.43 13.13
N GLN D 69 30.89 24.55 13.33
CA GLN D 69 29.72 24.88 14.17
C GLN D 69 30.09 25.20 15.63
N ALA D 70 30.93 24.37 16.25
CA ALA D 70 31.33 24.58 17.64
C ALA D 70 32.01 25.94 17.85
N GLN D 71 32.82 26.37 16.89
CA GLN D 71 33.50 27.66 16.99
C GLN D 71 32.56 28.84 16.71
N ASN D 72 31.70 28.71 15.71
CA ASN D 72 30.74 29.77 15.37
C ASN D 72 29.78 29.95 16.57
N LEU D 73 29.37 28.84 17.16
CA LEU D 73 28.47 28.86 18.31
C LEU D 73 29.12 29.57 19.49
N LYS D 74 30.31 29.12 19.84
CA LYS D 74 31.06 29.69 20.96
C LYS D 74 31.24 31.20 20.78
N ASP D 75 31.73 31.63 19.60
CA ASP D 75 31.92 33.05 19.31
C ASP D 75 30.60 33.83 19.45
N SER D 76 29.54 33.30 18.84
CA SER D 76 28.23 33.94 18.90
C SER D 76 27.71 34.07 20.32
N LEU D 77 27.89 33.03 21.12
CA LEU D 77 27.42 33.05 22.51
C LEU D 77 28.23 34.06 23.33
N THR D 78 29.53 34.13 23.05
CA THR D 78 30.43 35.07 23.72
C THR D 78 29.99 36.51 23.42
N GLU D 79 29.66 36.76 22.16
CA GLU D 79 29.21 38.07 21.72
C GLU D 79 27.86 38.41 22.36
N ALA D 80 27.07 37.38 22.66
CA ALA D 80 25.75 37.57 23.27
C ALA D 80 25.88 37.62 24.80
N LYS D 81 27.10 37.50 25.31
CA LYS D 81 27.38 37.53 26.75
C LYS D 81 26.68 36.40 27.49
N SER D 82 26.32 35.34 26.75
CA SER D 82 25.62 34.19 27.32
C SER D 82 26.54 33.30 28.18
N ASP D 83 25.92 32.50 29.04
CA ASP D 83 26.66 31.59 29.91
C ASP D 83 26.52 30.11 29.50
N VAL D 84 25.94 29.87 28.32
CA VAL D 84 25.79 28.51 27.81
C VAL D 84 27.19 27.95 27.48
N VAL D 85 27.47 26.73 27.94
CA VAL D 85 28.77 26.07 27.70
C VAL D 85 28.71 25.16 26.48
N VAL D 86 29.74 25.22 25.63
CA VAL D 86 29.84 24.39 24.44
C VAL D 86 30.88 23.33 24.73
N LYS D 87 30.45 22.09 24.88
CA LYS D 87 31.38 21.02 25.17
C LYS D 87 31.44 20.03 24.02
N ILE D 88 32.66 19.65 23.64
CA ILE D 88 32.88 18.69 22.57
C ILE D 88 32.94 17.30 23.18
N GLY D 89 32.24 16.34 22.59
CA GLY D 89 32.23 14.97 23.06
C GLY D 89 32.82 14.09 21.98
N LEU D 90 33.89 13.35 22.31
CA LEU D 90 34.53 12.51 21.32
C LEU D 90 34.66 11.06 21.76
N ARG D 91 34.85 10.21 20.76
CA ARG D 91 35.01 8.78 20.92
C ARG D 91 36.21 8.36 21.75
N LYS D 92 36.11 7.12 22.22
CA LYS D 92 37.16 6.49 23.03
C LYS D 92 38.41 6.44 22.17
N GLY D 93 39.46 7.12 22.65
CA GLY D 93 40.72 7.15 21.92
C GLY D 93 40.59 7.75 20.53
N SER D 94 40.01 8.94 20.48
CA SER D 94 39.86 9.64 19.21
C SER D 94 41.13 10.46 18.98
N ASN D 95 41.53 10.60 17.72
CA ASN D 95 42.69 11.41 17.38
C ASN D 95 42.24 12.85 17.20
N SER D 96 40.94 13.11 17.33
CA SER D 96 40.43 14.47 17.20
C SER D 96 40.64 15.30 18.47
N PHE D 97 40.95 14.63 19.59
CA PHE D 97 41.15 15.33 20.85
C PHE D 97 42.18 16.44 20.73
N ALA D 98 43.28 16.15 20.04
CA ALA D 98 44.34 17.14 19.84
C ALA D 98 43.84 18.30 19.03
N GLU D 99 43.04 18.01 18.00
CA GLU D 99 42.49 19.06 17.12
C GLU D 99 41.54 19.97 17.89
N ALA D 100 40.71 19.37 18.72
CA ALA D 100 39.76 20.15 19.51
C ALA D 100 40.51 21.07 20.48
N ARG D 101 41.53 20.52 21.14
CA ARG D 101 42.35 21.29 22.08
C ARG D 101 43.01 22.45 21.36
N ALA D 102 43.43 22.23 20.12
CA ALA D 102 44.06 23.26 19.30
C ALA D 102 43.05 24.33 18.87
N ALA D 103 41.76 24.00 18.97
CA ALA D 103 40.69 24.93 18.61
C ALA D 103 40.21 25.69 19.84
N GLY D 104 40.68 25.28 21.01
CA GLY D 104 40.30 25.97 22.23
C GLY D 104 39.50 25.19 23.26
N PHE D 105 39.03 24.00 22.90
CA PHE D 105 38.24 23.21 23.83
C PHE D 105 39.16 22.25 24.59
N SER D 106 39.10 22.30 25.92
CA SER D 106 39.96 21.46 26.74
C SER D 106 39.24 20.77 27.89
N GLU D 107 39.88 19.72 28.40
CA GLU D 107 39.34 18.95 29.51
C GLU D 107 39.34 19.80 30.79
N GLU D 108 40.39 20.59 30.97
CA GLU D 108 40.52 21.46 32.16
C GLU D 108 39.32 22.39 32.29
N ASN D 109 38.97 23.06 31.20
CA ASN D 109 37.85 23.99 31.19
C ASN D 109 36.50 23.27 31.11
N GLY D 110 36.54 21.96 31.00
CA GLY D 110 35.31 21.18 30.92
C GLY D 110 34.61 21.28 29.57
N THR D 111 35.29 21.81 28.57
CA THR D 111 34.69 21.96 27.25
C THR D 111 35.10 20.85 26.27
N LEU D 112 35.67 19.76 26.80
CA LEU D 112 36.10 18.64 25.98
C LEU D 112 36.03 17.38 26.84
N GLY D 113 35.43 16.32 26.30
CA GLY D 113 35.33 15.08 27.07
C GLY D 113 34.79 13.89 26.30
N ASP D 114 34.50 12.81 27.03
CA ASP D 114 33.98 11.58 26.43
C ASP D 114 32.61 11.81 25.81
N MET D 115 32.42 11.21 24.65
CA MET D 115 31.17 11.32 23.91
C MET D 115 29.91 11.02 24.73
N TRP D 116 29.89 9.86 25.37
CA TRP D 116 28.73 9.44 26.14
C TRP D 116 28.47 10.34 27.34
N GLU D 117 29.54 10.72 28.03
CA GLU D 117 29.43 11.59 29.20
C GLU D 117 28.94 12.97 28.79
N THR D 118 29.41 13.43 27.63
CA THR D 118 29.01 14.73 27.13
C THR D 118 27.52 14.69 26.76
N ILE D 119 27.06 13.59 26.16
CA ILE D 119 25.65 13.47 25.78
C ILE D 119 24.75 13.53 27.01
N SER D 120 25.08 12.72 28.02
CA SER D 120 24.30 12.65 29.25
C SER D 120 24.15 13.97 30.02
N GLY D 121 25.08 14.91 29.85
CA GLY D 121 24.99 16.17 30.55
C GLY D 121 24.55 17.36 29.71
N SER D 122 24.17 17.12 28.46
CA SER D 122 23.75 18.22 27.59
C SER D 122 22.24 18.42 27.52
N ASP D 123 21.83 19.67 27.31
CA ASP D 123 20.41 20.01 27.18
C ASP D 123 20.06 20.03 25.70
N LEU D 124 21.08 20.33 24.88
CA LEU D 124 20.95 20.34 23.43
C LEU D 124 22.13 19.49 22.95
N VAL D 125 21.85 18.38 22.27
CA VAL D 125 22.88 17.47 21.74
C VAL D 125 22.97 17.62 20.21
N LEU D 126 24.14 18.02 19.71
CA LEU D 126 24.30 18.16 18.27
C LEU D 126 25.07 16.93 17.78
N LEU D 127 24.35 16.02 17.14
CA LEU D 127 24.91 14.77 16.63
C LEU D 127 25.66 14.99 15.30
N LEU D 128 26.94 15.31 15.39
CA LEU D 128 27.73 15.58 14.20
C LEU D 128 28.83 14.55 13.88
N ILE D 129 28.44 13.28 13.85
CA ILE D 129 29.36 12.19 13.49
C ILE D 129 28.89 11.69 12.12
N SER D 130 29.61 10.77 11.50
CA SER D 130 29.20 10.28 10.18
C SER D 130 27.80 9.70 10.22
N ASP D 131 27.08 9.84 9.10
CA ASP D 131 25.73 9.33 9.00
C ASP D 131 25.67 7.81 9.20
N SER D 132 26.65 7.05 8.70
CA SER D 132 26.65 5.60 8.92
C SER D 132 26.87 5.29 10.43
N ALA D 133 27.68 6.09 11.12
CA ALA D 133 27.92 5.90 12.55
C ALA D 133 26.62 6.14 13.33
N GLN D 134 25.85 7.15 12.92
CA GLN D 134 24.57 7.46 13.55
C GLN D 134 23.62 6.24 13.40
N ALA D 135 23.53 5.74 12.17
CA ALA D 135 22.69 4.58 11.88
C ALA D 135 23.04 3.35 12.71
N ASP D 136 24.33 3.13 12.97
CA ASP D 136 24.75 1.95 13.73
C ASP D 136 24.92 2.14 15.24
N ASN D 137 24.70 3.35 15.75
CA ASN D 137 24.87 3.62 17.17
C ASN D 137 23.75 4.47 17.80
N TYR D 138 22.65 4.65 17.10
CA TYR D 138 21.56 5.48 17.60
C TYR D 138 20.97 5.02 18.94
N GLU D 139 20.93 3.72 19.18
CA GLU D 139 20.39 3.22 20.45
C GLU D 139 21.17 3.71 21.67
N LYS D 140 22.50 3.79 21.57
CA LYS D 140 23.33 4.25 22.69
C LYS D 140 23.17 5.75 22.88
N VAL D 141 23.03 6.49 21.77
CA VAL D 141 22.84 7.94 21.85
C VAL D 141 21.54 8.20 22.60
N PHE D 142 20.48 7.51 22.17
CA PHE D 142 19.16 7.65 22.76
C PHE D 142 19.18 7.31 24.25
N SER D 143 19.76 6.17 24.62
CA SER D 143 19.81 5.77 26.02
C SER D 143 20.60 6.74 26.92
N HIS D 144 21.42 7.57 26.30
CA HIS D 144 22.21 8.53 27.06
C HIS D 144 21.60 9.93 27.14
N MET D 145 20.55 10.18 26.35
CA MET D 145 19.88 11.49 26.33
C MET D 145 19.14 11.74 27.65
N LYS D 146 19.13 13.00 28.10
CA LYS D 146 18.39 13.33 29.31
C LYS D 146 16.92 13.44 28.91
N PRO D 147 16.02 12.87 29.73
CA PRO D 147 14.60 12.96 29.38
C PRO D 147 14.26 14.44 29.18
N ASN D 148 13.46 14.72 28.15
CA ASN D 148 13.05 16.09 27.83
C ASN D 148 14.14 17.02 27.33
N SER D 149 15.27 16.46 26.89
CA SER D 149 16.34 17.28 26.33
C SER D 149 16.06 17.32 24.83
N ILE D 150 16.93 17.99 24.07
CA ILE D 150 16.75 18.14 22.64
C ILE D 150 17.88 17.51 21.80
N LEU D 151 17.50 16.76 20.76
CA LEU D 151 18.47 16.15 19.84
C LEU D 151 18.43 16.94 18.53
N GLY D 152 19.59 17.44 18.12
CA GLY D 152 19.68 18.21 16.89
C GLY D 152 20.57 17.53 15.88
N LEU D 153 20.09 17.43 14.66
CA LEU D 153 20.82 16.81 13.56
C LEU D 153 21.09 17.88 12.51
N SER D 154 22.10 17.66 11.66
CA SER D 154 22.39 18.60 10.58
C SER D 154 22.12 17.93 9.22
N HIS D 155 21.40 16.80 9.27
CA HIS D 155 21.02 16.03 8.08
C HIS D 155 19.88 15.08 8.51
N GLY D 156 18.93 14.84 7.61
CA GLY D 156 17.81 13.96 7.93
C GLY D 156 18.05 12.46 7.75
N PHE D 157 19.26 12.08 7.35
CA PHE D 157 19.67 10.67 7.14
C PHE D 157 19.16 9.66 8.20
N LEU D 158 19.39 9.97 9.48
CA LEU D 158 18.96 9.07 10.56
C LEU D 158 17.47 8.70 10.48
N LEU D 159 16.61 9.65 10.13
CA LEU D 159 15.17 9.35 10.01
C LEU D 159 14.96 8.32 8.89
N GLY D 160 15.63 8.52 7.76
CA GLY D 160 15.50 7.59 6.65
C GLY D 160 15.90 6.18 7.08
N HIS D 161 17.02 6.10 7.80
CA HIS D 161 17.48 4.82 8.30
C HIS D 161 16.47 4.19 9.26
N LEU D 162 15.97 4.97 10.21
CA LEU D 162 15.00 4.45 11.17
C LEU D 162 13.75 3.96 10.41
N GLN D 163 13.34 4.70 9.39
CA GLN D 163 12.18 4.33 8.58
C GLN D 163 12.40 2.93 7.96
N SER D 164 13.59 2.68 7.43
CA SER D 164 13.91 1.39 6.81
C SER D 164 13.75 0.24 7.81
N LEU D 165 13.91 0.55 9.09
CA LEU D 165 13.81 -0.44 10.17
C LEU D 165 12.42 -0.43 10.84
N GLY D 166 11.56 0.51 10.43
CA GLY D 166 10.24 0.61 11.03
C GLY D 166 10.36 1.13 12.46
N GLN D 167 11.31 2.03 12.68
CA GLN D 167 11.56 2.61 13.99
C GLN D 167 11.46 4.14 14.01
N ASP D 168 11.54 4.71 15.21
CA ASP D 168 11.47 6.16 15.37
C ASP D 168 12.25 6.59 16.62
N PHE D 169 12.30 7.90 16.80
CA PHE D 169 12.99 8.52 17.92
C PHE D 169 12.27 8.24 19.24
N PRO D 170 12.97 8.45 20.38
CA PRO D 170 12.33 8.20 21.68
C PRO D 170 11.19 9.21 21.84
N LYS D 171 10.13 8.86 22.54
CA LYS D 171 9.02 9.80 22.69
C LYS D 171 9.28 10.94 23.68
N ASN D 172 10.28 10.81 24.55
CA ASN D 172 10.53 11.85 25.53
C ASN D 172 11.60 12.90 25.24
N ILE D 173 11.90 13.15 23.98
CA ILE D 173 12.88 14.17 23.60
C ILE D 173 12.39 14.93 22.37
N SER D 174 12.83 16.17 22.22
CA SER D 174 12.47 16.93 21.04
C SER D 174 13.52 16.55 19.98
N VAL D 175 13.15 16.62 18.71
CA VAL D 175 14.05 16.29 17.62
C VAL D 175 13.94 17.40 16.58
N ILE D 176 15.07 18.08 16.37
CA ILE D 176 15.16 19.20 15.43
C ILE D 176 16.39 19.05 14.53
N ALA D 177 16.49 19.91 13.53
CA ALA D 177 17.61 19.91 12.61
C ALA D 177 17.88 21.29 12.04
N VAL D 178 19.16 21.60 11.87
CA VAL D 178 19.63 22.84 11.26
C VAL D 178 20.69 22.33 10.29
N CYS D 179 20.40 22.43 8.99
CA CYS D 179 21.26 21.89 7.94
C CYS D 179 21.91 22.96 7.05
N PRO D 180 23.21 23.23 7.28
CA PRO D 180 23.88 24.23 6.45
C PRO D 180 23.96 23.73 5.02
N LYS D 181 23.59 24.57 4.07
CA LYS D 181 23.65 24.20 2.66
C LYS D 181 25.04 24.64 2.11
N GLY D 182 26.09 24.04 2.66
CA GLY D 182 27.45 24.35 2.26
C GLY D 182 28.43 23.56 3.10
N MET D 183 29.66 23.42 2.64
CA MET D 183 30.65 22.64 3.40
C MET D 183 31.06 23.26 4.74
N GLY D 184 31.45 22.41 5.70
CA GLY D 184 31.86 22.88 7.00
C GLY D 184 32.89 24.01 6.96
N PRO D 185 34.00 23.83 6.20
CA PRO D 185 35.01 24.89 6.12
C PRO D 185 34.47 26.24 5.63
N SER D 186 33.42 26.22 4.81
CA SER D 186 32.85 27.49 4.31
C SER D 186 31.99 28.15 5.38
N VAL D 187 31.37 27.32 6.23
CA VAL D 187 30.53 27.81 7.35
C VAL D 187 31.43 28.61 8.33
N ARG D 188 32.62 28.07 8.62
CA ARG D 188 33.57 28.74 9.53
C ARG D 188 34.22 29.97 8.89
N ARG D 189 34.74 29.80 7.68
CA ARG D 189 35.40 30.88 6.98
C ARG D 189 34.52 32.12 6.73
N LEU D 190 33.32 31.91 6.19
CA LEU D 190 32.41 33.03 5.93
C LEU D 190 31.97 33.71 7.23
N TYR D 191 31.83 32.93 8.30
CA TYR D 191 31.46 33.50 9.60
C TYR D 191 32.59 34.46 10.04
N VAL D 192 33.84 34.01 9.93
CA VAL D 192 34.98 34.84 10.31
C VAL D 192 35.03 36.12 9.48
N GLN D 193 34.92 35.99 8.16
CA GLN D 193 34.93 37.17 7.29
C GLN D 193 33.78 38.12 7.66
N GLY D 194 32.68 37.54 8.15
CA GLY D 194 31.53 38.33 8.54
C GLY D 194 31.73 39.22 9.75
N LYS D 195 32.71 38.90 10.59
CA LYS D 195 32.99 39.68 11.80
C LYS D 195 33.37 41.15 11.55
N GLU D 196 33.72 41.44 10.29
CA GLU D 196 34.12 42.79 9.88
C GLU D 196 32.90 43.60 9.45
N VAL D 197 31.80 42.89 9.18
CA VAL D 197 30.54 43.50 8.74
C VAL D 197 29.44 43.07 9.73
N ASN D 198 28.19 42.97 9.27
CA ASN D 198 27.10 42.54 10.13
C ASN D 198 26.87 41.02 10.06
N GLY D 199 27.96 40.28 9.88
CA GLY D 199 27.87 38.83 9.83
C GLY D 199 27.82 38.26 8.43
N ALA D 200 28.08 36.97 8.33
CA ALA D 200 28.07 36.27 7.06
C ALA D 200 28.14 34.79 7.39
N GLY D 201 27.81 33.94 6.42
CA GLY D 201 27.83 32.51 6.66
C GLY D 201 27.21 31.77 5.50
N ILE D 202 26.61 30.61 5.77
CA ILE D 202 25.97 29.77 4.76
C ILE D 202 24.47 29.57 5.09
N ASN D 203 23.60 29.73 4.10
CA ASN D 203 22.15 29.55 4.28
C ASN D 203 21.86 28.18 4.87
N SER D 204 20.85 28.09 5.73
CA SER D 204 20.50 26.79 6.34
C SER D 204 18.99 26.49 6.31
N SER D 205 18.65 25.20 6.26
CA SER D 205 17.25 24.79 6.33
C SER D 205 17.11 24.24 7.74
N PHE D 206 15.93 24.35 8.34
CA PHE D 206 15.75 23.81 9.68
C PHE D 206 14.46 22.98 9.72
N ALA D 207 14.37 22.06 10.68
CA ALA D 207 13.20 21.22 10.81
C ALA D 207 12.85 20.93 12.26
N VAL D 208 11.56 20.78 12.55
CA VAL D 208 11.09 20.44 13.90
C VAL D 208 10.31 19.13 13.72
N HIS D 209 11.00 18.01 13.95
CA HIS D 209 10.40 16.70 13.80
C HIS D 209 9.53 16.32 14.99
N GLN D 210 10.03 16.60 16.19
CA GLN D 210 9.34 16.26 17.41
C GLN D 210 9.56 17.41 18.40
N ASP D 211 8.49 17.82 19.06
CA ASP D 211 8.55 18.91 20.03
C ASP D 211 7.81 18.46 21.27
N VAL D 212 8.52 18.30 22.38
CA VAL D 212 7.90 17.86 23.63
C VAL D 212 7.64 18.94 24.68
N ASP D 213 7.92 20.20 24.37
CA ASP D 213 7.69 21.29 25.34
C ASP D 213 7.49 22.69 24.74
N GLY D 214 7.50 22.78 23.43
CA GLY D 214 7.29 24.06 22.77
C GLY D 214 8.51 24.93 22.50
N ARG D 215 9.69 24.53 22.96
CA ARG D 215 10.90 25.33 22.73
C ARG D 215 11.60 25.02 21.40
N ALA D 216 11.27 23.88 20.81
CA ALA D 216 11.89 23.42 19.57
C ALA D 216 12.15 24.42 18.43
N THR D 217 11.13 25.17 18.01
CA THR D 217 11.31 26.13 16.91
C THR D 217 12.35 27.23 17.21
N ASP D 218 12.30 27.81 18.40
CA ASP D 218 13.27 28.86 18.75
C ASP D 218 14.67 28.33 18.98
N VAL D 219 14.80 27.11 19.50
CA VAL D 219 16.14 26.55 19.71
C VAL D 219 16.82 26.34 18.35
N ALA D 220 16.08 25.76 17.40
CA ALA D 220 16.61 25.55 16.05
C ALA D 220 16.92 26.90 15.40
N LEU D 221 16.02 27.86 15.54
CA LEU D 221 16.23 29.19 14.96
C LEU D 221 17.49 29.89 15.55
N GLY D 222 17.70 29.76 16.85
CA GLY D 222 18.86 30.35 17.49
C GLY D 222 20.16 29.69 17.06
N TRP D 223 20.12 28.37 16.92
CA TRP D 223 21.26 27.58 16.48
C TRP D 223 21.69 28.04 15.09
N SER D 224 20.73 28.15 14.15
CA SER D 224 21.03 28.59 12.79
C SER D 224 21.58 30.03 12.76
N ILE D 225 20.97 30.92 13.53
CA ILE D 225 21.44 32.31 13.60
C ILE D 225 22.86 32.37 14.20
N ALA D 226 23.12 31.56 15.23
CA ALA D 226 24.45 31.52 15.85
C ALA D 226 25.53 30.98 14.88
N LEU D 227 25.12 30.26 13.84
CA LEU D 227 26.06 29.71 12.85
C LEU D 227 26.42 30.76 11.79
N GLY D 228 25.58 31.80 11.68
CA GLY D 228 25.79 32.87 10.71
C GLY D 228 24.93 32.78 9.47
N SER D 229 23.92 31.92 9.47
CA SER D 229 23.06 31.77 8.28
C SER D 229 22.43 33.08 7.79
N PRO D 230 22.76 33.52 6.56
CA PRO D 230 22.20 34.76 6.00
C PRO D 230 20.66 34.63 5.98
N PHE D 231 20.16 33.49 5.55
CA PHE D 231 18.73 33.23 5.61
C PHE D 231 18.49 31.75 5.91
N THR D 232 17.46 31.51 6.74
CA THR D 232 17.08 30.17 7.17
C THR D 232 15.64 29.91 6.71
N PHE D 233 15.40 28.75 6.12
CA PHE D 233 14.08 28.37 5.64
C PHE D 233 13.66 27.04 6.25
N ALA D 234 12.37 26.75 6.23
CA ALA D 234 11.87 25.51 6.84
C ALA D 234 11.74 24.34 5.87
N THR D 235 11.91 23.13 6.40
CA THR D 235 11.79 21.90 5.64
C THR D 235 11.45 20.80 6.65
N THR D 236 11.50 19.54 6.24
CA THR D 236 11.25 18.43 7.16
C THR D 236 12.46 17.51 7.03
N LEU D 237 12.63 16.60 7.98
CA LEU D 237 13.75 15.68 7.91
C LEU D 237 13.72 14.86 6.61
N GLU D 238 12.54 14.40 6.21
CA GLU D 238 12.41 13.61 5.00
C GLU D 238 12.69 14.40 3.73
N GLN D 239 12.12 15.59 3.61
CA GLN D 239 12.36 16.45 2.44
C GLN D 239 13.86 16.79 2.35
N GLU D 240 14.48 17.03 3.51
CA GLU D 240 15.92 17.37 3.56
C GLU D 240 16.80 16.21 3.11
N TYR D 241 16.59 15.00 3.64
CA TYR D 241 17.44 13.90 3.21
C TYR D 241 17.27 13.57 1.71
N LYS D 242 16.05 13.66 1.19
CA LYS D 242 15.79 13.37 -0.22
C LYS D 242 16.49 14.35 -1.17
N SER D 243 16.41 15.65 -0.87
CA SER D 243 17.07 16.65 -1.72
C SER D 243 18.58 16.72 -1.52
N ASP D 244 19.00 16.54 -0.27
CA ASP D 244 20.40 16.61 0.11
C ASP D 244 21.29 15.47 -0.39
N ILE D 245 20.91 14.23 -0.10
CA ILE D 245 21.71 13.07 -0.55
C ILE D 245 21.80 13.10 -2.09
N PHE D 246 20.70 13.51 -2.72
CA PHE D 246 20.63 13.62 -4.17
C PHE D 246 21.51 14.76 -4.72
N GLY D 247 21.37 15.96 -4.14
CA GLY D 247 22.10 17.13 -4.59
C GLY D 247 23.61 17.02 -4.58
N GLU D 248 24.16 16.39 -3.56
CA GLU D 248 25.61 16.23 -3.48
C GLU D 248 26.13 15.28 -4.56
N ARG D 249 25.31 14.29 -4.92
CA ARG D 249 25.66 13.33 -5.97
C ARG D 249 25.42 13.97 -7.33
N GLY D 250 24.56 15.00 -7.33
CA GLY D 250 24.23 15.73 -8.53
C GLY D 250 25.17 16.90 -8.80
N ILE D 251 24.59 18.04 -9.20
CA ILE D 251 25.36 19.24 -9.55
C ILE D 251 26.47 19.66 -8.57
N LEU D 252 26.24 19.47 -7.27
CA LEU D 252 27.22 19.91 -6.26
C LEU D 252 28.61 19.29 -6.26
N LEU D 253 28.70 17.96 -6.40
CA LEU D 253 30.00 17.29 -6.39
C LEU D 253 30.14 16.23 -7.48
N GLY D 254 29.33 15.18 -7.39
CA GLY D 254 29.39 14.09 -8.36
C GLY D 254 29.33 14.51 -9.80
N ALA D 255 28.25 15.18 -10.19
CA ALA D 255 28.06 15.60 -11.57
C ALA D 255 29.07 16.61 -12.13
N VAL D 256 29.46 17.61 -11.33
CA VAL D 256 30.43 18.58 -11.85
C VAL D 256 31.80 17.92 -12.02
N HIS D 257 32.12 16.97 -11.15
CA HIS D 257 33.39 16.26 -11.27
C HIS D 257 33.32 15.48 -12.58
N GLY D 258 32.19 14.80 -12.81
CA GLY D 258 32.01 14.00 -14.02
C GLY D 258 32.03 14.81 -15.30
N ILE D 259 31.43 15.99 -15.28
CA ILE D 259 31.40 16.89 -16.44
C ILE D 259 32.83 17.32 -16.78
N VAL D 260 33.58 17.69 -15.74
CA VAL D 260 34.95 18.14 -15.86
C VAL D 260 35.89 17.07 -16.44
N GLU D 261 35.77 15.83 -15.97
CA GLU D 261 36.60 14.74 -16.48
C GLU D 261 36.22 14.44 -17.94
N CYS D 262 34.93 14.40 -18.20
CA CYS D 262 34.39 14.13 -19.54
C CYS D 262 34.87 15.15 -20.58
N LEU D 263 34.66 16.44 -20.32
CA LEU D 263 35.07 17.45 -21.27
C LEU D 263 36.58 17.58 -21.45
N PHE D 264 37.34 17.45 -20.37
CA PHE D 264 38.81 17.55 -20.43
C PHE D 264 39.33 16.54 -21.47
N ARG D 265 38.86 15.30 -21.36
CA ARG D 265 39.22 14.21 -22.24
C ARG D 265 38.84 14.57 -23.68
N ARG D 266 37.62 15.08 -23.87
CA ARG D 266 37.15 15.47 -25.21
C ARG D 266 38.06 16.56 -25.80
N TYR D 267 38.28 17.63 -25.02
CA TYR D 267 39.11 18.75 -25.45
C TYR D 267 40.53 18.34 -25.84
N THR D 268 41.18 17.52 -25.00
CA THR D 268 42.53 17.05 -25.31
C THR D 268 42.48 16.13 -26.54
N GLU D 269 41.44 15.31 -26.66
CA GLU D 269 41.26 14.41 -27.81
C GLU D 269 41.25 15.25 -29.09
N SER D 270 40.62 16.43 -29.01
CA SER D 270 40.53 17.35 -30.14
C SER D 270 41.82 18.08 -30.43
N GLY D 271 42.83 17.92 -29.57
CA GLY D 271 44.10 18.58 -29.79
C GLY D 271 44.36 19.83 -28.96
N MET D 272 43.45 20.15 -28.04
CA MET D 272 43.62 21.30 -27.17
C MET D 272 44.69 20.85 -26.17
N SER D 273 45.60 21.74 -25.78
CA SER D 273 46.66 21.36 -24.85
C SER D 273 46.02 21.01 -23.51
N GLU D 274 46.74 20.26 -22.69
CA GLU D 274 46.24 19.89 -21.37
C GLU D 274 45.99 21.14 -20.52
N ASP D 275 46.87 22.13 -20.63
CA ASP D 275 46.71 23.37 -19.85
C ASP D 275 45.43 24.12 -20.26
N LEU D 276 45.20 24.24 -21.56
CA LEU D 276 44.01 24.92 -22.08
C LEU D 276 42.72 24.11 -21.79
N ALA D 277 42.82 22.79 -21.77
CA ALA D 277 41.66 21.94 -21.50
C ALA D 277 41.22 22.06 -20.03
N TYR D 278 42.17 22.18 -19.11
CA TYR D 278 41.82 22.34 -17.70
C TYR D 278 41.21 23.74 -17.47
N LYS D 279 41.78 24.76 -18.10
CA LYS D 279 41.27 26.15 -17.97
C LYS D 279 39.83 26.29 -18.51
N ASN D 280 39.60 25.67 -19.66
CA ASN D 280 38.29 25.70 -20.31
C ASN D 280 37.24 24.80 -19.65
N THR D 281 37.65 24.05 -18.64
CA THR D 281 36.70 23.20 -17.91
C THR D 281 36.58 23.67 -16.45
N VAL D 282 37.56 23.28 -15.62
CA VAL D 282 37.58 23.62 -14.19
C VAL D 282 37.66 25.11 -13.86
N GLU D 283 38.63 25.82 -14.44
CA GLU D 283 38.79 27.25 -14.19
C GLU D 283 37.56 28.03 -14.65
N CYS D 284 37.07 27.65 -15.81
CA CYS D 284 35.88 28.26 -16.39
C CYS D 284 34.68 28.15 -15.43
N ILE D 285 34.37 26.92 -15.03
CA ILE D 285 33.24 26.66 -14.14
C ILE D 285 33.37 27.29 -12.74
N THR D 286 34.51 27.08 -12.09
CA THR D 286 34.73 27.59 -10.74
C THR D 286 35.06 29.08 -10.66
N GLY D 287 35.31 29.71 -11.81
CA GLY D 287 35.65 31.13 -11.82
C GLY D 287 34.51 31.97 -12.34
N VAL D 288 34.62 32.37 -13.61
CA VAL D 288 33.63 33.22 -14.29
C VAL D 288 32.16 32.72 -14.25
N ILE D 289 31.95 31.43 -14.50
CA ILE D 289 30.58 30.89 -14.48
C ILE D 289 29.97 31.05 -13.09
N SER D 290 30.72 30.66 -12.06
CA SER D 290 30.28 30.73 -10.67
C SER D 290 30.02 32.16 -10.19
N LYS D 291 30.90 33.09 -10.54
CA LYS D 291 30.74 34.49 -10.13
C LYS D 291 29.53 35.15 -10.78
N THR D 292 29.28 34.84 -12.05
CA THR D 292 28.13 35.40 -12.77
C THR D 292 26.83 34.81 -12.24
N ILE D 293 26.79 33.49 -12.07
CA ILE D 293 25.60 32.84 -11.56
C ILE D 293 25.26 33.36 -10.15
N SER D 294 26.28 33.49 -9.31
CA SER D 294 26.14 33.97 -7.92
C SER D 294 25.44 35.32 -7.73
N THR D 295 25.82 36.31 -8.53
CA THR D 295 25.28 37.65 -8.40
C THR D 295 24.26 38.09 -9.44
N LYS D 296 24.30 37.50 -10.63
CA LYS D 296 23.40 37.90 -11.69
C LYS D 296 22.59 36.78 -12.30
N GLY D 297 22.92 35.54 -11.96
CA GLY D 297 22.18 34.42 -12.48
C GLY D 297 22.62 33.83 -13.81
N MET D 298 21.90 32.77 -14.22
CA MET D 298 22.16 32.03 -15.44
C MET D 298 21.86 32.75 -16.75
N LEU D 299 20.80 33.56 -16.80
CA LEU D 299 20.47 34.29 -18.01
C LEU D 299 21.54 35.33 -18.32
N ALA D 300 22.09 35.94 -17.27
CA ALA D 300 23.14 36.94 -17.44
C ALA D 300 24.37 36.27 -18.06
N LEU D 301 24.66 35.05 -17.60
CA LEU D 301 25.79 34.28 -18.13
C LEU D 301 25.58 34.02 -19.62
N TYR D 302 24.43 33.50 -19.98
CA TYR D 302 24.12 33.23 -21.38
C TYR D 302 24.26 34.53 -22.20
N ASN D 303 23.76 35.62 -21.62
CA ASN D 303 23.82 36.92 -22.29
C ASN D 303 25.20 37.52 -22.42
N SER D 304 26.15 37.08 -21.59
CA SER D 304 27.52 37.60 -21.67
C SER D 304 28.30 36.92 -22.81
N LEU D 305 27.66 35.96 -23.49
CA LEU D 305 28.29 35.24 -24.60
C LEU D 305 28.09 36.00 -25.90
N SER D 306 28.99 35.79 -26.85
CA SER D 306 28.91 36.42 -28.16
C SER D 306 27.80 35.69 -28.92
N GLU D 307 27.44 36.18 -30.11
CA GLU D 307 26.42 35.53 -30.90
C GLU D 307 26.80 34.09 -31.28
N GLU D 308 28.09 33.85 -31.48
CA GLU D 308 28.61 32.52 -31.81
C GLU D 308 28.66 31.69 -30.53
N GLY D 309 29.04 32.34 -29.44
CA GLY D 309 29.12 31.69 -28.15
C GLY D 309 27.78 31.12 -27.73
N LYS D 310 26.72 31.86 -28.03
CA LYS D 310 25.37 31.42 -27.70
C LYS D 310 25.02 30.17 -28.51
N LYS D 311 25.47 30.14 -29.77
CA LYS D 311 25.19 29.00 -30.63
C LYS D 311 25.85 27.73 -30.09
N ASP D 312 27.06 27.85 -29.57
CA ASP D 312 27.75 26.71 -28.99
C ASP D 312 27.17 26.28 -27.66
N PHE D 313 26.79 27.25 -26.84
CA PHE D 313 26.15 26.97 -25.55
C PHE D 313 24.89 26.16 -25.89
N GLN D 314 24.12 26.61 -26.88
CA GLN D 314 22.90 25.92 -27.29
C GLN D 314 23.09 24.47 -27.76
N ALA D 315 24.17 24.21 -28.49
CA ALA D 315 24.46 22.86 -28.98
C ALA D 315 24.74 21.97 -27.77
N ALA D 316 25.54 22.48 -26.83
CA ALA D 316 25.86 21.71 -25.63
C ALA D 316 24.63 21.46 -24.76
N TYR D 317 23.83 22.51 -24.55
CA TYR D 317 22.62 22.42 -23.72
C TYR D 317 21.61 21.43 -24.30
N SER D 318 21.33 21.58 -25.60
CA SER D 318 20.36 20.73 -26.30
C SER D 318 20.70 19.25 -26.23
N ALA D 319 21.97 18.92 -26.34
CA ALA D 319 22.40 17.52 -26.30
C ALA D 319 22.64 16.96 -24.89
N SER D 320 22.91 17.84 -23.93
CA SER D 320 23.22 17.38 -22.57
C SER D 320 22.08 17.33 -21.56
N TYR D 321 21.03 18.11 -21.80
CA TYR D 321 19.90 18.17 -20.87
C TYR D 321 19.29 16.83 -20.48
N TYR D 322 18.77 16.08 -21.44
CA TYR D 322 18.13 14.80 -21.12
C TYR D 322 19.03 13.69 -20.58
N PRO D 323 20.24 13.50 -21.16
CA PRO D 323 21.10 12.43 -20.63
C PRO D 323 21.42 12.76 -19.16
N SER D 324 21.60 14.05 -18.84
CA SER D 324 21.87 14.47 -17.46
C SER D 324 20.65 14.14 -16.58
N MET D 325 19.46 14.46 -17.09
CA MET D 325 18.21 14.20 -16.36
C MET D 325 18.02 12.71 -16.08
N ASP D 326 18.43 11.88 -17.03
CA ASP D 326 18.33 10.42 -16.92
C ASP D 326 19.02 9.95 -15.62
N ILE D 327 20.28 10.35 -15.43
CA ILE D 327 21.04 9.98 -14.23
C ILE D 327 20.50 10.63 -12.93
N LEU D 328 20.12 11.91 -13.01
CA LEU D 328 19.58 12.63 -11.86
C LEU D 328 18.31 11.94 -11.36
N TYR D 329 17.44 11.60 -12.31
CA TYR D 329 16.17 10.92 -12.07
C TYR D 329 16.45 9.60 -11.33
N GLU D 330 17.36 8.79 -11.86
CA GLU D 330 17.75 7.51 -11.24
C GLU D 330 18.26 7.71 -9.80
N CYS D 331 19.19 8.65 -9.65
CA CYS D 331 19.77 8.94 -8.34
C CYS D 331 18.70 9.35 -7.30
N TYR D 332 17.81 10.25 -7.69
CA TYR D 332 16.76 10.71 -6.77
C TYR D 332 15.93 9.55 -6.24
N GLU D 333 15.46 8.70 -7.15
CA GLU D 333 14.62 7.57 -6.74
C GLU D 333 15.35 6.56 -5.85
N ASP D 334 16.66 6.40 -6.04
CA ASP D 334 17.46 5.49 -5.19
C ASP D 334 17.58 6.07 -3.78
N VAL D 335 17.60 7.40 -3.67
CA VAL D 335 17.68 8.06 -2.37
C VAL D 335 16.32 7.96 -1.67
N ALA D 336 15.26 8.27 -2.41
CA ALA D 336 13.92 8.23 -1.85
C ALA D 336 13.47 6.81 -1.45
N SER D 337 13.91 5.81 -2.20
CA SER D 337 13.51 4.43 -1.93
C SER D 337 14.19 3.75 -0.74
N GLY D 338 15.33 4.29 -0.31
CA GLY D 338 16.06 3.70 0.80
C GLY D 338 17.31 2.96 0.33
N SER D 339 17.40 2.71 -0.98
CA SER D 339 18.54 2.00 -1.56
C SER D 339 19.88 2.70 -1.25
N GLU D 340 19.96 3.98 -1.58
CA GLU D 340 21.20 4.72 -1.35
C GLU D 340 21.57 4.86 0.13
N ILE D 341 20.59 5.08 1.00
CA ILE D 341 20.88 5.19 2.43
C ILE D 341 21.51 3.88 2.95
N ARG D 342 20.91 2.75 2.59
CA ARG D 342 21.44 1.46 3.02
C ARG D 342 22.86 1.27 2.45
N SER D 343 23.09 1.69 1.21
CA SER D 343 24.43 1.59 0.60
C SER D 343 25.49 2.30 1.44
N VAL D 344 25.19 3.52 1.88
CA VAL D 344 26.12 4.31 2.69
C VAL D 344 26.41 3.64 4.05
N VAL D 345 25.37 3.11 4.70
CA VAL D 345 25.53 2.43 5.98
C VAL D 345 26.48 1.24 5.84
N LEU D 346 26.31 0.46 4.77
CA LEU D 346 27.17 -0.70 4.56
C LEU D 346 28.60 -0.29 4.17
N ALA D 347 28.74 0.79 3.44
CA ALA D 347 30.05 1.29 3.05
C ALA D 347 30.83 1.66 4.33
N GLY D 348 30.13 2.22 5.30
CA GLY D 348 30.78 2.59 6.57
C GLY D 348 31.42 1.41 7.28
N ARG D 349 30.76 0.25 7.22
CA ARG D 349 31.26 -0.95 7.87
C ARG D 349 32.45 -1.55 7.11
N ARG D 350 32.55 -1.26 5.82
CA ARG D 350 33.66 -1.76 5.00
C ARG D 350 35.00 -1.07 5.31
N PHE D 351 34.94 0.01 6.07
CA PHE D 351 36.15 0.72 6.47
C PHE D 351 36.88 -0.09 7.55
N TYR D 352 36.28 -1.20 7.98
CA TYR D 352 36.90 -2.08 8.99
C TYR D 352 36.99 -3.51 8.46
N GLU D 353 37.96 -4.28 8.94
CA GLU D 353 38.11 -5.66 8.52
C GLU D 353 36.99 -6.47 9.13
N LYS D 354 36.39 -7.35 8.32
CA LYS D 354 35.31 -8.25 8.76
C LYS D 354 35.14 -9.35 7.73
N GLU D 355 34.59 -10.49 8.17
CA GLU D 355 34.31 -11.64 7.30
C GLU D 355 35.54 -12.20 6.56
N GLY D 356 36.72 -12.00 7.16
CA GLY D 356 37.95 -12.48 6.55
C GLY D 356 38.39 -11.64 5.36
N LEU D 357 37.81 -10.45 5.23
CA LEU D 357 38.13 -9.54 4.13
C LEU D 357 38.81 -8.27 4.66
N PRO D 358 39.65 -7.63 3.82
CA PRO D 358 40.35 -6.40 4.23
C PRO D 358 39.45 -5.18 4.35
N ALA D 359 40.02 -4.11 4.89
CA ALA D 359 39.32 -2.83 5.09
C ALA D 359 39.56 -1.98 3.85
N PHE D 360 38.56 -1.20 3.46
CA PHE D 360 38.68 -0.35 2.28
C PHE D 360 38.32 1.11 2.51
N PRO D 361 39.25 1.90 3.09
CA PRO D 361 38.94 3.32 3.31
C PRO D 361 38.91 4.02 1.95
N MET D 362 38.28 5.19 1.86
CA MET D 362 38.22 5.90 0.59
C MET D 362 39.61 6.26 0.10
N GLY D 363 39.80 6.25 -1.22
CA GLY D 363 41.09 6.56 -1.79
C GLY D 363 41.14 7.99 -2.30
N LYS D 364 42.23 8.32 -2.98
CA LYS D 364 42.43 9.66 -3.53
C LYS D 364 41.81 9.78 -4.90
N ILE D 365 41.16 10.91 -5.17
CA ILE D 365 40.51 11.13 -6.46
C ILE D 365 41.21 12.19 -7.30
N ASP D 366 42.35 12.70 -6.85
CA ASP D 366 43.02 13.75 -7.60
C ASP D 366 44.48 13.47 -7.98
N GLN D 367 44.85 12.21 -8.10
CA GLN D 367 46.23 11.93 -8.46
C GLN D 367 46.39 11.53 -9.91
N THR D 368 45.31 11.72 -10.66
CA THR D 368 45.30 11.39 -12.07
C THR D 368 45.73 12.57 -12.94
N ARG D 369 45.96 12.27 -14.22
CA ARG D 369 46.37 13.20 -15.28
C ARG D 369 45.87 14.64 -15.17
N MET D 370 44.55 14.82 -15.31
CA MET D 370 43.99 16.15 -15.26
C MET D 370 44.18 16.95 -13.99
N TRP D 371 44.32 16.29 -12.85
CA TRP D 371 44.52 17.01 -11.59
C TRP D 371 46.00 17.35 -11.37
N LYS D 372 46.88 16.53 -11.94
CA LYS D 372 48.30 16.83 -11.86
C LYS D 372 48.54 18.05 -12.77
N VAL D 373 47.84 18.09 -13.91
CA VAL D 373 47.90 19.20 -14.84
C VAL D 373 47.33 20.46 -14.13
N GLY D 374 46.28 20.26 -13.33
CA GLY D 374 45.68 21.35 -12.59
C GLY D 374 46.65 22.02 -11.63
N GLU D 375 47.48 21.22 -10.97
CA GLU D 375 48.48 21.75 -10.05
C GLU D 375 49.42 22.71 -10.78
N LYS D 376 49.84 22.32 -12.00
CA LYS D 376 50.74 23.14 -12.80
C LYS D 376 50.07 24.45 -13.20
N VAL D 377 48.83 24.37 -13.66
CA VAL D 377 48.08 25.57 -14.07
C VAL D 377 47.99 26.57 -12.91
N ARG D 378 47.65 26.06 -11.73
CA ARG D 378 47.53 26.90 -10.56
C ARG D 378 48.86 27.49 -10.07
N SER D 379 49.96 26.78 -10.32
CA SER D 379 51.27 27.26 -9.87
C SER D 379 51.73 28.57 -10.53
N VAL D 380 51.21 28.84 -11.72
CA VAL D 380 51.57 30.05 -12.46
C VAL D 380 50.38 31.00 -12.59
N ARG D 381 49.32 30.71 -11.85
CA ARG D 381 48.10 31.51 -11.90
C ARG D 381 48.18 32.80 -11.09
N PRO D 382 47.84 33.94 -11.71
CA PRO D 382 47.86 35.23 -11.02
C PRO D 382 46.71 35.26 -10.01
N ALA D 383 46.86 36.03 -8.93
CA ALA D 383 45.78 36.16 -7.96
C ALA D 383 44.62 36.90 -8.65
N GLY D 384 43.38 36.54 -8.29
CA GLY D 384 42.22 37.19 -8.88
C GLY D 384 41.86 36.75 -10.29
N ASP D 385 42.47 35.67 -10.75
CA ASP D 385 42.19 35.17 -12.10
C ASP D 385 40.81 34.48 -12.13
N LEU D 386 39.96 34.90 -13.06
CA LEU D 386 38.61 34.33 -13.18
C LEU D 386 38.41 33.26 -14.26
N GLY D 387 39.46 32.98 -15.04
CA GLY D 387 39.39 31.95 -16.07
C GLY D 387 38.65 32.35 -17.33
N PRO D 388 38.64 31.49 -18.36
CA PRO D 388 37.93 31.81 -19.60
C PRO D 388 36.49 31.33 -19.55
N LEU D 389 35.64 31.99 -20.33
CA LEU D 389 34.25 31.60 -20.41
C LEU D 389 34.10 30.84 -21.73
N TYR D 390 34.33 29.54 -21.66
CA TYR D 390 34.23 28.66 -22.81
C TYR D 390 32.74 28.30 -22.99
N PRO D 391 32.11 28.75 -24.10
CA PRO D 391 30.69 28.51 -24.43
C PRO D 391 30.13 27.10 -24.30
N PHE D 392 30.83 26.13 -24.88
CA PHE D 392 30.36 24.75 -24.81
C PHE D 392 30.31 24.24 -23.38
N THR D 393 31.35 24.53 -22.60
CA THR D 393 31.42 24.12 -21.19
C THR D 393 30.24 24.69 -20.38
N ALA D 394 29.94 25.97 -20.62
CA ALA D 394 28.83 26.63 -19.92
C ALA D 394 27.51 25.95 -20.28
N GLY D 395 27.39 25.55 -21.54
CA GLY D 395 26.19 24.88 -21.99
C GLY D 395 25.91 23.58 -21.27
N VAL D 396 26.95 22.78 -21.06
CA VAL D 396 26.79 21.48 -20.37
C VAL D 396 26.48 21.68 -18.89
N TYR D 397 27.24 22.58 -18.25
CA TYR D 397 27.06 22.85 -16.83
C TYR D 397 25.67 23.38 -16.50
N VAL D 398 25.25 24.42 -17.24
CA VAL D 398 23.93 25.01 -17.02
C VAL D 398 22.80 24.03 -17.37
N ALA D 399 23.00 23.18 -18.36
CA ALA D 399 21.96 22.21 -18.73
C ALA D 399 21.71 21.22 -17.58
N LEU D 400 22.79 20.78 -16.92
CA LEU D 400 22.66 19.84 -15.81
C LEU D 400 22.05 20.57 -14.62
N MET D 401 22.45 21.81 -14.39
CA MET D 401 21.91 22.64 -13.32
C MET D 401 20.39 22.77 -13.51
N MET D 402 19.96 23.05 -14.73
CA MET D 402 18.52 23.19 -15.02
C MET D 402 17.79 21.85 -14.91
N ALA D 403 18.43 20.78 -15.39
CA ALA D 403 17.84 19.45 -15.30
C ALA D 403 17.59 19.06 -13.84
N GLN D 404 18.55 19.38 -12.96
CA GLN D 404 18.42 19.06 -11.54
C GLN D 404 17.25 19.85 -10.95
N ILE D 405 17.13 21.11 -11.34
CA ILE D 405 16.05 21.97 -10.87
C ILE D 405 14.70 21.34 -11.21
N GLU D 406 14.54 20.90 -12.46
CA GLU D 406 13.30 20.26 -12.89
C GLU D 406 12.96 18.96 -12.16
N ILE D 407 13.95 18.12 -11.89
CA ILE D 407 13.72 16.87 -11.16
C ILE D 407 13.16 17.20 -9.77
N LEU D 408 13.75 18.20 -9.10
CA LEU D 408 13.31 18.59 -7.77
C LEU D 408 11.90 19.20 -7.78
N ARG D 409 11.58 19.93 -8.84
CA ARG D 409 10.24 20.51 -8.97
C ARG D 409 9.18 19.41 -9.09
N LYS D 410 9.40 18.50 -10.03
CA LYS D 410 8.47 17.40 -10.26
C LYS D 410 8.37 16.45 -9.07
N LYS D 411 9.41 16.38 -8.25
CA LYS D 411 9.40 15.51 -7.09
C LYS D 411 8.87 16.17 -5.81
N GLY D 412 8.51 17.46 -5.90
CA GLY D 412 7.94 18.14 -4.76
C GLY D 412 8.83 18.81 -3.72
N HIS D 413 9.59 19.82 -4.12
CA HIS D 413 10.42 20.52 -3.15
C HIS D 413 10.17 22.01 -3.29
N SER D 414 10.31 22.74 -2.19
CA SER D 414 10.11 24.21 -2.20
C SER D 414 11.21 24.90 -3.02
N TYR D 415 10.93 26.08 -3.56
CA TYR D 415 11.95 26.80 -4.32
C TYR D 415 13.18 27.16 -3.48
N SER D 416 12.99 27.46 -2.19
CA SER D 416 14.13 27.80 -1.32
C SER D 416 15.06 26.61 -1.24
N GLU D 417 14.47 25.42 -1.15
CA GLU D 417 15.25 24.21 -1.06
C GLU D 417 15.93 23.92 -2.40
N ILE D 418 15.18 24.02 -3.50
CA ILE D 418 15.70 23.77 -4.83
C ILE D 418 16.84 24.71 -5.23
N ILE D 419 16.67 25.99 -4.95
CA ILE D 419 17.64 27.01 -5.28
C ILE D 419 18.95 26.89 -4.50
N ASN D 420 18.85 26.55 -3.23
CA ASN D 420 20.06 26.37 -2.42
C ASN D 420 20.80 25.07 -2.82
N GLU D 421 20.05 23.99 -2.98
CA GLU D 421 20.64 22.70 -3.34
C GLU D 421 21.20 22.60 -4.76
N SER D 422 20.69 23.40 -5.68
CA SER D 422 21.11 23.34 -7.07
C SER D 422 21.88 24.54 -7.64
N VAL D 423 21.88 25.68 -6.94
CA VAL D 423 22.54 26.88 -7.44
C VAL D 423 23.46 27.60 -6.44
N ILE D 424 22.88 28.14 -5.38
CA ILE D 424 23.62 28.91 -4.37
C ILE D 424 24.79 28.18 -3.72
N GLU D 425 24.56 26.94 -3.28
CA GLU D 425 25.62 26.19 -2.62
C GLU D 425 26.82 25.94 -3.53
N ALA D 426 26.55 25.64 -4.81
CA ALA D 426 27.61 25.38 -5.78
C ALA D 426 28.52 26.60 -6.01
N VAL D 427 27.92 27.76 -6.24
CA VAL D 427 28.68 28.98 -6.51
C VAL D 427 29.21 29.76 -5.31
N ASP D 428 28.49 29.76 -4.19
CA ASP D 428 28.92 30.50 -2.99
C ASP D 428 29.72 29.68 -1.97
N SER D 429 29.52 28.37 -1.96
CA SER D 429 30.23 27.53 -0.99
C SER D 429 31.31 26.58 -1.56
N LEU D 430 30.90 25.73 -2.49
CA LEU D 430 31.78 24.69 -3.04
C LEU D 430 32.80 25.00 -4.12
N ASN D 431 32.36 25.59 -5.23
CA ASN D 431 33.27 25.90 -6.33
C ASN D 431 34.52 26.69 -5.99
N PRO D 432 34.45 27.62 -5.01
CA PRO D 432 35.66 28.38 -4.66
C PRO D 432 36.81 27.46 -4.18
N PHE D 433 36.46 26.32 -3.57
CA PHE D 433 37.48 25.41 -3.09
C PHE D 433 38.12 24.63 -4.23
N MET D 434 37.35 24.34 -5.28
CA MET D 434 37.92 23.64 -6.43
C MET D 434 38.82 24.62 -7.21
N HIS D 435 38.44 25.89 -7.24
CA HIS D 435 39.27 26.92 -7.90
C HIS D 435 40.57 27.07 -7.10
N ALA D 436 40.46 26.97 -5.77
CA ALA D 436 41.61 27.09 -4.88
C ALA D 436 42.61 25.94 -4.95
N ARG D 437 42.13 24.69 -5.01
CA ARG D 437 43.04 23.57 -5.06
C ARG D 437 42.52 22.26 -5.67
N GLY D 438 41.68 22.35 -6.70
CA GLY D 438 41.20 21.14 -7.36
C GLY D 438 40.02 20.40 -6.76
N VAL D 439 39.65 19.30 -7.40
CA VAL D 439 38.50 18.50 -6.98
C VAL D 439 38.52 17.96 -5.55
N SER D 440 39.68 17.50 -5.06
CA SER D 440 39.73 16.96 -3.71
C SER D 440 39.53 18.03 -2.65
N PHE D 441 40.03 19.24 -2.91
CA PHE D 441 39.89 20.32 -1.95
C PHE D 441 38.40 20.66 -1.76
N MET D 442 37.58 20.37 -2.77
CA MET D 442 36.13 20.62 -2.71
C MET D 442 35.42 19.39 -2.13
N VAL D 443 35.45 18.28 -2.87
CA VAL D 443 34.81 17.03 -2.47
C VAL D 443 35.18 16.46 -1.09
N ASP D 444 36.48 16.33 -0.81
CA ASP D 444 36.90 15.74 0.45
C ASP D 444 36.73 16.57 1.73
N ASN D 445 36.27 17.80 1.59
CA ASN D 445 36.02 18.65 2.74
C ASN D 445 34.55 18.51 3.12
N CYS D 446 33.85 17.63 2.39
CA CYS D 446 32.43 17.37 2.61
C CYS D 446 32.27 16.12 3.48
N SER D 447 31.03 15.71 3.79
CA SER D 447 30.79 14.54 4.66
C SER D 447 31.16 13.20 4.05
N THR D 448 31.21 12.18 4.90
CA THR D 448 31.51 10.81 4.48
C THR D 448 30.43 10.41 3.46
N THR D 449 29.18 10.74 3.77
CA THR D 449 28.07 10.42 2.88
C THR D 449 28.24 11.07 1.51
N ALA D 450 28.67 12.34 1.51
CA ALA D 450 28.88 13.12 0.27
C ALA D 450 30.09 12.65 -0.54
N ARG D 451 31.17 12.31 0.16
CA ARG D 451 32.41 11.82 -0.45
C ARG D 451 32.17 10.47 -1.14
N LEU D 452 31.40 9.58 -0.51
CA LEU D 452 31.06 8.27 -1.09
C LEU D 452 30.12 8.49 -2.28
N GLY D 453 29.15 9.40 -2.11
CA GLY D 453 28.22 9.69 -3.19
C GLY D 453 28.91 10.24 -4.43
N SER D 454 29.83 11.20 -4.25
CA SER D 454 30.56 11.81 -5.36
C SER D 454 31.35 10.77 -6.15
N ARG D 455 31.98 9.84 -5.45
CA ARG D 455 32.77 8.76 -6.07
C ARG D 455 31.87 7.77 -6.83
N LYS D 456 30.67 7.53 -6.30
CA LYS D 456 29.74 6.61 -6.93
C LYS D 456 29.04 7.16 -8.16
N TRP D 457 28.68 8.44 -8.14
CA TRP D 457 27.94 9.01 -9.26
C TRP D 457 28.69 9.84 -10.31
N ALA D 458 29.87 10.36 -9.98
CA ALA D 458 30.65 11.12 -10.97
C ALA D 458 30.88 10.26 -12.22
N PRO D 459 31.29 8.99 -12.05
CA PRO D 459 31.52 8.15 -13.24
C PRO D 459 30.28 7.98 -14.13
N ARG D 460 29.08 7.99 -13.52
CA ARG D 460 27.83 7.82 -14.28
C ARG D 460 27.56 9.03 -15.18
N PHE D 461 27.81 10.22 -14.64
CA PHE D 461 27.60 11.43 -15.43
C PHE D 461 28.62 11.49 -16.56
N ASP D 462 29.85 11.09 -16.27
CA ASP D 462 30.94 11.08 -17.24
C ASP D 462 30.56 10.17 -18.42
N TYR D 463 30.21 8.92 -18.12
CA TYR D 463 29.82 7.93 -19.15
C TYR D 463 28.62 8.29 -20.00
N ILE D 464 27.53 8.75 -19.39
CA ILE D 464 26.36 9.06 -20.20
C ILE D 464 26.60 10.27 -21.11
N LEU D 465 27.32 11.26 -20.60
CA LEU D 465 27.60 12.42 -21.42
C LEU D 465 28.45 12.01 -22.64
N SER D 466 29.46 11.17 -22.43
CA SER D 466 30.33 10.69 -23.53
C SER D 466 29.56 9.84 -24.55
N GLN D 467 28.76 8.89 -24.04
CA GLN D 467 28.00 7.96 -24.89
C GLN D 467 26.81 8.55 -25.60
N GLN D 468 26.14 9.52 -24.97
CA GLN D 468 24.93 10.11 -25.55
C GLN D 468 25.02 11.58 -26.01
N ALA D 469 25.29 12.50 -25.09
CA ALA D 469 25.34 13.91 -25.45
C ALA D 469 26.40 14.27 -26.51
N LEU D 470 27.64 13.90 -26.24
CA LEU D 470 28.73 14.21 -27.15
C LEU D 470 28.58 13.53 -28.50
N VAL D 471 28.04 12.32 -28.50
CA VAL D 471 27.81 11.60 -29.75
C VAL D 471 26.77 12.36 -30.56
N ALA D 472 25.76 12.89 -29.89
CA ALA D 472 24.71 13.65 -30.56
C ALA D 472 25.32 14.91 -31.22
N VAL D 473 26.12 15.64 -30.46
CA VAL D 473 26.77 16.84 -30.97
C VAL D 473 27.61 16.48 -32.20
N ASP D 474 28.35 15.38 -32.12
CA ASP D 474 29.17 14.99 -33.26
C ASP D 474 28.35 14.50 -34.46
N ASN D 475 27.11 14.09 -34.21
CA ASN D 475 26.24 13.64 -35.29
C ASN D 475 25.48 14.81 -35.89
N GLY D 476 25.79 16.02 -35.43
CA GLY D 476 25.13 17.22 -35.91
C GLY D 476 23.65 17.20 -35.58
N ALA D 477 23.35 16.88 -34.33
CA ALA D 477 21.96 16.81 -33.86
C ALA D 477 21.28 18.18 -33.90
N PRO D 478 19.98 18.22 -34.25
CA PRO D 478 19.25 19.49 -34.31
C PRO D 478 19.11 20.09 -32.93
N ILE D 479 19.07 21.42 -32.87
CA ILE D 479 18.92 22.10 -31.59
C ILE D 479 17.45 22.02 -31.23
N ASN D 480 17.18 21.52 -30.04
CA ASN D 480 15.83 21.39 -29.53
C ASN D 480 15.38 22.80 -29.15
N GLN D 481 14.67 23.44 -30.07
CA GLN D 481 14.22 24.81 -29.86
C GLN D 481 13.32 25.06 -28.67
N ASP D 482 12.39 24.15 -28.39
CA ASP D 482 11.52 24.33 -27.22
C ASP D 482 12.33 24.28 -25.95
N LEU D 483 13.38 23.46 -25.92
CA LEU D 483 14.25 23.33 -24.76
C LEU D 483 14.92 24.68 -24.49
N ILE D 484 15.53 25.26 -25.52
CA ILE D 484 16.23 26.54 -25.37
C ILE D 484 15.26 27.64 -24.96
N SER D 485 14.08 27.62 -25.56
CA SER D 485 13.02 28.59 -25.28
C SER D 485 12.62 28.49 -23.80
N ASN D 486 12.37 27.28 -23.32
CA ASN D 486 11.96 27.08 -21.94
C ASN D 486 13.05 27.44 -20.96
N PHE D 487 14.31 27.31 -21.35
CA PHE D 487 15.42 27.66 -20.47
C PHE D 487 15.42 29.17 -20.32
N LEU D 488 15.26 29.86 -21.45
CA LEU D 488 15.28 31.31 -21.44
C LEU D 488 14.09 31.95 -20.70
N SER D 489 12.93 31.30 -20.75
CA SER D 489 11.70 31.79 -20.11
C SER D 489 11.40 31.13 -18.76
N ASP D 490 12.31 30.29 -18.29
CA ASP D 490 12.09 29.58 -17.03
C ASP D 490 11.96 30.51 -15.82
N PRO D 491 10.87 30.33 -15.03
CA PRO D 491 10.56 31.12 -13.84
C PRO D 491 11.59 31.06 -12.71
N VAL D 492 12.42 30.01 -12.70
CA VAL D 492 13.43 29.88 -11.66
C VAL D 492 14.45 31.04 -11.65
N HIS D 493 14.66 31.65 -12.80
CA HIS D 493 15.61 32.76 -12.93
C HIS D 493 15.24 33.98 -12.07
N GLU D 494 13.99 34.41 -12.12
CA GLU D 494 13.55 35.53 -11.29
C GLU D 494 13.62 35.13 -9.81
N ALA D 495 13.25 33.88 -9.49
CA ALA D 495 13.30 33.40 -8.10
C ALA D 495 14.74 33.43 -7.57
N ILE D 496 15.68 33.08 -8.42
CA ILE D 496 17.11 33.08 -8.05
C ILE D 496 17.52 34.53 -7.72
N GLY D 497 16.97 35.47 -8.48
CA GLY D 497 17.27 36.88 -8.24
C GLY D 497 16.74 37.31 -6.87
N VAL D 498 15.53 36.91 -6.54
CA VAL D 498 14.93 37.27 -5.24
C VAL D 498 15.83 36.76 -4.12
N CYS D 499 16.29 35.53 -4.21
CA CYS D 499 17.17 34.97 -3.18
C CYS D 499 18.51 35.69 -3.11
N ALA D 500 19.02 36.12 -4.27
CA ALA D 500 20.30 36.83 -4.38
C ALA D 500 20.34 38.16 -3.61
N GLN D 501 19.16 38.71 -3.31
CA GLN D 501 19.08 39.97 -2.57
C GLN D 501 19.29 39.77 -1.06
N LEU D 502 19.12 38.55 -0.57
CA LEU D 502 19.29 38.25 0.86
C LEU D 502 20.73 37.86 1.17
N ARG D 503 21.56 37.87 0.14
CA ARG D 503 22.95 37.51 0.24
C ARG D 503 23.81 38.67 0.73
N PRO D 504 24.69 38.43 1.74
CA PRO D 504 25.58 39.45 2.30
C PRO D 504 26.62 39.89 1.27
N SER D 505 27.21 41.05 1.49
CA SER D 505 28.21 41.56 0.57
C SER D 505 29.61 41.06 0.93
N VAL D 506 29.71 39.77 1.23
CA VAL D 506 30.97 39.15 1.60
C VAL D 506 31.04 37.89 0.74
N ASP D 507 32.11 37.75 -0.05
CA ASP D 507 32.31 36.57 -0.90
C ASP D 507 33.42 35.77 -0.20
N ILE D 508 33.29 34.45 -0.16
CA ILE D 508 34.28 33.62 0.52
C ILE D 508 35.72 33.74 0.00
N SER D 509 36.68 33.75 0.92
CA SER D 509 38.10 33.86 0.59
C SER D 509 38.80 32.55 0.96
N VAL D 510 39.21 31.79 -0.05
CA VAL D 510 39.88 30.50 0.16
C VAL D 510 41.13 30.38 -0.68
N THR D 511 42.26 30.06 -0.05
CA THR D 511 43.51 29.86 -0.80
C THR D 511 44.02 28.45 -0.54
N ALA D 512 44.97 28.00 -1.35
CA ALA D 512 45.54 26.67 -1.24
C ALA D 512 46.04 26.30 0.16
N ASP D 513 46.58 27.27 0.88
CA ASP D 513 47.09 27.01 2.24
C ASP D 513 46.08 27.29 3.35
N ALA D 514 44.79 27.28 3.01
CA ALA D 514 43.73 27.53 3.97
C ALA D 514 43.94 26.66 5.22
N ASP D 515 43.83 27.26 6.40
CA ASP D 515 44.01 26.51 7.64
C ASP D 515 42.72 26.13 8.35
N PHE D 516 41.58 26.39 7.69
CA PHE D 516 40.25 26.11 8.24
C PHE D 516 39.56 24.92 7.56
N VAL D 517 40.32 24.13 6.80
CA VAL D 517 39.78 22.95 6.11
C VAL D 517 40.11 21.72 6.96
N ARG D 518 39.62 20.55 6.55
CA ARG D 518 39.88 19.31 7.29
C ARG D 518 41.39 19.18 7.53
N PRO D 519 41.79 18.75 8.73
CA PRO D 519 43.20 18.58 9.08
C PRO D 519 44.06 17.89 8.01
N GLU D 520 43.57 16.77 7.50
CA GLU D 520 44.29 16.00 6.48
C GLU D 520 44.40 16.70 5.14
N LEU D 521 43.67 17.80 4.97
CA LEU D 521 43.69 18.55 3.73
C LEU D 521 44.50 19.84 3.85
N ARG D 522 44.90 20.19 5.07
CA ARG D 522 45.66 21.42 5.30
C ARG D 522 47.04 21.44 4.66
N GLN D 523 47.39 22.60 4.08
CA GLN D 523 48.68 22.90 3.44
C GLN D 523 48.84 22.84 1.94
N ALA D 524 49.45 23.91 1.41
CA ALA D 524 49.75 24.08 -0.03
C ALA D 524 50.31 25.46 -0.32
MG MG E . -22.60 -18.71 2.89
MG MG F . -23.60 -19.85 -0.72
CL CL G . -32.47 -38.73 4.17
PA NDP H . -24.25 -23.59 11.20
O1A NDP H . -23.76 -22.29 10.75
O2A NDP H . -25.69 -23.83 11.23
O5B NDP H . -23.47 -24.03 12.54
C5B NDP H . -24.15 -24.90 13.47
C4B NDP H . -23.22 -26.06 13.75
O4B NDP H . -22.03 -25.46 14.31
C3B NDP H . -23.78 -27.02 14.79
O3B NDP H . -23.29 -28.36 14.56
C2B NDP H . -23.18 -26.51 16.11
O2B NDP H . -22.94 -27.61 17.03
C1B NDP H . -21.82 -26.04 15.61
N9A NDP H . -21.05 -25.15 16.52
C8A NDP H . -21.39 -23.91 16.92
N7A NDP H . -20.51 -23.47 17.82
C5A NDP H . -19.58 -24.42 17.99
C6A NDP H . -18.37 -24.48 18.73
N6A NDP H . -18.01 -23.53 19.59
N1A NDP H . -17.61 -25.56 18.57
C2A NDP H . -18.00 -26.61 17.85
N3A NDP H . -19.13 -26.57 17.12
C4A NDP H . -19.93 -25.49 17.16
O3 NDP H . -23.73 -24.66 10.19
PN NDP H . -23.89 -24.92 8.62
O1N NDP H . -24.08 -26.33 8.39
O2N NDP H . -24.96 -24.03 8.09
O5D NDP H . -22.48 -24.45 8.02
C5D NDP H . -21.26 -25.17 8.10
C4D NDP H . -20.32 -24.64 7.02
O4D NDP H . -20.92 -24.86 5.72
C3D NDP H . -20.06 -23.14 7.14
O3D NDP H . -18.72 -22.93 6.72
C2D NDP H . -21.04 -22.54 6.15
O2D NDP H . -20.58 -21.28 5.70
C1D NDP H . -20.98 -23.59 5.03
N1N NDP H . -22.12 -23.67 4.11
C2N NDP H . -23.45 -23.58 4.57
C3N NDP H . -24.49 -23.61 3.65
C7N NDP H . -25.83 -24.12 4.11
O7N NDP H . -26.57 -24.65 3.32
N7N NDP H . -26.09 -24.00 5.40
C4N NDP H . -24.23 -23.64 2.26
C5N NDP H . -22.92 -23.87 1.83
C6N NDP H . -21.86 -23.84 2.73
P2B NDP H . -24.06 -28.33 17.70
O1X NDP H . -24.93 -27.46 18.31
O2X NDP H . -23.40 -29.08 18.73
O3X NDP H . -24.69 -29.18 16.76
C1 HIO I . -25.12 -20.23 3.46
O11 HIO I . -25.99 -20.81 4.09
O12 HIO I . -24.07 -19.65 4.09
C2 HIO I . -24.94 -20.06 1.93
O2 HIO I . -23.82 -19.75 1.52
N3 HIO I . -25.91 -20.18 1.00
O3 HIO I . -25.48 -20.79 -0.19
C4 HIO I . -27.34 -20.26 1.43
C41 HIO I . -28.24 -19.21 0.72
C42 HIO I . -27.78 -21.70 1.25
MG MG J . -21.30 11.98 14.84
MG MG K . -22.93 13.37 18.22
CL CL L . -27.74 31.99 11.49
C1 HIO M . -23.34 13.92 13.86
O11 HIO M . -23.97 14.63 13.06
O12 HIO M . -22.31 13.17 13.39
C2 HIO M . -23.64 13.65 15.33
O2 HIO M . -22.68 13.23 15.99
N3 HIO M . -24.79 14.08 16.00
O3 HIO M . -24.50 14.66 17.26
C4 HIO M . -26.03 14.40 15.26
C41 HIO M . -27.20 13.47 15.61
C42 HIO M . -26.33 15.87 15.30
MG MG N . 19.99 -13.88 -14.59
MG MG O . 24.25 -15.11 -14.99
CL CL P . 18.48 -23.03 -35.25
PA NDP Q . 14.63 -9.48 -21.03
O1A NDP Q . 15.19 -9.11 -19.72
O2A NDP Q . 15.31 -9.07 -22.25
O5B NDP Q . 13.04 -9.24 -21.06
C5B NDP Q . 12.31 -9.00 -22.27
C4B NDP Q . 11.06 -9.87 -22.28
O4B NDP Q . 10.21 -9.49 -21.19
C3B NDP Q . 10.30 -9.57 -23.55
O3B NDP Q . 9.70 -10.78 -23.97
C2B NDP Q . 9.23 -8.56 -23.17
O2B NDP Q . 8.02 -8.69 -23.96
C1B NDP Q . 8.97 -9.08 -21.76
N9A NDP Q . 8.31 -8.05 -20.90
C8A NDP Q . 8.75 -6.80 -20.67
N7A NDP Q . 7.83 -6.18 -19.91
C5A NDP Q . 6.82 -7.00 -19.69
C6A NDP Q . 5.61 -6.90 -19.01
N6A NDP Q . 5.36 -5.81 -18.28
N1A NDP Q . 4.75 -7.92 -19.05
C2A NDP Q . 5.01 -9.02 -19.76
N3A NDP Q . 6.17 -9.18 -20.37
C4A NDP Q . 7.10 -8.20 -20.35
O3 NDP Q . 14.61 -11.09 -20.99
PN NDP Q . 15.75 -12.17 -20.78
O1N NDP Q . 15.47 -13.27 -21.76
O2N NDP Q . 17.14 -11.59 -20.90
O5D NDP Q . 15.62 -12.72 -19.27
C5D NDP Q . 14.52 -13.53 -18.85
C4D NDP Q . 14.88 -14.23 -17.53
O4D NDP Q . 16.05 -15.08 -17.71
C3D NDP Q . 15.28 -13.23 -16.44
O3D NDP Q . 14.78 -13.82 -15.23
C2D NDP Q . 16.83 -13.21 -16.52
O2D NDP Q . 17.50 -12.83 -15.28
C1D NDP Q . 17.09 -14.67 -16.83
N1N NDP Q . 18.40 -14.93 -17.46
C2N NDP Q . 18.78 -14.15 -18.57
C3N NDP Q . 20.06 -14.34 -19.12
C7N NDP Q . 20.29 -13.94 -20.59
O7N NDP Q . 21.13 -14.57 -21.26
N7N NDP Q . 19.50 -13.01 -21.13
C4N NDP Q . 20.94 -15.26 -18.51
C5N NDP Q . 20.49 -16.18 -17.55
C6N NDP Q . 19.20 -16.01 -17.01
P2B NDP Q . 7.92 -8.30 -25.41
O1X NDP Q . 8.47 -7.03 -25.62
O2X NDP Q . 6.50 -8.21 -25.66
O3X NDP Q . 8.55 -9.27 -26.22
PA NDP R . 32.02 12.96 8.90
O1A NDP R . 31.10 12.36 7.91
O2A NDP R . 33.28 13.58 8.41
O5B NDP R . 32.17 12.03 10.18
C5B NDP R . 33.43 12.13 10.86
C4B NDP R . 33.21 12.28 12.35
O4B NDP R . 32.36 11.23 12.83
C3B NDP R . 34.50 12.22 13.15
O3B NDP R . 34.33 13.09 14.26
C2B NDP R . 34.55 10.78 13.66
O2B NDP R . 35.18 10.59 14.94
C1B NDP R . 33.06 10.53 13.87
N9A NDP R . 32.68 9.10 13.93
C8A NDP R . 32.79 8.22 12.93
N7A NDP R . 32.46 7.00 13.38
C5A NDP R . 32.10 7.11 14.65
C6A NDP R . 31.64 6.18 15.61
N6A NDP R . 31.42 4.86 15.37
N1A NDP R . 31.38 6.68 16.83
C2A NDP R . 31.52 7.96 17.15
N3A NDP R . 31.93 8.82 16.25
C4A NDP R . 32.25 8.43 15.00
O3 NDP R . 31.25 14.19 9.59
PN NDP R . 30.64 15.56 9.00
O1N NDP R . 31.13 16.68 9.85
O2N NDP R . 30.89 15.70 7.55
O5D NDP R . 29.04 15.36 9.18
C5D NDP R . 28.31 15.53 10.43
C4D NDP R . 26.82 15.69 10.08
O4D NDP R . 26.64 16.92 9.34
C3D NDP R . 26.30 14.56 9.15
O3D NDP R . 24.97 14.16 9.52
C2D NDP R . 26.32 15.22 7.78
O2D NDP R . 25.37 14.61 6.88
C1D NDP R . 25.93 16.65 8.13
N1N NDP R . 26.40 17.67 7.18
C2N NDP R . 27.72 17.67 6.67
C3N NDP R . 28.10 18.62 5.74
C7N NDP R . 29.60 19.01 5.57
O7N NDP R . 29.90 20.14 5.19
N7N NDP R . 30.53 18.13 5.89
C4N NDP R . 27.13 19.54 5.28
C5N NDP R . 25.85 19.60 5.87
C6N NDP R . 25.47 18.65 6.80
P2B NDP R . 36.64 10.77 15.12
O1X NDP R . 37.42 10.16 14.13
O2X NDP R . 37.04 10.11 16.33
O3X NDP R . 36.91 12.16 15.22
C1 HIO S . 22.12 -12.02 -17.25
O11 HIO S . 21.97 -11.72 -18.43
O12 HIO S . 21.19 -11.66 -16.40
C2 HIO S . 23.10 -12.98 -16.61
O2 HIO S . 22.73 -13.47 -15.55
N3 HIO S . 24.23 -13.47 -17.30
O3 HIO S . 24.43 -14.86 -17.10
C4 HIO S . 24.72 -12.75 -18.51
C41 HIO S . 26.09 -12.12 -18.43
C42 HIO S . 24.58 -13.49 -19.81
MG MG T . 24.77 15.75 2.85
MG MG U . 23.95 19.37 1.59
PA NDP V . -20.18 17.15 6.46
O1A NDP V . -20.10 15.72 6.86
O2A NDP V . -21.49 17.70 6.10
O5B NDP V . -19.02 17.43 5.38
C5B NDP V . -19.19 18.33 4.28
C4B NDP V . -18.01 19.31 4.24
O4B NDP V . -16.83 18.53 3.92
C3B NDP V . -18.20 20.34 3.12
O3B NDP V . -17.67 21.63 3.50
C2B NDP V . -17.43 19.75 1.96
O2B NDP V . -16.87 20.75 1.07
C1B NDP V . -16.28 19.10 2.72
N9A NDP V . -15.54 18.04 2.01
C8A NDP V . -16.06 16.91 1.51
N7A NDP V . -15.11 16.21 0.88
C5A NDP V . -13.98 16.89 0.94
C6A NDP V . -12.68 16.60 0.46
N6A NDP V . -12.42 15.49 -0.25
N1A NDP V . -11.75 17.55 0.78
C2A NDP V . -12.03 18.71 1.41
N3A NDP V . -13.24 18.95 1.89
C4A NDP V . -14.25 18.06 1.66
O3 NDP V . -19.64 18.00 7.67
PN NDP V . -20.16 18.22 9.18
O1N NDP V . -20.25 19.68 9.42
O2N NDP V . -21.44 17.48 9.37
O5D NDP V . -19.07 17.58 10.16
C5D NDP V . -17.76 18.15 10.40
C4D NDP V . -17.11 17.46 11.59
O4D NDP V . -17.98 17.75 12.70
C3D NDP V . -17.12 15.93 11.46
O3D NDP V . -15.95 15.41 12.09
C2D NDP V . -18.40 15.50 12.20
O2D NDP V . -18.39 14.15 12.69
C1D NDP V . -18.38 16.53 13.33
N1N NDP V . -19.70 16.77 13.99
C2N NDP V . -20.85 16.98 13.22
C3N NDP V . -22.08 17.23 13.83
C7N NDP V . -23.18 17.91 13.03
O7N NDP V . -24.06 18.49 13.62
N7N NDP V . -23.13 17.92 11.69
C4N NDP V . -22.14 17.19 15.25
C5N NDP V . -20.98 17.05 16.03
C6N NDP V . -19.77 16.82 15.40
P2B NDP V . -17.64 21.63 0.15
O1X NDP V . -18.53 20.95 -0.65
O2X NDP V . -16.73 22.26 -0.71
O3X NDP V . -18.25 22.63 0.94
C1 HIO W . 27.42 16.95 2.69
O11 HIO W . 28.63 17.10 2.80
O12 HIO W . 26.87 15.86 3.32
C2 HIO W . 26.42 17.99 2.17
O2 HIO W . 25.19 17.78 2.41
N3 HIO W . 26.82 19.04 1.34
O3 HIO W . 26.07 20.21 1.55
C4 HIO W . 28.18 19.19 0.72
C41 HIO W . 28.25 19.29 -0.84
C42 HIO W . 28.77 20.43 1.34
#